data_9I7H
# 
_entry.id   9I7H 
# 
_audit_conform.dict_name       mmcif_pdbx.dic 
_audit_conform.dict_version    5.404 
_audit_conform.dict_location   http://mmcif.pdb.org/dictionaries/ascii/mmcif_pdbx.dic 
# 
loop_
_database_2.database_id 
_database_2.database_code 
_database_2.pdbx_database_accession 
_database_2.pdbx_DOI 
PDB   9I7H         pdb_00009i7h 10.2210/pdb9i7h/pdb 
WWPDB D_1292144627 ?            ?                   
# 
_pdbx_audit_revision_history.ordinal             1 
_pdbx_audit_revision_history.data_content_type   'Structure model' 
_pdbx_audit_revision_history.major_revision      1 
_pdbx_audit_revision_history.minor_revision      0 
_pdbx_audit_revision_history.revision_date       2025-08-13 
_pdbx_audit_revision_history.part_number         ? 
# 
_pdbx_audit_revision_details.ordinal             1 
_pdbx_audit_revision_details.revision_ordinal    1 
_pdbx_audit_revision_details.data_content_type   'Structure model' 
_pdbx_audit_revision_details.provider            repository 
_pdbx_audit_revision_details.type                'Initial release' 
_pdbx_audit_revision_details.description         ? 
_pdbx_audit_revision_details.details             ? 
# 
_pdbx_database_status.status_code                     REL 
_pdbx_database_status.status_code_sf                  REL 
_pdbx_database_status.status_code_mr                  ? 
_pdbx_database_status.entry_id                        9I7H 
_pdbx_database_status.recvd_initial_deposition_date   2025-01-31 
_pdbx_database_status.SG_entry                        N 
_pdbx_database_status.deposit_site                    PDBE 
_pdbx_database_status.process_site                    PDBE 
_pdbx_database_status.status_code_cs                  ? 
_pdbx_database_status.status_code_nmr_data            ? 
_pdbx_database_status.methods_development_category    ? 
_pdbx_database_status.pdb_format_compatible           Y 
# 
_pdbx_contact_author.id                 2 
_pdbx_contact_author.email              sergei.strelkov@kuleuven.be 
_pdbx_contact_author.name_first         Sergei 
_pdbx_contact_author.name_last          Strelkov 
_pdbx_contact_author.name_mi            V. 
_pdbx_contact_author.role               'principal investigator/group leader' 
_pdbx_contact_author.identifier_ORCID   0000-0001-7189-4652 
# 
loop_
_audit_author.name 
_audit_author.pdbx_ordinal 
_audit_author.identifier_ORCID 
'Vantieghem, T.' 1 0000-0002-1452-9584 
'Osipov, E.M.'   2 0000-0003-3101-2867 
'Strelkov, S.V.' 3 0000-0001-7189-4652 
# 
_citation.abstract                  ? 
_citation.abstract_id_CAS           ? 
_citation.book_id_ISBN              ? 
_citation.book_publisher            ? 
_citation.book_publisher_city       ? 
_citation.book_title                ? 
_citation.coordinate_linkage        ? 
_citation.country                   US 
_citation.database_id_Medline       ? 
_citation.details                   ? 
_citation.id                        primary 
_citation.journal_abbrev            'Acta Crystallogr.,Sect.F' 
_citation.journal_id_ASTM           ACSFEN 
_citation.journal_id_CSD            ? 
_citation.journal_id_ISSN           2053-230X 
_citation.journal_full              ? 
_citation.journal_issue             ? 
_citation.journal_volume            81 
_citation.language                  ? 
_citation.page_first                358 
_citation.page_last                 364 
_citation.title                     
;Crystal engineering of the hepatoma-derived growth factor-related protein 2 PWWP domain towards crystallographic fragment screening.
;
_citation.year                      2025 
_citation.database_id_CSD           ? 
_citation.pdbx_database_id_DOI      10.1107/S2053230X25006302 
_citation.pdbx_database_id_PubMed   40709919 
_citation.pdbx_database_id_patent   ? 
_citation.unpublished_flag          ? 
# 
loop_
_citation_author.citation_id 
_citation_author.name 
_citation_author.ordinal 
_citation_author.identifier_ORCID 
primary 'Vantieghem, T.' 1 0000-0002-1452-9584 
primary 'Osipov, E.M.'   2 0000-0003-3101-2867 
primary 'Beelen, S.'     3 0009-0004-9687-0891 
primary 'Strelkov, S.V.' 4 0000-0001-7189-4652 
# 
loop_
_entity.id 
_entity.type 
_entity.src_method 
_entity.pdbx_description 
_entity.formula_weight 
_entity.pdbx_number_of_molecules 
_entity.pdbx_ec 
_entity.pdbx_mutation 
_entity.pdbx_fragment 
_entity.details 
1 polymer     man 'Hepatoma-derived growth factor-related protein 2' 10698.171 2  ? C64S ? ? 
2 non-polymer nat '(4S)-2-METHYL-2,4-PENTANEDIOL'                    118.174   2  ? ?    ? ? 
3 water       nat water                                              18.015    83 ? ?    ? ? 
# 
_entity_name_com.entity_id   1 
_entity_name_com.name        'HDGF-related protein 2,HRP-2,Hepatoma-derived growth factor 2,HDGF-2' 
# 
_entity_poly.entity_id                      1 
_entity_poly.type                           'polypeptide(L)' 
_entity_poly.nstd_linkage                   no 
_entity_poly.nstd_monomer                   no 
_entity_poly.pdbx_seq_one_letter_code       
;GMPHAFKPGDLVFAKMKGYPHWPARIDDIADGAVKPPPNKYPIFFFGTHETAFLGPKDLFPYDKSKDKYGKPNKRKGFNE
GLWEIQNNPHASYS
;
_entity_poly.pdbx_seq_one_letter_code_can   
;GMPHAFKPGDLVFAKMKGYPHWPARIDDIADGAVKPPPNKYPIFFFGTHETAFLGPKDLFPYDKSKDKYGKPNKRKGFNE
GLWEIQNNPHASYS
;
_entity_poly.pdbx_strand_id                 A,B 
_entity_poly.pdbx_target_identifier         ? 
# 
loop_
_pdbx_entity_nonpoly.entity_id 
_pdbx_entity_nonpoly.name 
_pdbx_entity_nonpoly.comp_id 
2 '(4S)-2-METHYL-2,4-PENTANEDIOL' MPD 
3 water                           HOH 
# 
loop_
_entity_poly_seq.entity_id 
_entity_poly_seq.num 
_entity_poly_seq.mon_id 
_entity_poly_seq.hetero 
1 1  GLY n 
1 2  MET n 
1 3  PRO n 
1 4  HIS n 
1 5  ALA n 
1 6  PHE n 
1 7  LYS n 
1 8  PRO n 
1 9  GLY n 
1 10 ASP n 
1 11 LEU n 
1 12 VAL n 
1 13 PHE n 
1 14 ALA n 
1 15 LYS n 
1 16 MET n 
1 17 LYS n 
1 18 GLY n 
1 19 TYR n 
1 20 PRO n 
1 21 HIS n 
1 22 TRP n 
1 23 PRO n 
1 24 ALA n 
1 25 ARG n 
1 26 ILE n 
1 27 ASP n 
1 28 ASP n 
1 29 ILE n 
1 30 ALA n 
1 31 ASP n 
1 32 GLY n 
1 33 ALA n 
1 34 VAL n 
1 35 LYS n 
1 36 PRO n 
1 37 PRO n 
1 38 PRO n 
1 39 ASN n 
1 40 LYS n 
1 41 TYR n 
1 42 PRO n 
1 43 ILE n 
1 44 PHE n 
1 45 PHE n 
1 46 PHE n 
1 47 GLY n 
1 48 THR n 
1 49 HIS n 
1 50 GLU n 
1 51 THR n 
1 52 ALA n 
1 53 PHE n 
1 54 LEU n 
1 55 GLY n 
1 56 PRO n 
1 57 LYS n 
1 58 ASP n 
1 59 LEU n 
1 60 PHE n 
1 61 PRO n 
1 62 TYR n 
1 63 ASP n 
1 64 LYS n 
1 65 SER n 
1 66 LYS n 
1 67 ASP n 
1 68 LYS n 
1 69 TYR n 
1 70 GLY n 
1 71 LYS n 
1 72 PRO n 
1 73 ASN n 
1 74 LYS n 
1 75 ARG n 
1 76 LYS n 
1 77 GLY n 
1 78 PHE n 
1 79 ASN n 
1 80 GLU n 
1 81 GLY n 
1 82 LEU n 
1 83 TRP n 
1 84 GLU n 
1 85 ILE n 
1 86 GLN n 
1 87 ASN n 
1 88 ASN n 
1 89 PRO n 
1 90 HIS n 
1 91 ALA n 
1 92 SER n 
1 93 TYR n 
1 94 SER n 
# 
_entity_src_gen.entity_id                          1 
_entity_src_gen.pdbx_src_id                        1 
_entity_src_gen.pdbx_alt_source_flag               sample 
_entity_src_gen.pdbx_seq_type                      'Biological sequence' 
_entity_src_gen.pdbx_beg_seq_num                   1 
_entity_src_gen.pdbx_end_seq_num                   94 
_entity_src_gen.gene_src_common_name               human 
_entity_src_gen.gene_src_genus                     ? 
_entity_src_gen.pdbx_gene_src_gene                 'HDGFL2, HDGF2, HDGFRP2, HRP2, UNQ785/PRO1604' 
_entity_src_gen.gene_src_species                   ? 
_entity_src_gen.gene_src_strain                    ? 
_entity_src_gen.gene_src_tissue                    ? 
_entity_src_gen.gene_src_tissue_fraction           ? 
_entity_src_gen.gene_src_details                   ? 
_entity_src_gen.pdbx_gene_src_fragment             ? 
_entity_src_gen.pdbx_gene_src_scientific_name      'Homo sapiens' 
_entity_src_gen.pdbx_gene_src_ncbi_taxonomy_id     9606 
_entity_src_gen.pdbx_gene_src_variant              ? 
_entity_src_gen.pdbx_gene_src_cell_line            ? 
_entity_src_gen.pdbx_gene_src_atcc                 ? 
_entity_src_gen.pdbx_gene_src_organ                ? 
_entity_src_gen.pdbx_gene_src_organelle            ? 
_entity_src_gen.pdbx_gene_src_cell                 ? 
_entity_src_gen.pdbx_gene_src_cellular_location    ? 
_entity_src_gen.host_org_common_name               ? 
_entity_src_gen.pdbx_host_org_scientific_name      'Escherichia coli' 
_entity_src_gen.pdbx_host_org_ncbi_taxonomy_id     562 
_entity_src_gen.host_org_genus                     ? 
_entity_src_gen.pdbx_host_org_gene                 ? 
_entity_src_gen.pdbx_host_org_organ                ? 
_entity_src_gen.host_org_species                   ? 
_entity_src_gen.pdbx_host_org_tissue               ? 
_entity_src_gen.pdbx_host_org_tissue_fraction      ? 
_entity_src_gen.pdbx_host_org_strain               ? 
_entity_src_gen.pdbx_host_org_variant              ? 
_entity_src_gen.pdbx_host_org_cell_line            ? 
_entity_src_gen.pdbx_host_org_atcc                 ? 
_entity_src_gen.pdbx_host_org_culture_collection   ? 
_entity_src_gen.pdbx_host_org_cell                 ? 
_entity_src_gen.pdbx_host_org_organelle            ? 
_entity_src_gen.pdbx_host_org_cellular_location    ? 
_entity_src_gen.pdbx_host_org_vector_type          ? 
_entity_src_gen.pdbx_host_org_vector               ? 
_entity_src_gen.host_org_details                   ? 
_entity_src_gen.expression_system_id               ? 
_entity_src_gen.plasmid_name                       ? 
_entity_src_gen.plasmid_details                    ? 
_entity_src_gen.pdbx_description                   ? 
# 
loop_
_chem_comp.id 
_chem_comp.type 
_chem_comp.mon_nstd_flag 
_chem_comp.name 
_chem_comp.pdbx_synonyms 
_chem_comp.formula 
_chem_comp.formula_weight 
ALA 'L-peptide linking' y ALANINE                         ? 'C3 H7 N O2'     89.093  
ARG 'L-peptide linking' y ARGININE                        ? 'C6 H15 N4 O2 1' 175.209 
ASN 'L-peptide linking' y ASPARAGINE                      ? 'C4 H8 N2 O3'    132.118 
ASP 'L-peptide linking' y 'ASPARTIC ACID'                 ? 'C4 H7 N O4'     133.103 
CYS 'L-peptide linking' y CYSTEINE                        ? 'C3 H7 N O2 S'   121.158 
GLN 'L-peptide linking' y GLUTAMINE                       ? 'C5 H10 N2 O3'   146.144 
GLU 'L-peptide linking' y 'GLUTAMIC ACID'                 ? 'C5 H9 N O4'     147.129 
GLY 'peptide linking'   y GLYCINE                         ? 'C2 H5 N O2'     75.067  
HIS 'L-peptide linking' y HISTIDINE                       ? 'C6 H10 N3 O2 1' 156.162 
HOH non-polymer         . WATER                           ? 'H2 O'           18.015  
ILE 'L-peptide linking' y ISOLEUCINE                      ? 'C6 H13 N O2'    131.173 
LEU 'L-peptide linking' y LEUCINE                         ? 'C6 H13 N O2'    131.173 
LYS 'L-peptide linking' y LYSINE                          ? 'C6 H15 N2 O2 1' 147.195 
MET 'L-peptide linking' y METHIONINE                      ? 'C5 H11 N O2 S'  149.211 
MPD non-polymer         . '(4S)-2-METHYL-2,4-PENTANEDIOL' ? 'C6 H14 O2'      118.174 
PHE 'L-peptide linking' y PHENYLALANINE                   ? 'C9 H11 N O2'    165.189 
PRO 'L-peptide linking' y PROLINE                         ? 'C5 H9 N O2'     115.130 
SER 'L-peptide linking' y SERINE                          ? 'C3 H7 N O3'     105.093 
THR 'L-peptide linking' y THREONINE                       ? 'C4 H9 N O3'     119.119 
TRP 'L-peptide linking' y TRYPTOPHAN                      ? 'C11 H12 N2 O2'  204.225 
TYR 'L-peptide linking' y TYROSINE                        ? 'C9 H11 N O3'    181.189 
VAL 'L-peptide linking' y VALINE                          ? 'C5 H11 N O2'    117.146 
# 
loop_
_pdbx_poly_seq_scheme.asym_id 
_pdbx_poly_seq_scheme.entity_id 
_pdbx_poly_seq_scheme.seq_id 
_pdbx_poly_seq_scheme.mon_id 
_pdbx_poly_seq_scheme.ndb_seq_num 
_pdbx_poly_seq_scheme.pdb_seq_num 
_pdbx_poly_seq_scheme.auth_seq_num 
_pdbx_poly_seq_scheme.pdb_mon_id 
_pdbx_poly_seq_scheme.auth_mon_id 
_pdbx_poly_seq_scheme.pdb_strand_id 
_pdbx_poly_seq_scheme.pdb_ins_code 
_pdbx_poly_seq_scheme.hetero 
A 1 1  GLY 1  0  ?  ?   ?   A . n 
A 1 2  MET 2  1  ?  ?   ?   A . n 
A 1 3  PRO 3  2  ?  ?   ?   A . n 
A 1 4  HIS 4  3  3  HIS HIS A . n 
A 1 5  ALA 5  4  4  ALA ALA A . n 
A 1 6  PHE 6  5  5  PHE PHE A . n 
A 1 7  LYS 7  6  6  LYS LYS A . n 
A 1 8  PRO 8  7  7  PRO PRO A . n 
A 1 9  GLY 9  8  8  GLY GLY A . n 
A 1 10 ASP 10 9  9  ASP ASP A . n 
A 1 11 LEU 11 10 10 LEU LEU A . n 
A 1 12 VAL 12 11 11 VAL VAL A . n 
A 1 13 PHE 13 12 12 PHE PHE A . n 
A 1 14 ALA 14 13 13 ALA ALA A . n 
A 1 15 LYS 15 14 14 LYS LYS A . n 
A 1 16 MET 16 15 15 MET MET A . n 
A 1 17 LYS 17 16 16 LYS LYS A . n 
A 1 18 GLY 18 17 17 GLY GLY A . n 
A 1 19 TYR 19 18 18 TYR TYR A . n 
A 1 20 PRO 20 19 19 PRO PRO A . n 
A 1 21 HIS 21 20 20 HIS HIS A . n 
A 1 22 TRP 22 21 21 TRP TRP A . n 
A 1 23 PRO 23 22 22 PRO PRO A . n 
A 1 24 ALA 24 23 23 ALA ALA A . n 
A 1 25 ARG 25 24 24 ARG ARG A . n 
A 1 26 ILE 26 25 25 ILE ILE A . n 
A 1 27 ASP 27 26 26 ASP ASP A . n 
A 1 28 ASP 28 27 27 ASP ASP A . n 
A 1 29 ILE 29 28 28 ILE ILE A . n 
A 1 30 ALA 30 29 29 ALA ALA A . n 
A 1 31 ASP 31 30 30 ASP ASP A . n 
A 1 32 GLY 32 31 31 GLY GLY A . n 
A 1 33 ALA 33 32 32 ALA ALA A . n 
A 1 34 VAL 34 33 33 VAL VAL A . n 
A 1 35 LYS 35 34 34 LYS LYS A . n 
A 1 36 PRO 36 35 35 PRO PRO A . n 
A 1 37 PRO 37 36 36 PRO PRO A . n 
A 1 38 PRO 38 37 37 PRO PRO A . n 
A 1 39 ASN 39 38 38 ASN ASN A . n 
A 1 40 LYS 40 39 39 LYS LYS A . n 
A 1 41 TYR 41 40 40 TYR TYR A . n 
A 1 42 PRO 42 41 41 PRO PRO A . n 
A 1 43 ILE 43 42 42 ILE ILE A . n 
A 1 44 PHE 44 43 43 PHE PHE A . n 
A 1 45 PHE 45 44 44 PHE PHE A . n 
A 1 46 PHE 46 45 45 PHE PHE A . n 
A 1 47 GLY 47 46 46 GLY GLY A . n 
A 1 48 THR 48 47 47 THR THR A . n 
A 1 49 HIS 49 48 48 HIS HIS A . n 
A 1 50 GLU 50 49 49 GLU GLU A . n 
A 1 51 THR 51 50 50 THR THR A . n 
A 1 52 ALA 52 51 51 ALA ALA A . n 
A 1 53 PHE 53 52 52 PHE PHE A . n 
A 1 54 LEU 54 53 53 LEU LEU A . n 
A 1 55 GLY 55 54 54 GLY GLY A . n 
A 1 56 PRO 56 55 55 PRO PRO A . n 
A 1 57 LYS 57 56 56 LYS LYS A . n 
A 1 58 ASP 58 57 57 ASP ASP A . n 
A 1 59 LEU 59 58 58 LEU LEU A . n 
A 1 60 PHE 60 59 59 PHE PHE A . n 
A 1 61 PRO 61 60 60 PRO PRO A . n 
A 1 62 TYR 62 61 61 TYR TYR A . n 
A 1 63 ASP 63 62 62 ASP ASP A . n 
A 1 64 LYS 64 63 63 LYS LYS A . n 
A 1 65 SER 65 64 64 SER SER A . n 
A 1 66 LYS 66 65 65 LYS LYS A . n 
A 1 67 ASP 67 66 66 ASP ASP A . n 
A 1 68 LYS 68 67 67 LYS LYS A . n 
A 1 69 TYR 69 68 68 TYR TYR A . n 
A 1 70 GLY 70 69 69 GLY GLY A . n 
A 1 71 LYS 71 70 70 LYS LYS A . n 
A 1 72 PRO 72 71 71 PRO PRO A . n 
A 1 73 ASN 73 72 72 ASN ASN A . n 
A 1 74 LYS 74 73 73 LYS LYS A . n 
A 1 75 ARG 75 74 74 ARG ARG A . n 
A 1 76 LYS 76 75 75 LYS LYS A . n 
A 1 77 GLY 77 76 76 GLY GLY A . n 
A 1 78 PHE 78 77 77 PHE PHE A . n 
A 1 79 ASN 79 78 78 ASN ASN A . n 
A 1 80 GLU 80 79 79 GLU GLU A . n 
A 1 81 GLY 81 80 80 GLY GLY A . n 
A 1 82 LEU 82 81 81 LEU LEU A . n 
A 1 83 TRP 83 82 82 TRP TRP A . n 
A 1 84 GLU 84 83 83 GLU GLU A . n 
A 1 85 ILE 85 84 84 ILE ILE A . n 
A 1 86 GLN 86 85 85 GLN GLN A . n 
A 1 87 ASN 87 86 86 ASN ASN A . n 
A 1 88 ASN 88 87 87 ASN ASN A . n 
A 1 89 PRO 89 88 88 PRO PRO A . n 
A 1 90 HIS 90 89 89 HIS HIS A . n 
A 1 91 ALA 91 90 90 ALA ALA A . n 
A 1 92 SER 92 91 91 SER SER A . n 
A 1 93 TYR 93 92 92 TYR TYR A . n 
A 1 94 SER 94 93 ?  ?   ?   A . n 
B 1 1  GLY 1  0  ?  ?   ?   B . n 
B 1 2  MET 2  1  ?  ?   ?   B . n 
B 1 3  PRO 3  2  ?  ?   ?   B . n 
B 1 4  HIS 4  3  3  HIS HIS B . n 
B 1 5  ALA 5  4  4  ALA ALA B . n 
B 1 6  PHE 6  5  5  PHE PHE B . n 
B 1 7  LYS 7  6  6  LYS LYS B . n 
B 1 8  PRO 8  7  7  PRO PRO B . n 
B 1 9  GLY 9  8  8  GLY GLY B . n 
B 1 10 ASP 10 9  9  ASP ASP B . n 
B 1 11 LEU 11 10 10 LEU LEU B . n 
B 1 12 VAL 12 11 11 VAL VAL B . n 
B 1 13 PHE 13 12 12 PHE PHE B . n 
B 1 14 ALA 14 13 13 ALA ALA B . n 
B 1 15 LYS 15 14 14 LYS LYS B . n 
B 1 16 MET 16 15 15 MET MET B . n 
B 1 17 LYS 17 16 16 LYS LYS B . n 
B 1 18 GLY 18 17 17 GLY GLY B . n 
B 1 19 TYR 19 18 18 TYR TYR B . n 
B 1 20 PRO 20 19 19 PRO PRO B . n 
B 1 21 HIS 21 20 20 HIS HIS B . n 
B 1 22 TRP 22 21 21 TRP TRP B . n 
B 1 23 PRO 23 22 22 PRO PRO B . n 
B 1 24 ALA 24 23 23 ALA ALA B . n 
B 1 25 ARG 25 24 24 ARG ARG B . n 
B 1 26 ILE 26 25 25 ILE ILE B . n 
B 1 27 ASP 27 26 26 ASP ASP B . n 
B 1 28 ASP 28 27 27 ASP ASP B . n 
B 1 29 ILE 29 28 28 ILE ILE B . n 
B 1 30 ALA 30 29 29 ALA ALA B . n 
B 1 31 ASP 31 30 30 ASP ASP B . n 
B 1 32 GLY 32 31 31 GLY GLY B . n 
B 1 33 ALA 33 32 32 ALA ALA B . n 
B 1 34 VAL 34 33 33 VAL VAL B . n 
B 1 35 LYS 35 34 34 LYS LYS B . n 
B 1 36 PRO 36 35 35 PRO PRO B . n 
B 1 37 PRO 37 36 36 PRO PRO B . n 
B 1 38 PRO 38 37 37 PRO PRO B . n 
B 1 39 ASN 39 38 38 ASN ASN B . n 
B 1 40 LYS 40 39 39 LYS LYS B . n 
B 1 41 TYR 41 40 40 TYR TYR B . n 
B 1 42 PRO 42 41 41 PRO PRO B . n 
B 1 43 ILE 43 42 42 ILE ILE B . n 
B 1 44 PHE 44 43 43 PHE PHE B . n 
B 1 45 PHE 45 44 44 PHE PHE B . n 
B 1 46 PHE 46 45 45 PHE PHE B . n 
B 1 47 GLY 47 46 46 GLY GLY B . n 
B 1 48 THR 48 47 47 THR THR B . n 
B 1 49 HIS 49 48 48 HIS HIS B . n 
B 1 50 GLU 50 49 49 GLU GLU B . n 
B 1 51 THR 51 50 50 THR THR B . n 
B 1 52 ALA 52 51 51 ALA ALA B . n 
B 1 53 PHE 53 52 52 PHE PHE B . n 
B 1 54 LEU 54 53 53 LEU LEU B . n 
B 1 55 GLY 55 54 54 GLY GLY B . n 
B 1 56 PRO 56 55 55 PRO PRO B . n 
B 1 57 LYS 57 56 56 LYS LYS B . n 
B 1 58 ASP 58 57 57 ASP ASP B . n 
B 1 59 LEU 59 58 58 LEU LEU B . n 
B 1 60 PHE 60 59 59 PHE PHE B . n 
B 1 61 PRO 61 60 60 PRO PRO B . n 
B 1 62 TYR 62 61 61 TYR TYR B . n 
B 1 63 ASP 63 62 62 ASP ASP B . n 
B 1 64 LYS 64 63 63 LYS LYS B . n 
B 1 65 SER 65 64 64 SER SER B . n 
B 1 66 LYS 66 65 65 LYS LYS B . n 
B 1 67 ASP 67 66 66 ASP ASP B . n 
B 1 68 LYS 68 67 67 LYS LYS B . n 
B 1 69 TYR 69 68 68 TYR TYR B . n 
B 1 70 GLY 70 69 69 GLY GLY B . n 
B 1 71 LYS 71 70 70 LYS LYS B . n 
B 1 72 PRO 72 71 71 PRO PRO B . n 
B 1 73 ASN 73 72 72 ASN ASN B . n 
B 1 74 LYS 74 73 73 LYS LYS B . n 
B 1 75 ARG 75 74 74 ARG ARG B . n 
B 1 76 LYS 76 75 75 LYS LYS B . n 
B 1 77 GLY 77 76 76 GLY GLY B . n 
B 1 78 PHE 78 77 77 PHE PHE B . n 
B 1 79 ASN 79 78 78 ASN ASN B . n 
B 1 80 GLU 80 79 79 GLU GLU B . n 
B 1 81 GLY 81 80 80 GLY GLY B . n 
B 1 82 LEU 82 81 81 LEU LEU B . n 
B 1 83 TRP 83 82 82 TRP TRP B . n 
B 1 84 GLU 84 83 83 GLU GLU B . n 
B 1 85 ILE 85 84 84 ILE ILE B . n 
B 1 86 GLN 86 85 85 GLN GLN B . n 
B 1 87 ASN 87 86 86 ASN ASN B . n 
B 1 88 ASN 88 87 87 ASN ASN B . n 
B 1 89 PRO 89 88 88 PRO PRO B . n 
B 1 90 HIS 90 89 89 HIS HIS B . n 
B 1 91 ALA 91 90 90 ALA ALA B . n 
B 1 92 SER 92 91 91 SER SER B . n 
B 1 93 TYR 93 92 92 TYR TYR B . n 
B 1 94 SER 94 93 ?  ?   ?   B . n 
# 
loop_
_pdbx_nonpoly_scheme.asym_id 
_pdbx_nonpoly_scheme.entity_id 
_pdbx_nonpoly_scheme.mon_id 
_pdbx_nonpoly_scheme.ndb_seq_num 
_pdbx_nonpoly_scheme.pdb_seq_num 
_pdbx_nonpoly_scheme.auth_seq_num 
_pdbx_nonpoly_scheme.pdb_mon_id 
_pdbx_nonpoly_scheme.auth_mon_id 
_pdbx_nonpoly_scheme.pdb_strand_id 
_pdbx_nonpoly_scheme.pdb_ins_code 
C 2 MPD 1  101 101 MPD MPD A . 
D 2 MPD 1  101 101 MPD MPD B . 
E 3 HOH 1  201 77  HOH HOH A . 
E 3 HOH 2  202 13  HOH HOH A . 
E 3 HOH 3  203 17  HOH HOH A . 
E 3 HOH 4  204 59  HOH HOH A . 
E 3 HOH 5  205 38  HOH HOH A . 
E 3 HOH 6  206 78  HOH HOH A . 
E 3 HOH 7  207 34  HOH HOH A . 
E 3 HOH 8  208 23  HOH HOH A . 
E 3 HOH 9  209 68  HOH HOH A . 
E 3 HOH 10 210 80  HOH HOH A . 
E 3 HOH 11 211 70  HOH HOH A . 
E 3 HOH 12 212 3   HOH HOH A . 
E 3 HOH 13 213 11  HOH HOH A . 
E 3 HOH 14 214 85  HOH HOH A . 
E 3 HOH 15 215 43  HOH HOH A . 
E 3 HOH 16 216 10  HOH HOH A . 
E 3 HOH 17 217 42  HOH HOH A . 
E 3 HOH 18 218 7   HOH HOH A . 
E 3 HOH 19 219 2   HOH HOH A . 
E 3 HOH 20 220 5   HOH HOH A . 
E 3 HOH 21 221 76  HOH HOH A . 
E 3 HOH 22 222 16  HOH HOH A . 
E 3 HOH 23 223 30  HOH HOH A . 
E 3 HOH 24 224 62  HOH HOH A . 
E 3 HOH 25 225 53  HOH HOH A . 
E 3 HOH 26 226 39  HOH HOH A . 
E 3 HOH 27 227 24  HOH HOH A . 
E 3 HOH 28 228 66  HOH HOH A . 
E 3 HOH 29 229 72  HOH HOH A . 
E 3 HOH 30 230 45  HOH HOH A . 
E 3 HOH 31 231 92  HOH HOH A . 
E 3 HOH 32 232 50  HOH HOH A . 
E 3 HOH 33 233 60  HOH HOH A . 
E 3 HOH 34 234 67  HOH HOH A . 
E 3 HOH 35 235 47  HOH HOH A . 
E 3 HOH 36 236 84  HOH HOH A . 
E 3 HOH 37 237 33  HOH HOH A . 
E 3 HOH 38 238 56  HOH HOH A . 
E 3 HOH 39 239 71  HOH HOH A . 
F 3 HOH 1  201 61  HOH HOH B . 
F 3 HOH 2  202 28  HOH HOH B . 
F 3 HOH 3  203 20  HOH HOH B . 
F 3 HOH 4  204 14  HOH HOH B . 
F 3 HOH 5  205 15  HOH HOH B . 
F 3 HOH 6  206 55  HOH HOH B . 
F 3 HOH 7  207 73  HOH HOH B . 
F 3 HOH 8  208 79  HOH HOH B . 
F 3 HOH 9  209 9   HOH HOH B . 
F 3 HOH 10 210 74  HOH HOH B . 
F 3 HOH 11 211 25  HOH HOH B . 
F 3 HOH 12 212 37  HOH HOH B . 
F 3 HOH 13 213 40  HOH HOH B . 
F 3 HOH 14 214 4   HOH HOH B . 
F 3 HOH 15 215 6   HOH HOH B . 
F 3 HOH 16 216 1   HOH HOH B . 
F 3 HOH 17 217 35  HOH HOH B . 
F 3 HOH 18 218 49  HOH HOH B . 
F 3 HOH 19 219 87  HOH HOH B . 
F 3 HOH 20 220 46  HOH HOH B . 
F 3 HOH 21 221 91  HOH HOH B . 
F 3 HOH 22 222 36  HOH HOH B . 
F 3 HOH 23 223 81  HOH HOH B . 
F 3 HOH 24 224 89  HOH HOH B . 
F 3 HOH 25 225 32  HOH HOH B . 
F 3 HOH 26 226 41  HOH HOH B . 
F 3 HOH 27 227 21  HOH HOH B . 
F 3 HOH 28 228 52  HOH HOH B . 
F 3 HOH 29 229 44  HOH HOH B . 
F 3 HOH 30 230 18  HOH HOH B . 
F 3 HOH 31 231 58  HOH HOH B . 
F 3 HOH 32 232 31  HOH HOH B . 
F 3 HOH 33 233 54  HOH HOH B . 
F 3 HOH 34 234 51  HOH HOH B . 
F 3 HOH 35 235 63  HOH HOH B . 
F 3 HOH 36 236 22  HOH HOH B . 
F 3 HOH 37 237 48  HOH HOH B . 
F 3 HOH 38 238 75  HOH HOH B . 
F 3 HOH 39 239 29  HOH HOH B . 
F 3 HOH 40 240 86  HOH HOH B . 
F 3 HOH 41 241 88  HOH HOH B . 
F 3 HOH 42 242 83  HOH HOH B . 
F 3 HOH 43 243 69  HOH HOH B . 
F 3 HOH 44 244 82  HOH HOH B . 
# 
loop_
_pdbx_unobs_or_zero_occ_atoms.id 
_pdbx_unobs_or_zero_occ_atoms.PDB_model_num 
_pdbx_unobs_or_zero_occ_atoms.polymer_flag 
_pdbx_unobs_or_zero_occ_atoms.occupancy_flag 
_pdbx_unobs_or_zero_occ_atoms.auth_asym_id 
_pdbx_unobs_or_zero_occ_atoms.auth_comp_id 
_pdbx_unobs_or_zero_occ_atoms.auth_seq_id 
_pdbx_unobs_or_zero_occ_atoms.PDB_ins_code 
_pdbx_unobs_or_zero_occ_atoms.auth_atom_id 
_pdbx_unobs_or_zero_occ_atoms.label_alt_id 
_pdbx_unobs_or_zero_occ_atoms.label_asym_id 
_pdbx_unobs_or_zero_occ_atoms.label_comp_id 
_pdbx_unobs_or_zero_occ_atoms.label_seq_id 
_pdbx_unobs_or_zero_occ_atoms.label_atom_id 
1  1 Y 1 A LYS 16 ? CG ? A LYS 17 CG 
2  1 Y 1 A LYS 16 ? CD ? A LYS 17 CD 
3  1 Y 1 A LYS 16 ? CE ? A LYS 17 CE 
4  1 Y 1 A LYS 16 ? NZ ? A LYS 17 NZ 
5  1 Y 1 A LYS 65 ? CG ? A LYS 66 CG 
6  1 Y 1 A LYS 65 ? CD ? A LYS 66 CD 
7  1 Y 1 A LYS 65 ? CE ? A LYS 66 CE 
8  1 Y 1 A LYS 65 ? NZ ? A LYS 66 NZ 
9  1 Y 1 A LYS 70 ? CG ? A LYS 71 CG 
10 1 Y 1 A LYS 70 ? CD ? A LYS 71 CD 
11 1 Y 1 A LYS 70 ? CE ? A LYS 71 CE 
12 1 Y 1 A LYS 70 ? NZ ? A LYS 71 NZ 
13 1 Y 1 A LYS 73 ? CE ? A LYS 74 CE 
14 1 Y 1 A LYS 73 ? NZ ? A LYS 74 NZ 
15 1 Y 1 B LYS 70 ? CG ? B LYS 71 CG 
16 1 Y 1 B LYS 70 ? CD ? B LYS 71 CD 
17 1 Y 1 B LYS 70 ? CE ? B LYS 71 CE 
18 1 Y 1 B LYS 70 ? NZ ? B LYS 71 NZ 
19 1 Y 1 B LYS 73 ? CG ? B LYS 74 CG 
20 1 Y 1 B LYS 73 ? CD ? B LYS 74 CD 
21 1 Y 1 B LYS 73 ? CE ? B LYS 74 CE 
22 1 Y 1 B LYS 73 ? NZ ? B LYS 74 NZ 
# 
loop_
_software.citation_id 
_software.classification 
_software.compiler_name 
_software.compiler_version 
_software.contact_author 
_software.contact_author_email 
_software.date 
_software.description 
_software.dependencies 
_software.hardware 
_software.language 
_software.location 
_software.mods 
_software.name 
_software.os 
_software.os_version 
_software.type 
_software.version 
_software.pdbx_ordinal 
? refinement       ? ? ? ? ? ? ? ? ? ? ? REFMAC  ? ? ? 5.8.0425 1 
? 'data scaling'   ? ? ? ? ? ? ? ? ? ? ? Aimless ? ? ? .        2 
? 'data reduction' ? ? ? ? ? ? ? ? ? ? ? XDS     ? ? ? .        3 
? phasing          ? ? ? ? ? ? ? ? ? ? ? PHASER  ? ? ? .        4 
# 
_cell.angle_alpha                  90.00 
_cell.angle_alpha_esd              ? 
_cell.angle_beta                   118.26 
_cell.angle_beta_esd               ? 
_cell.angle_gamma                  90.00 
_cell.angle_gamma_esd              ? 
_cell.entry_id                     9I7H 
_cell.details                      ? 
_cell.formula_units_Z              ? 
_cell.length_a                     42.109 
_cell.length_a_esd                 ? 
_cell.length_b                     70.989 
_cell.length_b_esd                 ? 
_cell.length_c                     44.458 
_cell.length_c_esd                 ? 
_cell.volume                       ? 
_cell.volume_esd                   ? 
_cell.Z_PDB                        4 
_cell.reciprocal_angle_alpha       ? 
_cell.reciprocal_angle_beta        ? 
_cell.reciprocal_angle_gamma       ? 
_cell.reciprocal_angle_alpha_esd   ? 
_cell.reciprocal_angle_beta_esd    ? 
_cell.reciprocal_angle_gamma_esd   ? 
_cell.reciprocal_length_a          ? 
_cell.reciprocal_length_b          ? 
_cell.reciprocal_length_c          ? 
_cell.reciprocal_length_a_esd      ? 
_cell.reciprocal_length_b_esd      ? 
_cell.reciprocal_length_c_esd      ? 
_cell.pdbx_unique_axis             ? 
_cell.pdbx_esd_method              ? 
# 
_symmetry.entry_id                         9I7H 
_symmetry.cell_setting                     ? 
_symmetry.Int_Tables_number                4 
_symmetry.space_group_name_Hall            ? 
_symmetry.space_group_name_H-M             'P 1 21 1' 
_symmetry.pdbx_full_space_group_name_H-M   ? 
# 
_exptl.absorpt_coefficient_mu     ? 
_exptl.absorpt_correction_T_max   ? 
_exptl.absorpt_correction_T_min   ? 
_exptl.absorpt_correction_type    ? 
_exptl.absorpt_process_details    ? 
_exptl.entry_id                   9I7H 
_exptl.crystals_number            1 
_exptl.details                    ? 
_exptl.method                     'X-RAY DIFFRACTION' 
_exptl.method_details             ? 
# 
_exptl_crystal.colour                       ? 
_exptl_crystal.density_diffrn               ? 
_exptl_crystal.density_Matthews             2.74 
_exptl_crystal.density_method               ? 
_exptl_crystal.density_percent_sol          55.03 
_exptl_crystal.description                  ? 
_exptl_crystal.F_000                        ? 
_exptl_crystal.id                           1 
_exptl_crystal.preparation                  ? 
_exptl_crystal.size_max                     ? 
_exptl_crystal.size_mid                     ? 
_exptl_crystal.size_min                     ? 
_exptl_crystal.size_rad                     ? 
_exptl_crystal.colour_lustre                ? 
_exptl_crystal.colour_modifier              ? 
_exptl_crystal.colour_primary               ? 
_exptl_crystal.density_meas                 ? 
_exptl_crystal.density_meas_esd             ? 
_exptl_crystal.density_meas_gt              ? 
_exptl_crystal.density_meas_lt              ? 
_exptl_crystal.density_meas_temp            ? 
_exptl_crystal.density_meas_temp_esd        ? 
_exptl_crystal.density_meas_temp_gt         ? 
_exptl_crystal.density_meas_temp_lt         ? 
_exptl_crystal.pdbx_crystal_image_url       ? 
_exptl_crystal.pdbx_crystal_image_format    ? 
_exptl_crystal.pdbx_mosaicity               ? 
_exptl_crystal.pdbx_mosaicity_esd           ? 
_exptl_crystal.pdbx_mosaic_method           ? 
_exptl_crystal.pdbx_mosaic_block_size       ? 
_exptl_crystal.pdbx_mosaic_block_size_esd   ? 
# 
_exptl_crystal_grow.apparatus       ? 
_exptl_crystal_grow.atmosphere      ? 
_exptl_crystal_grow.crystal_id      1 
_exptl_crystal_grow.details         ? 
_exptl_crystal_grow.method          'VAPOR DIFFUSION, SITTING DROP' 
_exptl_crystal_grow.method_ref      ? 
_exptl_crystal_grow.pH              8.5 
_exptl_crystal_grow.pressure        ? 
_exptl_crystal_grow.pressure_esd    ? 
_exptl_crystal_grow.seeding         ? 
_exptl_crystal_grow.seeding_ref     ? 
_exptl_crystal_grow.temp_details    ? 
_exptl_crystal_grow.temp_esd        ? 
_exptl_crystal_grow.time            ? 
_exptl_crystal_grow.pdbx_details    
;0.2 M Ammonium dihydrogen phosphate
50% MPD
0.1 M TRIS pH 8.5
;
_exptl_crystal_grow.pdbx_pH_range   ? 
_exptl_crystal_grow.temp            277 
# 
_diffrn.ambient_environment              ? 
_diffrn.ambient_temp                     100 
_diffrn.ambient_temp_details             ? 
_diffrn.ambient_temp_esd                 ? 
_diffrn.crystal_id                       1 
_diffrn.crystal_support                  ? 
_diffrn.crystal_treatment                ? 
_diffrn.details                          ? 
_diffrn.id                               1 
_diffrn.ambient_pressure                 ? 
_diffrn.ambient_pressure_esd             ? 
_diffrn.ambient_pressure_gt              ? 
_diffrn.ambient_pressure_lt              ? 
_diffrn.ambient_temp_gt                  ? 
_diffrn.ambient_temp_lt                  ? 
_diffrn.pdbx_serial_crystal_experiment   N 
# 
_diffrn_detector.details                      ? 
_diffrn_detector.detector                     PIXEL 
_diffrn_detector.diffrn_id                    1 
_diffrn_detector.type                         'DECTRIS PILATUS 6M-F' 
_diffrn_detector.area_resol_mean              ? 
_diffrn_detector.dtime                        ? 
_diffrn_detector.pdbx_frames_total            ? 
_diffrn_detector.pdbx_collection_time_total   ? 
_diffrn_detector.pdbx_collection_date         2020-11-28 
_diffrn_detector.pdbx_frequency               ? 
_diffrn_detector.id                           ? 
_diffrn_detector.number_of_axes               ? 
# 
_diffrn_radiation.collimation                      ? 
_diffrn_radiation.diffrn_id                        1 
_diffrn_radiation.filter_edge                      ? 
_diffrn_radiation.inhomogeneity                    ? 
_diffrn_radiation.monochromator                    ? 
_diffrn_radiation.polarisn_norm                    ? 
_diffrn_radiation.polarisn_ratio                   ? 
_diffrn_radiation.probe                            ? 
_diffrn_radiation.type                             ? 
_diffrn_radiation.xray_symbol                      ? 
_diffrn_radiation.wavelength_id                    1 
_diffrn_radiation.pdbx_monochromatic_or_laue_m_l   M 
_diffrn_radiation.pdbx_wavelength_list             ? 
_diffrn_radiation.pdbx_wavelength                  ? 
_diffrn_radiation.pdbx_diffrn_protocol             'SINGLE WAVELENGTH' 
_diffrn_radiation.pdbx_analyzer                    ? 
_diffrn_radiation.pdbx_scattering_type             x-ray 
# 
_diffrn_radiation_wavelength.id           1 
_diffrn_radiation_wavelength.wavelength   0.97242 
_diffrn_radiation_wavelength.wt           1.0 
# 
_diffrn_source.current                     ? 
_diffrn_source.details                     ? 
_diffrn_source.diffrn_id                   1 
_diffrn_source.power                       ? 
_diffrn_source.size                        ? 
_diffrn_source.source                      SYNCHROTRON 
_diffrn_source.target                      ? 
_diffrn_source.type                        'ESRF BEAMLINE ID23-1' 
_diffrn_source.voltage                     ? 
_diffrn_source.take-off_angle              ? 
_diffrn_source.pdbx_wavelength_list        0.97242 
_diffrn_source.pdbx_wavelength             ? 
_diffrn_source.pdbx_synchrotron_beamline   ID23-1 
_diffrn_source.pdbx_synchrotron_site       ESRF 
# 
_reflns.B_iso_Wilson_estimate                          ? 
_reflns.entry_id                                       9I7H 
_reflns.data_reduction_details                         ? 
_reflns.data_reduction_method                          ? 
_reflns.d_resolution_high                              1.54 
_reflns.d_resolution_low                               37.09 
_reflns.details                                        ? 
_reflns.limit_h_max                                    ? 
_reflns.limit_h_min                                    ? 
_reflns.limit_k_max                                    ? 
_reflns.limit_k_min                                    ? 
_reflns.limit_l_max                                    ? 
_reflns.limit_l_min                                    ? 
_reflns.number_all                                     ? 
_reflns.number_obs                                     30555 
_reflns.observed_criterion                             ? 
_reflns.observed_criterion_F_max                       ? 
_reflns.observed_criterion_F_min                       ? 
_reflns.observed_criterion_I_max                       ? 
_reflns.observed_criterion_I_min                       ? 
_reflns.observed_criterion_sigma_F                     ? 
_reflns.observed_criterion_sigma_I                     ? 
_reflns.percent_possible_obs                           90.6 
_reflns.R_free_details                                 ? 
_reflns.Rmerge_F_all                                   ? 
_reflns.Rmerge_F_obs                                   ? 
_reflns.Friedel_coverage                               ? 
_reflns.number_gt                                      ? 
_reflns.threshold_expression                           ? 
_reflns.pdbx_redundancy                                2.6 
_reflns.pdbx_netI_over_av_sigmaI                       ? 
_reflns.pdbx_netI_over_sigmaI                          3.3 
_reflns.pdbx_res_netI_over_av_sigmaI_2                 ? 
_reflns.pdbx_res_netI_over_sigmaI_2                    ? 
_reflns.pdbx_chi_squared                               0.74 
_reflns.pdbx_scaling_rejects                           ? 
_reflns.pdbx_d_res_high_opt                            ? 
_reflns.pdbx_d_res_low_opt                             ? 
_reflns.pdbx_d_res_opt_method                          ? 
_reflns.phase_calculation_details                      ? 
_reflns.pdbx_Rrim_I_all                                0.164 
_reflns.pdbx_Rpim_I_all                                0.093 
_reflns.pdbx_d_opt                                     ? 
_reflns.pdbx_number_measured_all                       79562 
_reflns.pdbx_diffrn_id                                 1 
_reflns.pdbx_ordinal                                   1 
_reflns.pdbx_CC_half                                   0.984 
_reflns.pdbx_CC_star                                   ? 
_reflns.pdbx_R_split                                   ? 
_reflns.pdbx_Rmerge_I_obs                              0.134 
_reflns.pdbx_Rmerge_I_all                              ? 
_reflns.pdbx_Rsym_value                                ? 
_reflns.pdbx_CC_split_method                           ? 
_reflns.pdbx_aniso_diffraction_limit_axis_1_ortho[1]   ? 
_reflns.pdbx_aniso_diffraction_limit_axis_1_ortho[2]   ? 
_reflns.pdbx_aniso_diffraction_limit_axis_1_ortho[3]   ? 
_reflns.pdbx_aniso_diffraction_limit_axis_2_ortho[1]   ? 
_reflns.pdbx_aniso_diffraction_limit_axis_2_ortho[2]   ? 
_reflns.pdbx_aniso_diffraction_limit_axis_2_ortho[3]   ? 
_reflns.pdbx_aniso_diffraction_limit_axis_3_ortho[1]   ? 
_reflns.pdbx_aniso_diffraction_limit_axis_3_ortho[2]   ? 
_reflns.pdbx_aniso_diffraction_limit_axis_3_ortho[3]   ? 
_reflns.pdbx_aniso_diffraction_limit_1                 ? 
_reflns.pdbx_aniso_diffraction_limit_2                 ? 
_reflns.pdbx_aniso_diffraction_limit_3                 ? 
_reflns.pdbx_aniso_B_tensor_eigenvector_1_ortho[1]     ? 
_reflns.pdbx_aniso_B_tensor_eigenvector_1_ortho[2]     ? 
_reflns.pdbx_aniso_B_tensor_eigenvector_1_ortho[3]     ? 
_reflns.pdbx_aniso_B_tensor_eigenvector_2_ortho[1]     ? 
_reflns.pdbx_aniso_B_tensor_eigenvector_2_ortho[2]     ? 
_reflns.pdbx_aniso_B_tensor_eigenvector_2_ortho[3]     ? 
_reflns.pdbx_aniso_B_tensor_eigenvector_3_ortho[1]     ? 
_reflns.pdbx_aniso_B_tensor_eigenvector_3_ortho[2]     ? 
_reflns.pdbx_aniso_B_tensor_eigenvector_3_ortho[3]     ? 
_reflns.pdbx_aniso_B_tensor_eigenvalue_1               ? 
_reflns.pdbx_aniso_B_tensor_eigenvalue_2               ? 
_reflns.pdbx_aniso_B_tensor_eigenvalue_3               ? 
_reflns.pdbx_orthogonalization_convention              ? 
_reflns.pdbx_percent_possible_ellipsoidal              ? 
_reflns.pdbx_percent_possible_spherical                ? 
_reflns.pdbx_percent_possible_ellipsoidal_anomalous    ? 
_reflns.pdbx_percent_possible_spherical_anomalous      ? 
_reflns.pdbx_redundancy_anomalous                      ? 
_reflns.pdbx_CC_half_anomalous                         ? 
_reflns.pdbx_absDiff_over_sigma_anomalous              ? 
_reflns.pdbx_percent_possible_anomalous                ? 
_reflns.pdbx_observed_signal_threshold                 ? 
_reflns.pdbx_signal_type                               ? 
_reflns.pdbx_signal_details                            ? 
_reflns.pdbx_signal_software_id                        ? 
# 
_reflns_shell.d_res_high                                    1.54 
_reflns_shell.d_res_low                                     1.63 
_reflns_shell.meanI_over_sigI_all                           ? 
_reflns_shell.meanI_over_sigI_obs                           ? 
_reflns_shell.number_measured_all                           9300 
_reflns_shell.number_measured_obs                           ? 
_reflns_shell.number_possible                               ? 
_reflns_shell.number_unique_all                             ? 
_reflns_shell.number_unique_obs                             4208 
_reflns_shell.percent_possible_obs                          85.3 
_reflns_shell.Rmerge_F_all                                  ? 
_reflns_shell.Rmerge_F_obs                                  ? 
_reflns_shell.meanI_over_sigI_gt                            ? 
_reflns_shell.meanI_over_uI_all                             ? 
_reflns_shell.meanI_over_uI_gt                              ? 
_reflns_shell.number_measured_gt                            ? 
_reflns_shell.number_unique_gt                              ? 
_reflns_shell.percent_possible_gt                           ? 
_reflns_shell.Rmerge_F_gt                                   ? 
_reflns_shell.Rmerge_I_gt                                   ? 
_reflns_shell.pdbx_redundancy                               2.2 
_reflns_shell.pdbx_chi_squared                              0.70 
_reflns_shell.pdbx_netI_over_sigmaI_all                     ? 
_reflns_shell.pdbx_netI_over_sigmaI_obs                     0.9 
_reflns_shell.pdbx_Rrim_I_all                               1.417 
_reflns_shell.pdbx_Rpim_I_all                               0.870 
_reflns_shell.pdbx_rejects                                  ? 
_reflns_shell.pdbx_ordinal                                  1 
_reflns_shell.pdbx_diffrn_id                                1 
_reflns_shell.pdbx_CC_half                                  0.582 
_reflns_shell.pdbx_CC_star                                  ? 
_reflns_shell.pdbx_R_split                                  ? 
_reflns_shell.percent_possible_all                          ? 
_reflns_shell.Rmerge_I_all                                  ? 
_reflns_shell.Rmerge_I_obs                                  1.108 
_reflns_shell.pdbx_Rsym_value                               ? 
_reflns_shell.pdbx_percent_possible_ellipsoidal             ? 
_reflns_shell.pdbx_percent_possible_spherical               ? 
_reflns_shell.pdbx_percent_possible_ellipsoidal_anomalous   ? 
_reflns_shell.pdbx_percent_possible_spherical_anomalous     ? 
_reflns_shell.pdbx_redundancy_anomalous                     ? 
_reflns_shell.pdbx_CC_half_anomalous                        ? 
_reflns_shell.pdbx_absDiff_over_sigma_anomalous             ? 
_reflns_shell.pdbx_percent_possible_anomalous               ? 
# 
_refine.aniso_B[1][1]                            -9.39 
_refine.aniso_B[1][2]                            -0.00 
_refine.aniso_B[1][3]                            -0.92 
_refine.aniso_B[2][2]                            18.49 
_refine.aniso_B[2][3]                            0.00 
_refine.aniso_B[3][3]                            -9.10 
_refine.B_iso_max                                ? 
_refine.B_iso_mean                               18.752 
_refine.B_iso_min                                ? 
_refine.correlation_coeff_Fo_to_Fc               0.949 
_refine.correlation_coeff_Fo_to_Fc_free          0.933 
_refine.details                                  'HYDROGENS HAVE BEEN ADDED IN THE RIDING POSITIONS' 
_refine.diff_density_max                         ? 
_refine.diff_density_max_esd                     ? 
_refine.diff_density_min                         ? 
_refine.diff_density_min_esd                     ? 
_refine.diff_density_rms                         ? 
_refine.diff_density_rms_esd                     ? 
_refine.entry_id                                 9I7H 
_refine.pdbx_refine_id                           'X-RAY DIFFRACTION' 
_refine.ls_abs_structure_details                 ? 
_refine.ls_abs_structure_Flack                   ? 
_refine.ls_abs_structure_Flack_esd               ? 
_refine.ls_abs_structure_Rogers                  ? 
_refine.ls_abs_structure_Rogers_esd              ? 
_refine.ls_d_res_high                            1.54 
_refine.ls_d_res_low                             37.09 
_refine.ls_extinction_coef                       ? 
_refine.ls_extinction_coef_esd                   ? 
_refine.ls_extinction_expression                 ? 
_refine.ls_extinction_method                     ? 
_refine.ls_goodness_of_fit_all                   ? 
_refine.ls_goodness_of_fit_all_esd               ? 
_refine.ls_goodness_of_fit_obs                   ? 
_refine.ls_goodness_of_fit_obs_esd               ? 
_refine.ls_hydrogen_treatment                    ? 
_refine.ls_matrix_type                           ? 
_refine.ls_number_constraints                    ? 
_refine.ls_number_parameters                     ? 
_refine.ls_number_reflns_all                     ? 
_refine.ls_number_reflns_obs                     29005 
_refine.ls_number_reflns_R_free                  1487 
_refine.ls_number_reflns_R_work                  ? 
_refine.ls_number_restraints                     ? 
_refine.ls_percent_reflns_obs                    89.66 
_refine.ls_percent_reflns_R_free                 4.9 
_refine.ls_R_factor_all                          ? 
_refine.ls_R_factor_obs                          0.18953 
_refine.ls_R_factor_R_free                       0.22690 
_refine.ls_R_factor_R_free_error                 ? 
_refine.ls_R_factor_R_free_error_details         ? 
_refine.ls_R_factor_R_work                       0.18764 
_refine.ls_R_Fsqd_factor_obs                     ? 
_refine.ls_R_I_factor_obs                        ? 
_refine.ls_redundancy_reflns_all                 ? 
_refine.ls_redundancy_reflns_obs                 ? 
_refine.ls_restrained_S_all                      ? 
_refine.ls_restrained_S_obs                      ? 
_refine.ls_shift_over_esd_max                    ? 
_refine.ls_shift_over_esd_mean                   ? 
_refine.ls_structure_factor_coef                 ? 
_refine.ls_weighting_details                     ? 
_refine.ls_weighting_scheme                      ? 
_refine.ls_wR_factor_all                         ? 
_refine.ls_wR_factor_obs                         ? 
_refine.ls_wR_factor_R_free                      ? 
_refine.ls_wR_factor_R_work                      ? 
_refine.occupancy_max                            ? 
_refine.occupancy_min                            ? 
_refine.solvent_model_details                    MASK 
_refine.solvent_model_param_bsol                 ? 
_refine.solvent_model_param_ksol                 ? 
_refine.pdbx_R_complete                          ? 
_refine.ls_R_factor_gt                           ? 
_refine.ls_goodness_of_fit_gt                    ? 
_refine.ls_goodness_of_fit_ref                   ? 
_refine.ls_shift_over_su_max                     ? 
_refine.ls_shift_over_su_max_lt                  ? 
_refine.ls_shift_over_su_mean                    ? 
_refine.ls_shift_over_su_mean_lt                 ? 
_refine.pdbx_ls_sigma_I                          ? 
_refine.pdbx_ls_sigma_F                          ? 
_refine.pdbx_ls_sigma_Fsqd                       ? 
_refine.pdbx_data_cutoff_high_absF               ? 
_refine.pdbx_data_cutoff_high_rms_absF           ? 
_refine.pdbx_data_cutoff_low_absF                ? 
_refine.pdbx_isotropic_thermal_model             ? 
_refine.pdbx_ls_cross_valid_method               THROUGHOUT 
_refine.pdbx_method_to_determine_struct          'MOLECULAR REPLACEMENT' 
_refine.pdbx_starting_model                      ? 
_refine.pdbx_stereochemistry_target_values       'MAXIMUM LIKELIHOOD' 
_refine.pdbx_R_Free_selection_details            RANDOM 
_refine.pdbx_stereochem_target_val_spec_case     ? 
_refine.pdbx_overall_ESU_R                       0.017 
_refine.pdbx_overall_ESU_R_Free                  0.018 
_refine.pdbx_solvent_vdw_probe_radii             1.20 
_refine.pdbx_solvent_ion_probe_radii             0.80 
_refine.pdbx_solvent_shrinkage_radii             0.80 
_refine.pdbx_real_space_R                        ? 
_refine.pdbx_density_correlation                 ? 
_refine.pdbx_pd_number_of_powder_patterns        ? 
_refine.pdbx_pd_number_of_points                 ? 
_refine.pdbx_pd_meas_number_of_points            ? 
_refine.pdbx_pd_proc_ls_prof_R_factor            ? 
_refine.pdbx_pd_proc_ls_prof_wR_factor           ? 
_refine.pdbx_pd_Marquardt_correlation_coeff      ? 
_refine.pdbx_pd_Fsqrd_R_factor                   ? 
_refine.pdbx_pd_ls_matrix_band_width             ? 
_refine.pdbx_overall_phase_error                 ? 
_refine.pdbx_overall_SU_R_free_Cruickshank_DPI   ? 
_refine.pdbx_overall_SU_R_free_Blow_DPI          ? 
_refine.pdbx_overall_SU_R_Blow_DPI               ? 
_refine.pdbx_TLS_residual_ADP_flag               ? 
_refine.pdbx_diffrn_id                           1 
_refine.overall_SU_B                             0.761 
_refine.overall_SU_ML                            0.030 
_refine.overall_SU_R_Cruickshank_DPI             ? 
_refine.overall_SU_R_free                        ? 
_refine.overall_FOM_free_R_set                   ? 
_refine.overall_FOM_work_R_set                   ? 
_refine.pdbx_average_fsc_overall                 ? 
_refine.pdbx_average_fsc_work                    ? 
_refine.pdbx_average_fsc_free                    ? 
# 
_refine_hist.pdbx_refine_id                   'X-RAY DIFFRACTION' 
_refine_hist.cycle_id                         1 
_refine_hist.details                          ? 
_refine_hist.d_res_high                       1.54 
_refine_hist.d_res_low                        37.09 
_refine_hist.number_atoms_solvent             83 
_refine_hist.number_atoms_total               1545 
_refine_hist.number_reflns_all                ? 
_refine_hist.number_reflns_obs                ? 
_refine_hist.number_reflns_R_free             ? 
_refine_hist.number_reflns_R_work             ? 
_refine_hist.R_factor_all                     ? 
_refine_hist.R_factor_obs                     ? 
_refine_hist.R_factor_R_free                  ? 
_refine_hist.R_factor_R_work                  ? 
_refine_hist.pdbx_number_residues_total       ? 
_refine_hist.pdbx_B_iso_mean_ligand           ? 
_refine_hist.pdbx_B_iso_mean_solvent          ? 
_refine_hist.pdbx_number_atoms_protein        1446 
_refine_hist.pdbx_number_atoms_nucleic_acid   0 
_refine_hist.pdbx_number_atoms_ligand         16 
_refine_hist.pdbx_number_atoms_lipid          ? 
_refine_hist.pdbx_number_atoms_carb           ? 
_refine_hist.pdbx_pseudo_atom_details         ? 
# 
loop_
_refine_ls_restr.pdbx_refine_id 
_refine_ls_restr.criterion 
_refine_ls_restr.dev_ideal 
_refine_ls_restr.dev_ideal_target 
_refine_ls_restr.number 
_refine_ls_restr.rejects 
_refine_ls_restr.type 
_refine_ls_restr.weight 
_refine_ls_restr.pdbx_restraint_function 
'X-RAY DIFFRACTION' ? 0.013  0.012  1532 ? r_bond_refined_d             ? ? 
'X-RAY DIFFRACTION' ? 0.001  0.016  1368 ? r_bond_other_d               ? ? 
'X-RAY DIFFRACTION' ? 2.288  1.839  2087 ? r_angle_refined_deg          ? ? 
'X-RAY DIFFRACTION' ? 0.851  1.779  3176 ? r_angle_other_deg            ? ? 
'X-RAY DIFFRACTION' ? 8.180  5.000  182  ? r_dihedral_angle_1_deg       ? ? 
'X-RAY DIFFRACTION' ? 4.410  5.000  4    ? r_dihedral_angle_2_deg       ? ? 
'X-RAY DIFFRACTION' ? 15.907 10.000 214  ? r_dihedral_angle_3_deg       ? ? 
'X-RAY DIFFRACTION' ? ?      ?      ?    ? r_dihedral_angle_4_deg       ? ? 
'X-RAY DIFFRACTION' ? 0.133  0.200  194  ? r_chiral_restr               ? ? 
'X-RAY DIFFRACTION' ? 0.015  0.020  1786 ? r_gen_planes_refined         ? ? 
'X-RAY DIFFRACTION' ? 0.001  0.020  364  ? r_gen_planes_other           ? ? 
'X-RAY DIFFRACTION' ? ?      ?      ?    ? r_nbd_refined                ? ? 
'X-RAY DIFFRACTION' ? ?      ?      ?    ? r_nbd_other                  ? ? 
'X-RAY DIFFRACTION' ? ?      ?      ?    ? r_nbtor_refined              ? ? 
'X-RAY DIFFRACTION' ? ?      ?      ?    ? r_nbtor_other                ? ? 
'X-RAY DIFFRACTION' ? ?      ?      ?    ? r_xyhbond_nbd_refined        ? ? 
'X-RAY DIFFRACTION' ? ?      ?      ?    ? r_xyhbond_nbd_other          ? ? 
'X-RAY DIFFRACTION' ? ?      ?      ?    ? r_metal_ion_refined          ? ? 
'X-RAY DIFFRACTION' ? ?      ?      ?    ? r_metal_ion_other            ? ? 
'X-RAY DIFFRACTION' ? ?      ?      ?    ? r_symmetry_vdw_refined       ? ? 
'X-RAY DIFFRACTION' ? ?      ?      ?    ? r_symmetry_vdw_other         ? ? 
'X-RAY DIFFRACTION' ? ?      ?      ?    ? r_symmetry_hbond_refined     ? ? 
'X-RAY DIFFRACTION' ? ?      ?      ?    ? r_symmetry_hbond_other       ? ? 
'X-RAY DIFFRACTION' ? ?      ?      ?    ? r_symmetry_metal_ion_refined ? ? 
'X-RAY DIFFRACTION' ? ?      ?      ?    ? r_symmetry_metal_ion_other   ? ? 
'X-RAY DIFFRACTION' ? 2.542  1.869  722  ? r_mcbond_it                  ? ? 
'X-RAY DIFFRACTION' ? 2.542  1.869  722  ? r_mcbond_other               ? ? 
'X-RAY DIFFRACTION' ? 3.373  3.374  900  ? r_mcangle_it                 ? ? 
'X-RAY DIFFRACTION' ? 3.371  3.376  901  ? r_mcangle_other              ? ? 
'X-RAY DIFFRACTION' ? 2.894  2.091  810  ? r_scbond_it                  ? ? 
'X-RAY DIFFRACTION' ? 2.893  2.092  811  ? r_scbond_other               ? ? 
'X-RAY DIFFRACTION' ? ?      ?      ?    ? r_scangle_it                 ? ? 
'X-RAY DIFFRACTION' ? 3.943  3.725  1186 ? r_scangle_other              ? ? 
'X-RAY DIFFRACTION' ? 4.949  19.63  1665 ? r_long_range_B_refined       ? ? 
'X-RAY DIFFRACTION' ? 4.942  19.42  1656 ? r_long_range_B_other         ? ? 
'X-RAY DIFFRACTION' ? ?      ?      ?    ? r_rigid_bond_restr           ? ? 
'X-RAY DIFFRACTION' ? ?      ?      ?    ? r_sphericity_free            ? ? 
'X-RAY DIFFRACTION' ? ?      ?      ?    ? r_sphericity_bonded          ? ? 
# 
_refine_ls_shell.pdbx_refine_id                   'X-RAY DIFFRACTION' 
_refine_ls_shell.d_res_high                       1.542 
_refine_ls_shell.d_res_low                        1.582 
_refine_ls_shell.number_reflns_all                ? 
_refine_ls_shell.number_reflns_obs                ? 
_refine_ls_shell.number_reflns_R_free             72 
_refine_ls_shell.number_reflns_R_work             1875 
_refine_ls_shell.percent_reflns_obs               77.08 
_refine_ls_shell.percent_reflns_R_free            ? 
_refine_ls_shell.R_factor_all                     ? 
_refine_ls_shell.R_factor_obs                     ? 
_refine_ls_shell.R_factor_R_free_error            ? 
_refine_ls_shell.R_factor_R_work                  0.284 
_refine_ls_shell.redundancy_reflns_all            ? 
_refine_ls_shell.redundancy_reflns_obs            ? 
_refine_ls_shell.wR_factor_all                    ? 
_refine_ls_shell.wR_factor_obs                    ? 
_refine_ls_shell.wR_factor_R_free                 ? 
_refine_ls_shell.wR_factor_R_work                 ? 
_refine_ls_shell.pdbx_R_complete                  ? 
_refine_ls_shell.pdbx_total_number_of_bins_used   20 
_refine_ls_shell.pdbx_phase_error                 ? 
_refine_ls_shell.pdbx_fsc_work                    ? 
_refine_ls_shell.pdbx_fsc_free                    ? 
_refine_ls_shell.R_factor_R_free                  0.340 
# 
_struct.entry_id                     9I7H 
_struct.title                        'Crystal structure of HRP-2 PWWP domain with C64S mutation - Crystal form P21 type 2' 
_struct.pdbx_model_details           ? 
_struct.pdbx_formula_weight          ? 
_struct.pdbx_formula_weight_method   ? 
_struct.pdbx_model_type_details      ? 
_struct.pdbx_CASP_flag               N 
# 
_struct_keywords.entry_id        9I7H 
_struct_keywords.text            'Epigenetics, GENE REGULATION' 
_struct_keywords.pdbx_keywords   'GENE REGULATION' 
# 
loop_
_struct_asym.id 
_struct_asym.pdbx_blank_PDB_chainid_flag 
_struct_asym.pdbx_modified 
_struct_asym.entity_id 
_struct_asym.details 
A N N 1 ? 
B N N 1 ? 
C N N 2 ? 
D N N 2 ? 
E N N 3 ? 
F N N 3 ? 
# 
_struct_ref.id                         1 
_struct_ref.db_name                    UNP 
_struct_ref.db_code                    HDGR2_HUMAN 
_struct_ref.pdbx_db_accession          Q7Z4V5 
_struct_ref.pdbx_db_isoform            ? 
_struct_ref.entity_id                  1 
_struct_ref.pdbx_seq_one_letter_code   
;MPHAFKPGDLVFAKMKGYPHWPARIDDIADGAVKPPPNKYPIFFFGTHETAFLGPKDLFPYDKCKDKYGKPNKRKGFNEG
LWEIQNNPHASYS
;
_struct_ref.pdbx_align_begin           1 
# 
loop_
_struct_ref_seq.align_id 
_struct_ref_seq.ref_id 
_struct_ref_seq.pdbx_PDB_id_code 
_struct_ref_seq.pdbx_strand_id 
_struct_ref_seq.seq_align_beg 
_struct_ref_seq.pdbx_seq_align_beg_ins_code 
_struct_ref_seq.seq_align_end 
_struct_ref_seq.pdbx_seq_align_end_ins_code 
_struct_ref_seq.pdbx_db_accession 
_struct_ref_seq.db_align_beg 
_struct_ref_seq.pdbx_db_align_beg_ins_code 
_struct_ref_seq.db_align_end 
_struct_ref_seq.pdbx_db_align_end_ins_code 
_struct_ref_seq.pdbx_auth_seq_align_beg 
_struct_ref_seq.pdbx_auth_seq_align_end 
1 1 9I7H A 2 ? 94 ? Q7Z4V5 1 ? 93 ? 1 93 
2 1 9I7H B 2 ? 94 ? Q7Z4V5 1 ? 93 ? 1 93 
# 
loop_
_struct_ref_seq_dif.align_id 
_struct_ref_seq_dif.pdbx_pdb_id_code 
_struct_ref_seq_dif.mon_id 
_struct_ref_seq_dif.pdbx_pdb_strand_id 
_struct_ref_seq_dif.seq_num 
_struct_ref_seq_dif.pdbx_pdb_ins_code 
_struct_ref_seq_dif.pdbx_seq_db_name 
_struct_ref_seq_dif.pdbx_seq_db_accession_code 
_struct_ref_seq_dif.db_mon_id 
_struct_ref_seq_dif.pdbx_seq_db_seq_num 
_struct_ref_seq_dif.details 
_struct_ref_seq_dif.pdbx_auth_seq_num 
_struct_ref_seq_dif.pdbx_ordinal 
1 9I7H GLY A 1  ? UNP Q7Z4V5 ?   ?  'expression tag'      0  1 
1 9I7H SER A 65 ? UNP Q7Z4V5 CYS 64 'engineered mutation' 64 2 
2 9I7H GLY B 1  ? UNP Q7Z4V5 ?   ?  'expression tag'      0  3 
2 9I7H SER B 65 ? UNP Q7Z4V5 CYS 64 'engineered mutation' 64 4 
# 
loop_
_pdbx_struct_assembly.id 
_pdbx_struct_assembly.details 
_pdbx_struct_assembly.method_details 
_pdbx_struct_assembly.oligomeric_details 
_pdbx_struct_assembly.oligomeric_count 
1 author_defined_assembly ? monomeric 1 
2 author_defined_assembly ? monomeric 1 
# 
loop_
_pdbx_struct_assembly_gen.assembly_id 
_pdbx_struct_assembly_gen.oper_expression 
_pdbx_struct_assembly_gen.asym_id_list 
1 1 A,C,E 
2 1 B,D,F 
# 
_pdbx_struct_assembly_auth_evidence.id                     1 
_pdbx_struct_assembly_auth_evidence.assembly_id            1 
_pdbx_struct_assembly_auth_evidence.experimental_support   none 
_pdbx_struct_assembly_auth_evidence.details                ? 
# 
_pdbx_struct_oper_list.id                   1 
_pdbx_struct_oper_list.type                 'identity operation' 
_pdbx_struct_oper_list.name                 1_555 
_pdbx_struct_oper_list.symmetry_operation   x,y,z 
_pdbx_struct_oper_list.matrix[1][1]         1.0000000000 
_pdbx_struct_oper_list.matrix[1][2]         0.0000000000 
_pdbx_struct_oper_list.matrix[1][3]         0.0000000000 
_pdbx_struct_oper_list.vector[1]            0.0000000000 
_pdbx_struct_oper_list.matrix[2][1]         0.0000000000 
_pdbx_struct_oper_list.matrix[2][2]         1.0000000000 
_pdbx_struct_oper_list.matrix[2][3]         0.0000000000 
_pdbx_struct_oper_list.vector[2]            0.0000000000 
_pdbx_struct_oper_list.matrix[3][1]         0.0000000000 
_pdbx_struct_oper_list.matrix[3][2]         0.0000000000 
_pdbx_struct_oper_list.matrix[3][3]         1.0000000000 
_pdbx_struct_oper_list.vector[3]            0.0000000000 
# 
loop_
_struct_conf.conf_type_id 
_struct_conf.id 
_struct_conf.pdbx_PDB_helix_id 
_struct_conf.beg_label_comp_id 
_struct_conf.beg_label_asym_id 
_struct_conf.beg_label_seq_id 
_struct_conf.pdbx_beg_PDB_ins_code 
_struct_conf.end_label_comp_id 
_struct_conf.end_label_asym_id 
_struct_conf.end_label_seq_id 
_struct_conf.pdbx_end_PDB_ins_code 
_struct_conf.beg_auth_comp_id 
_struct_conf.beg_auth_asym_id 
_struct_conf.beg_auth_seq_id 
_struct_conf.end_auth_comp_id 
_struct_conf.end_auth_asym_id 
_struct_conf.end_auth_seq_id 
_struct_conf.pdbx_PDB_helix_class 
_struct_conf.details 
_struct_conf.pdbx_PDB_helix_length 
HELX_P HELX_P1 AA1 GLY A 55 ? LYS A 57 ? GLY A 54 LYS A 56 5 ? 3  
HELX_P HELX_P2 AA2 TYR A 62 ? GLY A 70 ? TYR A 61 GLY A 69 1 ? 9  
HELX_P HELX_P3 AA3 GLY A 77 ? ASN A 88 ? GLY A 76 ASN A 87 1 ? 12 
HELX_P HELX_P4 AA4 GLY B 55 ? LYS B 57 ? GLY B 54 LYS B 56 5 ? 3  
HELX_P HELX_P5 AA5 TYR B 62 ? GLY B 70 ? TYR B 61 GLY B 69 1 ? 9  
HELX_P HELX_P6 AA6 GLY B 77 ? ASN B 88 ? GLY B 76 ASN B 87 1 ? 12 
# 
_struct_conf_type.id          HELX_P 
_struct_conf_type.criteria    ? 
_struct_conf_type.reference   ? 
# 
loop_
_struct_sheet.id 
_struct_sheet.type 
_struct_sheet.number_strands 
_struct_sheet.details 
AA1 ? 5 ? 
AA2 ? 5 ? 
# 
loop_
_struct_sheet_order.sheet_id 
_struct_sheet_order.range_id_1 
_struct_sheet_order.range_id_2 
_struct_sheet_order.offset 
_struct_sheet_order.sense 
AA1 1 2 ? anti-parallel 
AA1 2 3 ? anti-parallel 
AA1 3 4 ? anti-parallel 
AA1 4 5 ? anti-parallel 
AA2 1 2 ? anti-parallel 
AA2 2 3 ? anti-parallel 
AA2 3 4 ? anti-parallel 
AA2 4 5 ? anti-parallel 
# 
loop_
_struct_sheet_range.sheet_id 
_struct_sheet_range.id 
_struct_sheet_range.beg_label_comp_id 
_struct_sheet_range.beg_label_asym_id 
_struct_sheet_range.beg_label_seq_id 
_struct_sheet_range.pdbx_beg_PDB_ins_code 
_struct_sheet_range.end_label_comp_id 
_struct_sheet_range.end_label_asym_id 
_struct_sheet_range.end_label_seq_id 
_struct_sheet_range.pdbx_end_PDB_ins_code 
_struct_sheet_range.beg_auth_comp_id 
_struct_sheet_range.beg_auth_asym_id 
_struct_sheet_range.beg_auth_seq_id 
_struct_sheet_range.end_auth_comp_id 
_struct_sheet_range.end_auth_asym_id 
_struct_sheet_range.end_auth_seq_id 
AA1 1 THR A 51 ? LEU A 54 ? THR A 50 LEU A 53 
AA1 2 TYR A 41 ? PHE A 45 ? TYR A 40 PHE A 44 
AA1 3 TRP A 22 ? ILE A 26 ? TRP A 21 ILE A 25 
AA1 4 LEU A 11 ? ALA A 14 ? LEU A 10 ALA A 13 
AA1 5 LEU A 59 ? PRO A 61 ? LEU A 58 PRO A 60 
AA2 1 THR B 51 ? LEU B 54 ? THR B 50 LEU B 53 
AA2 2 TYR B 41 ? PHE B 45 ? TYR B 40 PHE B 44 
AA2 3 TRP B 22 ? ILE B 26 ? TRP B 21 ILE B 25 
AA2 4 LEU B 11 ? ALA B 14 ? LEU B 10 ALA B 13 
AA2 5 LEU B 59 ? PRO B 61 ? LEU B 58 PRO B 60 
# 
loop_
_pdbx_struct_sheet_hbond.sheet_id 
_pdbx_struct_sheet_hbond.range_id_1 
_pdbx_struct_sheet_hbond.range_id_2 
_pdbx_struct_sheet_hbond.range_1_label_atom_id 
_pdbx_struct_sheet_hbond.range_1_label_comp_id 
_pdbx_struct_sheet_hbond.range_1_label_asym_id 
_pdbx_struct_sheet_hbond.range_1_label_seq_id 
_pdbx_struct_sheet_hbond.range_1_PDB_ins_code 
_pdbx_struct_sheet_hbond.range_1_auth_atom_id 
_pdbx_struct_sheet_hbond.range_1_auth_comp_id 
_pdbx_struct_sheet_hbond.range_1_auth_asym_id 
_pdbx_struct_sheet_hbond.range_1_auth_seq_id 
_pdbx_struct_sheet_hbond.range_2_label_atom_id 
_pdbx_struct_sheet_hbond.range_2_label_comp_id 
_pdbx_struct_sheet_hbond.range_2_label_asym_id 
_pdbx_struct_sheet_hbond.range_2_label_seq_id 
_pdbx_struct_sheet_hbond.range_2_PDB_ins_code 
_pdbx_struct_sheet_hbond.range_2_auth_atom_id 
_pdbx_struct_sheet_hbond.range_2_auth_comp_id 
_pdbx_struct_sheet_hbond.range_2_auth_asym_id 
_pdbx_struct_sheet_hbond.range_2_auth_seq_id 
AA1 1 2 O LEU A 54 ? O LEU A 53 N TYR A 41 ? N TYR A 40 
AA1 2 3 O PHE A 44 ? O PHE A 43 N ARG A 25 ? N ARG A 24 
AA1 3 4 O ALA A 24 ? O ALA A 23 N VAL A 12 ? N VAL A 11 
AA1 4 5 N PHE A 13 ? N PHE A 12 O PHE A 60 ? O PHE A 59 
AA2 1 2 O ALA B 52 ? O ALA B 51 N ILE B 43 ? N ILE B 42 
AA2 2 3 O PHE B 44 ? O PHE B 43 N ARG B 25 ? N ARG B 24 
AA2 3 4 O TRP B 22 ? O TRP B 21 N ALA B 14 ? N ALA B 13 
AA2 4 5 N PHE B 13 ? N PHE B 12 O PHE B 60 ? O PHE B 59 
# 
_pdbx_entry_details.entry_id                   9I7H 
_pdbx_entry_details.nonpolymer_details         ? 
_pdbx_entry_details.sequence_details           ? 
_pdbx_entry_details.compound_details           ? 
_pdbx_entry_details.source_details             ? 
_pdbx_entry_details.has_ligand_of_interest     N 
_pdbx_entry_details.has_protein_modification   N 
# 
loop_
_pdbx_validate_torsion.id 
_pdbx_validate_torsion.PDB_model_num 
_pdbx_validate_torsion.auth_comp_id 
_pdbx_validate_torsion.auth_asym_id 
_pdbx_validate_torsion.auth_seq_id 
_pdbx_validate_torsion.PDB_ins_code 
_pdbx_validate_torsion.label_alt_id 
_pdbx_validate_torsion.phi 
_pdbx_validate_torsion.psi 
1 1 ASN A 87 ? ? -155.43 68.04 
2 1 ASN B 87 ? ? -164.09 60.26 
# 
_pdbx_validate_peptide_omega.id               1 
_pdbx_validate_peptide_omega.PDB_model_num    1 
_pdbx_validate_peptide_omega.auth_comp_id_1   VAL 
_pdbx_validate_peptide_omega.auth_asym_id_1   A 
_pdbx_validate_peptide_omega.auth_seq_id_1    11 
_pdbx_validate_peptide_omega.PDB_ins_code_1   ? 
_pdbx_validate_peptide_omega.label_alt_id_1   ? 
_pdbx_validate_peptide_omega.auth_comp_id_2   PHE 
_pdbx_validate_peptide_omega.auth_asym_id_2   A 
_pdbx_validate_peptide_omega.auth_seq_id_2    12 
_pdbx_validate_peptide_omega.PDB_ins_code_2   ? 
_pdbx_validate_peptide_omega.label_alt_id_2   ? 
_pdbx_validate_peptide_omega.omega            146.90 
# 
_pdbx_distant_solvent_atoms.id                                1 
_pdbx_distant_solvent_atoms.PDB_model_num                     1 
_pdbx_distant_solvent_atoms.auth_atom_id                      O 
_pdbx_distant_solvent_atoms.label_alt_id                      ? 
_pdbx_distant_solvent_atoms.auth_asym_id                      A 
_pdbx_distant_solvent_atoms.auth_comp_id                      HOH 
_pdbx_distant_solvent_atoms.auth_seq_id                       239 
_pdbx_distant_solvent_atoms.PDB_ins_code                      ? 
_pdbx_distant_solvent_atoms.neighbor_macromolecule_distance   6.85 
_pdbx_distant_solvent_atoms.neighbor_ligand_distance          . 
# 
loop_
_pdbx_unobs_or_zero_occ_residues.id 
_pdbx_unobs_or_zero_occ_residues.PDB_model_num 
_pdbx_unobs_or_zero_occ_residues.polymer_flag 
_pdbx_unobs_or_zero_occ_residues.occupancy_flag 
_pdbx_unobs_or_zero_occ_residues.auth_asym_id 
_pdbx_unobs_or_zero_occ_residues.auth_comp_id 
_pdbx_unobs_or_zero_occ_residues.auth_seq_id 
_pdbx_unobs_or_zero_occ_residues.PDB_ins_code 
_pdbx_unobs_or_zero_occ_residues.label_asym_id 
_pdbx_unobs_or_zero_occ_residues.label_comp_id 
_pdbx_unobs_or_zero_occ_residues.label_seq_id 
1 1 Y 1 A GLY 0  ? A GLY 1  
2 1 Y 1 A MET 1  ? A MET 2  
3 1 Y 1 A PRO 2  ? A PRO 3  
4 1 Y 1 A SER 93 ? A SER 94 
5 1 Y 1 B GLY 0  ? B GLY 1  
6 1 Y 1 B MET 1  ? B MET 2  
7 1 Y 1 B PRO 2  ? B PRO 3  
8 1 Y 1 B SER 93 ? B SER 94 
# 
loop_
_chem_comp_atom.comp_id 
_chem_comp_atom.atom_id 
_chem_comp_atom.type_symbol 
_chem_comp_atom.pdbx_aromatic_flag 
_chem_comp_atom.pdbx_stereo_config 
_chem_comp_atom.pdbx_ordinal 
ALA N    N N N 1   
ALA CA   C N S 2   
ALA C    C N N 3   
ALA O    O N N 4   
ALA CB   C N N 5   
ALA OXT  O N N 6   
ALA H    H N N 7   
ALA H2   H N N 8   
ALA HA   H N N 9   
ALA HB1  H N N 10  
ALA HB2  H N N 11  
ALA HB3  H N N 12  
ALA HXT  H N N 13  
ARG N    N N N 14  
ARG CA   C N S 15  
ARG C    C N N 16  
ARG O    O N N 17  
ARG CB   C N N 18  
ARG CG   C N N 19  
ARG CD   C N N 20  
ARG NE   N N N 21  
ARG CZ   C N N 22  
ARG NH1  N N N 23  
ARG NH2  N N N 24  
ARG OXT  O N N 25  
ARG H    H N N 26  
ARG H2   H N N 27  
ARG HA   H N N 28  
ARG HB2  H N N 29  
ARG HB3  H N N 30  
ARG HG2  H N N 31  
ARG HG3  H N N 32  
ARG HD2  H N N 33  
ARG HD3  H N N 34  
ARG HE   H N N 35  
ARG HH11 H N N 36  
ARG HH12 H N N 37  
ARG HH21 H N N 38  
ARG HH22 H N N 39  
ARG HXT  H N N 40  
ASN N    N N N 41  
ASN CA   C N S 42  
ASN C    C N N 43  
ASN O    O N N 44  
ASN CB   C N N 45  
ASN CG   C N N 46  
ASN OD1  O N N 47  
ASN ND2  N N N 48  
ASN OXT  O N N 49  
ASN H    H N N 50  
ASN H2   H N N 51  
ASN HA   H N N 52  
ASN HB2  H N N 53  
ASN HB3  H N N 54  
ASN HD21 H N N 55  
ASN HD22 H N N 56  
ASN HXT  H N N 57  
ASP N    N N N 58  
ASP CA   C N S 59  
ASP C    C N N 60  
ASP O    O N N 61  
ASP CB   C N N 62  
ASP CG   C N N 63  
ASP OD1  O N N 64  
ASP OD2  O N N 65  
ASP OXT  O N N 66  
ASP H    H N N 67  
ASP H2   H N N 68  
ASP HA   H N N 69  
ASP HB2  H N N 70  
ASP HB3  H N N 71  
ASP HD2  H N N 72  
ASP HXT  H N N 73  
CYS N    N N N 74  
CYS CA   C N R 75  
CYS C    C N N 76  
CYS O    O N N 77  
CYS CB   C N N 78  
CYS SG   S N N 79  
CYS OXT  O N N 80  
CYS H    H N N 81  
CYS H2   H N N 82  
CYS HA   H N N 83  
CYS HB2  H N N 84  
CYS HB3  H N N 85  
CYS HG   H N N 86  
CYS HXT  H N N 87  
GLN N    N N N 88  
GLN CA   C N S 89  
GLN C    C N N 90  
GLN O    O N N 91  
GLN CB   C N N 92  
GLN CG   C N N 93  
GLN CD   C N N 94  
GLN OE1  O N N 95  
GLN NE2  N N N 96  
GLN OXT  O N N 97  
GLN H    H N N 98  
GLN H2   H N N 99  
GLN HA   H N N 100 
GLN HB2  H N N 101 
GLN HB3  H N N 102 
GLN HG2  H N N 103 
GLN HG3  H N N 104 
GLN HE21 H N N 105 
GLN HE22 H N N 106 
GLN HXT  H N N 107 
GLU N    N N N 108 
GLU CA   C N S 109 
GLU C    C N N 110 
GLU O    O N N 111 
GLU CB   C N N 112 
GLU CG   C N N 113 
GLU CD   C N N 114 
GLU OE1  O N N 115 
GLU OE2  O N N 116 
GLU OXT  O N N 117 
GLU H    H N N 118 
GLU H2   H N N 119 
GLU HA   H N N 120 
GLU HB2  H N N 121 
GLU HB3  H N N 122 
GLU HG2  H N N 123 
GLU HG3  H N N 124 
GLU HE2  H N N 125 
GLU HXT  H N N 126 
GLY N    N N N 127 
GLY CA   C N N 128 
GLY C    C N N 129 
GLY O    O N N 130 
GLY OXT  O N N 131 
GLY H    H N N 132 
GLY H2   H N N 133 
GLY HA2  H N N 134 
GLY HA3  H N N 135 
GLY HXT  H N N 136 
HIS N    N N N 137 
HIS CA   C N S 138 
HIS C    C N N 139 
HIS O    O N N 140 
HIS CB   C N N 141 
HIS CG   C Y N 142 
HIS ND1  N Y N 143 
HIS CD2  C Y N 144 
HIS CE1  C Y N 145 
HIS NE2  N Y N 146 
HIS OXT  O N N 147 
HIS H    H N N 148 
HIS H2   H N N 149 
HIS HA   H N N 150 
HIS HB2  H N N 151 
HIS HB3  H N N 152 
HIS HD1  H N N 153 
HIS HD2  H N N 154 
HIS HE1  H N N 155 
HIS HE2  H N N 156 
HIS HXT  H N N 157 
HOH O    O N N 158 
HOH H1   H N N 159 
HOH H2   H N N 160 
ILE N    N N N 161 
ILE CA   C N S 162 
ILE C    C N N 163 
ILE O    O N N 164 
ILE CB   C N S 165 
ILE CG1  C N N 166 
ILE CG2  C N N 167 
ILE CD1  C N N 168 
ILE OXT  O N N 169 
ILE H    H N N 170 
ILE H2   H N N 171 
ILE HA   H N N 172 
ILE HB   H N N 173 
ILE HG12 H N N 174 
ILE HG13 H N N 175 
ILE HG21 H N N 176 
ILE HG22 H N N 177 
ILE HG23 H N N 178 
ILE HD11 H N N 179 
ILE HD12 H N N 180 
ILE HD13 H N N 181 
ILE HXT  H N N 182 
LEU N    N N N 183 
LEU CA   C N S 184 
LEU C    C N N 185 
LEU O    O N N 186 
LEU CB   C N N 187 
LEU CG   C N N 188 
LEU CD1  C N N 189 
LEU CD2  C N N 190 
LEU OXT  O N N 191 
LEU H    H N N 192 
LEU H2   H N N 193 
LEU HA   H N N 194 
LEU HB2  H N N 195 
LEU HB3  H N N 196 
LEU HG   H N N 197 
LEU HD11 H N N 198 
LEU HD12 H N N 199 
LEU HD13 H N N 200 
LEU HD21 H N N 201 
LEU HD22 H N N 202 
LEU HD23 H N N 203 
LEU HXT  H N N 204 
LYS N    N N N 205 
LYS CA   C N S 206 
LYS C    C N N 207 
LYS O    O N N 208 
LYS CB   C N N 209 
LYS CG   C N N 210 
LYS CD   C N N 211 
LYS CE   C N N 212 
LYS NZ   N N N 213 
LYS OXT  O N N 214 
LYS H    H N N 215 
LYS H2   H N N 216 
LYS HA   H N N 217 
LYS HB2  H N N 218 
LYS HB3  H N N 219 
LYS HG2  H N N 220 
LYS HG3  H N N 221 
LYS HD2  H N N 222 
LYS HD3  H N N 223 
LYS HE2  H N N 224 
LYS HE3  H N N 225 
LYS HZ1  H N N 226 
LYS HZ2  H N N 227 
LYS HZ3  H N N 228 
LYS HXT  H N N 229 
MET N    N N N 230 
MET CA   C N S 231 
MET C    C N N 232 
MET O    O N N 233 
MET CB   C N N 234 
MET CG   C N N 235 
MET SD   S N N 236 
MET CE   C N N 237 
MET OXT  O N N 238 
MET H    H N N 239 
MET H2   H N N 240 
MET HA   H N N 241 
MET HB2  H N N 242 
MET HB3  H N N 243 
MET HG2  H N N 244 
MET HG3  H N N 245 
MET HE1  H N N 246 
MET HE2  H N N 247 
MET HE3  H N N 248 
MET HXT  H N N 249 
MPD C1   C N N 250 
MPD C2   C N N 251 
MPD O2   O N N 252 
MPD CM   C N N 253 
MPD C3   C N N 254 
MPD C4   C N S 255 
MPD O4   O N N 256 
MPD C5   C N N 257 
MPD H11  H N N 258 
MPD H12  H N N 259 
MPD H13  H N N 260 
MPD HO2  H N N 261 
MPD HM1  H N N 262 
MPD HM2  H N N 263 
MPD HM3  H N N 264 
MPD H31  H N N 265 
MPD H32  H N N 266 
MPD H4   H N N 267 
MPD HO4  H N N 268 
MPD H51  H N N 269 
MPD H52  H N N 270 
MPD H53  H N N 271 
PHE N    N N N 272 
PHE CA   C N S 273 
PHE C    C N N 274 
PHE O    O N N 275 
PHE CB   C N N 276 
PHE CG   C Y N 277 
PHE CD1  C Y N 278 
PHE CD2  C Y N 279 
PHE CE1  C Y N 280 
PHE CE2  C Y N 281 
PHE CZ   C Y N 282 
PHE OXT  O N N 283 
PHE H    H N N 284 
PHE H2   H N N 285 
PHE HA   H N N 286 
PHE HB2  H N N 287 
PHE HB3  H N N 288 
PHE HD1  H N N 289 
PHE HD2  H N N 290 
PHE HE1  H N N 291 
PHE HE2  H N N 292 
PHE HZ   H N N 293 
PHE HXT  H N N 294 
PRO N    N N N 295 
PRO CA   C N S 296 
PRO C    C N N 297 
PRO O    O N N 298 
PRO CB   C N N 299 
PRO CG   C N N 300 
PRO CD   C N N 301 
PRO OXT  O N N 302 
PRO H    H N N 303 
PRO HA   H N N 304 
PRO HB2  H N N 305 
PRO HB3  H N N 306 
PRO HG2  H N N 307 
PRO HG3  H N N 308 
PRO HD2  H N N 309 
PRO HD3  H N N 310 
PRO HXT  H N N 311 
SER N    N N N 312 
SER CA   C N S 313 
SER C    C N N 314 
SER O    O N N 315 
SER CB   C N N 316 
SER OG   O N N 317 
SER OXT  O N N 318 
SER H    H N N 319 
SER H2   H N N 320 
SER HA   H N N 321 
SER HB2  H N N 322 
SER HB3  H N N 323 
SER HG   H N N 324 
SER HXT  H N N 325 
THR N    N N N 326 
THR CA   C N S 327 
THR C    C N N 328 
THR O    O N N 329 
THR CB   C N R 330 
THR OG1  O N N 331 
THR CG2  C N N 332 
THR OXT  O N N 333 
THR H    H N N 334 
THR H2   H N N 335 
THR HA   H N N 336 
THR HB   H N N 337 
THR HG1  H N N 338 
THR HG21 H N N 339 
THR HG22 H N N 340 
THR HG23 H N N 341 
THR HXT  H N N 342 
TRP N    N N N 343 
TRP CA   C N S 344 
TRP C    C N N 345 
TRP O    O N N 346 
TRP CB   C N N 347 
TRP CG   C Y N 348 
TRP CD1  C Y N 349 
TRP CD2  C Y N 350 
TRP NE1  N Y N 351 
TRP CE2  C Y N 352 
TRP CE3  C Y N 353 
TRP CZ2  C Y N 354 
TRP CZ3  C Y N 355 
TRP CH2  C Y N 356 
TRP OXT  O N N 357 
TRP H    H N N 358 
TRP H2   H N N 359 
TRP HA   H N N 360 
TRP HB2  H N N 361 
TRP HB3  H N N 362 
TRP HD1  H N N 363 
TRP HE1  H N N 364 
TRP HE3  H N N 365 
TRP HZ2  H N N 366 
TRP HZ3  H N N 367 
TRP HH2  H N N 368 
TRP HXT  H N N 369 
TYR N    N N N 370 
TYR CA   C N S 371 
TYR C    C N N 372 
TYR O    O N N 373 
TYR CB   C N N 374 
TYR CG   C Y N 375 
TYR CD1  C Y N 376 
TYR CD2  C Y N 377 
TYR CE1  C Y N 378 
TYR CE2  C Y N 379 
TYR CZ   C Y N 380 
TYR OH   O N N 381 
TYR OXT  O N N 382 
TYR H    H N N 383 
TYR H2   H N N 384 
TYR HA   H N N 385 
TYR HB2  H N N 386 
TYR HB3  H N N 387 
TYR HD1  H N N 388 
TYR HD2  H N N 389 
TYR HE1  H N N 390 
TYR HE2  H N N 391 
TYR HH   H N N 392 
TYR HXT  H N N 393 
VAL N    N N N 394 
VAL CA   C N S 395 
VAL C    C N N 396 
VAL O    O N N 397 
VAL CB   C N N 398 
VAL CG1  C N N 399 
VAL CG2  C N N 400 
VAL OXT  O N N 401 
VAL H    H N N 402 
VAL H2   H N N 403 
VAL HA   H N N 404 
VAL HB   H N N 405 
VAL HG11 H N N 406 
VAL HG12 H N N 407 
VAL HG13 H N N 408 
VAL HG21 H N N 409 
VAL HG22 H N N 410 
VAL HG23 H N N 411 
VAL HXT  H N N 412 
# 
loop_
_chem_comp_bond.comp_id 
_chem_comp_bond.atom_id_1 
_chem_comp_bond.atom_id_2 
_chem_comp_bond.value_order 
_chem_comp_bond.pdbx_aromatic_flag 
_chem_comp_bond.pdbx_stereo_config 
_chem_comp_bond.pdbx_ordinal 
ALA N   CA   sing N N 1   
ALA N   H    sing N N 2   
ALA N   H2   sing N N 3   
ALA CA  C    sing N N 4   
ALA CA  CB   sing N N 5   
ALA CA  HA   sing N N 6   
ALA C   O    doub N N 7   
ALA C   OXT  sing N N 8   
ALA CB  HB1  sing N N 9   
ALA CB  HB2  sing N N 10  
ALA CB  HB3  sing N N 11  
ALA OXT HXT  sing N N 12  
ARG N   CA   sing N N 13  
ARG N   H    sing N N 14  
ARG N   H2   sing N N 15  
ARG CA  C    sing N N 16  
ARG CA  CB   sing N N 17  
ARG CA  HA   sing N N 18  
ARG C   O    doub N N 19  
ARG C   OXT  sing N N 20  
ARG CB  CG   sing N N 21  
ARG CB  HB2  sing N N 22  
ARG CB  HB3  sing N N 23  
ARG CG  CD   sing N N 24  
ARG CG  HG2  sing N N 25  
ARG CG  HG3  sing N N 26  
ARG CD  NE   sing N N 27  
ARG CD  HD2  sing N N 28  
ARG CD  HD3  sing N N 29  
ARG NE  CZ   sing N N 30  
ARG NE  HE   sing N N 31  
ARG CZ  NH1  sing N N 32  
ARG CZ  NH2  doub N N 33  
ARG NH1 HH11 sing N N 34  
ARG NH1 HH12 sing N N 35  
ARG NH2 HH21 sing N N 36  
ARG NH2 HH22 sing N N 37  
ARG OXT HXT  sing N N 38  
ASN N   CA   sing N N 39  
ASN N   H    sing N N 40  
ASN N   H2   sing N N 41  
ASN CA  C    sing N N 42  
ASN CA  CB   sing N N 43  
ASN CA  HA   sing N N 44  
ASN C   O    doub N N 45  
ASN C   OXT  sing N N 46  
ASN CB  CG   sing N N 47  
ASN CB  HB2  sing N N 48  
ASN CB  HB3  sing N N 49  
ASN CG  OD1  doub N N 50  
ASN CG  ND2  sing N N 51  
ASN ND2 HD21 sing N N 52  
ASN ND2 HD22 sing N N 53  
ASN OXT HXT  sing N N 54  
ASP N   CA   sing N N 55  
ASP N   H    sing N N 56  
ASP N   H2   sing N N 57  
ASP CA  C    sing N N 58  
ASP CA  CB   sing N N 59  
ASP CA  HA   sing N N 60  
ASP C   O    doub N N 61  
ASP C   OXT  sing N N 62  
ASP CB  CG   sing N N 63  
ASP CB  HB2  sing N N 64  
ASP CB  HB3  sing N N 65  
ASP CG  OD1  doub N N 66  
ASP CG  OD2  sing N N 67  
ASP OD2 HD2  sing N N 68  
ASP OXT HXT  sing N N 69  
CYS N   CA   sing N N 70  
CYS N   H    sing N N 71  
CYS N   H2   sing N N 72  
CYS CA  C    sing N N 73  
CYS CA  CB   sing N N 74  
CYS CA  HA   sing N N 75  
CYS C   O    doub N N 76  
CYS C   OXT  sing N N 77  
CYS CB  SG   sing N N 78  
CYS CB  HB2  sing N N 79  
CYS CB  HB3  sing N N 80  
CYS SG  HG   sing N N 81  
CYS OXT HXT  sing N N 82  
GLN N   CA   sing N N 83  
GLN N   H    sing N N 84  
GLN N   H2   sing N N 85  
GLN CA  C    sing N N 86  
GLN CA  CB   sing N N 87  
GLN CA  HA   sing N N 88  
GLN C   O    doub N N 89  
GLN C   OXT  sing N N 90  
GLN CB  CG   sing N N 91  
GLN CB  HB2  sing N N 92  
GLN CB  HB3  sing N N 93  
GLN CG  CD   sing N N 94  
GLN CG  HG2  sing N N 95  
GLN CG  HG3  sing N N 96  
GLN CD  OE1  doub N N 97  
GLN CD  NE2  sing N N 98  
GLN NE2 HE21 sing N N 99  
GLN NE2 HE22 sing N N 100 
GLN OXT HXT  sing N N 101 
GLU N   CA   sing N N 102 
GLU N   H    sing N N 103 
GLU N   H2   sing N N 104 
GLU CA  C    sing N N 105 
GLU CA  CB   sing N N 106 
GLU CA  HA   sing N N 107 
GLU C   O    doub N N 108 
GLU C   OXT  sing N N 109 
GLU CB  CG   sing N N 110 
GLU CB  HB2  sing N N 111 
GLU CB  HB3  sing N N 112 
GLU CG  CD   sing N N 113 
GLU CG  HG2  sing N N 114 
GLU CG  HG3  sing N N 115 
GLU CD  OE1  doub N N 116 
GLU CD  OE2  sing N N 117 
GLU OE2 HE2  sing N N 118 
GLU OXT HXT  sing N N 119 
GLY N   CA   sing N N 120 
GLY N   H    sing N N 121 
GLY N   H2   sing N N 122 
GLY CA  C    sing N N 123 
GLY CA  HA2  sing N N 124 
GLY CA  HA3  sing N N 125 
GLY C   O    doub N N 126 
GLY C   OXT  sing N N 127 
GLY OXT HXT  sing N N 128 
HIS N   CA   sing N N 129 
HIS N   H    sing N N 130 
HIS N   H2   sing N N 131 
HIS CA  C    sing N N 132 
HIS CA  CB   sing N N 133 
HIS CA  HA   sing N N 134 
HIS C   O    doub N N 135 
HIS C   OXT  sing N N 136 
HIS CB  CG   sing N N 137 
HIS CB  HB2  sing N N 138 
HIS CB  HB3  sing N N 139 
HIS CG  ND1  sing Y N 140 
HIS CG  CD2  doub Y N 141 
HIS ND1 CE1  doub Y N 142 
HIS ND1 HD1  sing N N 143 
HIS CD2 NE2  sing Y N 144 
HIS CD2 HD2  sing N N 145 
HIS CE1 NE2  sing Y N 146 
HIS CE1 HE1  sing N N 147 
HIS NE2 HE2  sing N N 148 
HIS OXT HXT  sing N N 149 
HOH O   H1   sing N N 150 
HOH O   H2   sing N N 151 
ILE N   CA   sing N N 152 
ILE N   H    sing N N 153 
ILE N   H2   sing N N 154 
ILE CA  C    sing N N 155 
ILE CA  CB   sing N N 156 
ILE CA  HA   sing N N 157 
ILE C   O    doub N N 158 
ILE C   OXT  sing N N 159 
ILE CB  CG1  sing N N 160 
ILE CB  CG2  sing N N 161 
ILE CB  HB   sing N N 162 
ILE CG1 CD1  sing N N 163 
ILE CG1 HG12 sing N N 164 
ILE CG1 HG13 sing N N 165 
ILE CG2 HG21 sing N N 166 
ILE CG2 HG22 sing N N 167 
ILE CG2 HG23 sing N N 168 
ILE CD1 HD11 sing N N 169 
ILE CD1 HD12 sing N N 170 
ILE CD1 HD13 sing N N 171 
ILE OXT HXT  sing N N 172 
LEU N   CA   sing N N 173 
LEU N   H    sing N N 174 
LEU N   H2   sing N N 175 
LEU CA  C    sing N N 176 
LEU CA  CB   sing N N 177 
LEU CA  HA   sing N N 178 
LEU C   O    doub N N 179 
LEU C   OXT  sing N N 180 
LEU CB  CG   sing N N 181 
LEU CB  HB2  sing N N 182 
LEU CB  HB3  sing N N 183 
LEU CG  CD1  sing N N 184 
LEU CG  CD2  sing N N 185 
LEU CG  HG   sing N N 186 
LEU CD1 HD11 sing N N 187 
LEU CD1 HD12 sing N N 188 
LEU CD1 HD13 sing N N 189 
LEU CD2 HD21 sing N N 190 
LEU CD2 HD22 sing N N 191 
LEU CD2 HD23 sing N N 192 
LEU OXT HXT  sing N N 193 
LYS N   CA   sing N N 194 
LYS N   H    sing N N 195 
LYS N   H2   sing N N 196 
LYS CA  C    sing N N 197 
LYS CA  CB   sing N N 198 
LYS CA  HA   sing N N 199 
LYS C   O    doub N N 200 
LYS C   OXT  sing N N 201 
LYS CB  CG   sing N N 202 
LYS CB  HB2  sing N N 203 
LYS CB  HB3  sing N N 204 
LYS CG  CD   sing N N 205 
LYS CG  HG2  sing N N 206 
LYS CG  HG3  sing N N 207 
LYS CD  CE   sing N N 208 
LYS CD  HD2  sing N N 209 
LYS CD  HD3  sing N N 210 
LYS CE  NZ   sing N N 211 
LYS CE  HE2  sing N N 212 
LYS CE  HE3  sing N N 213 
LYS NZ  HZ1  sing N N 214 
LYS NZ  HZ2  sing N N 215 
LYS NZ  HZ3  sing N N 216 
LYS OXT HXT  sing N N 217 
MET N   CA   sing N N 218 
MET N   H    sing N N 219 
MET N   H2   sing N N 220 
MET CA  C    sing N N 221 
MET CA  CB   sing N N 222 
MET CA  HA   sing N N 223 
MET C   O    doub N N 224 
MET C   OXT  sing N N 225 
MET CB  CG   sing N N 226 
MET CB  HB2  sing N N 227 
MET CB  HB3  sing N N 228 
MET CG  SD   sing N N 229 
MET CG  HG2  sing N N 230 
MET CG  HG3  sing N N 231 
MET SD  CE   sing N N 232 
MET CE  HE1  sing N N 233 
MET CE  HE2  sing N N 234 
MET CE  HE3  sing N N 235 
MET OXT HXT  sing N N 236 
MPD C1  C2   sing N N 237 
MPD C1  H11  sing N N 238 
MPD C1  H12  sing N N 239 
MPD C1  H13  sing N N 240 
MPD C2  O2   sing N N 241 
MPD C2  CM   sing N N 242 
MPD C2  C3   sing N N 243 
MPD O2  HO2  sing N N 244 
MPD CM  HM1  sing N N 245 
MPD CM  HM2  sing N N 246 
MPD CM  HM3  sing N N 247 
MPD C3  C4   sing N N 248 
MPD C3  H31  sing N N 249 
MPD C3  H32  sing N N 250 
MPD C4  O4   sing N N 251 
MPD C4  C5   sing N N 252 
MPD C4  H4   sing N N 253 
MPD O4  HO4  sing N N 254 
MPD C5  H51  sing N N 255 
MPD C5  H52  sing N N 256 
MPD C5  H53  sing N N 257 
PHE N   CA   sing N N 258 
PHE N   H    sing N N 259 
PHE N   H2   sing N N 260 
PHE CA  C    sing N N 261 
PHE CA  CB   sing N N 262 
PHE CA  HA   sing N N 263 
PHE C   O    doub N N 264 
PHE C   OXT  sing N N 265 
PHE CB  CG   sing N N 266 
PHE CB  HB2  sing N N 267 
PHE CB  HB3  sing N N 268 
PHE CG  CD1  doub Y N 269 
PHE CG  CD2  sing Y N 270 
PHE CD1 CE1  sing Y N 271 
PHE CD1 HD1  sing N N 272 
PHE CD2 CE2  doub Y N 273 
PHE CD2 HD2  sing N N 274 
PHE CE1 CZ   doub Y N 275 
PHE CE1 HE1  sing N N 276 
PHE CE2 CZ   sing Y N 277 
PHE CE2 HE2  sing N N 278 
PHE CZ  HZ   sing N N 279 
PHE OXT HXT  sing N N 280 
PRO N   CA   sing N N 281 
PRO N   CD   sing N N 282 
PRO N   H    sing N N 283 
PRO CA  C    sing N N 284 
PRO CA  CB   sing N N 285 
PRO CA  HA   sing N N 286 
PRO C   O    doub N N 287 
PRO C   OXT  sing N N 288 
PRO CB  CG   sing N N 289 
PRO CB  HB2  sing N N 290 
PRO CB  HB3  sing N N 291 
PRO CG  CD   sing N N 292 
PRO CG  HG2  sing N N 293 
PRO CG  HG3  sing N N 294 
PRO CD  HD2  sing N N 295 
PRO CD  HD3  sing N N 296 
PRO OXT HXT  sing N N 297 
SER N   CA   sing N N 298 
SER N   H    sing N N 299 
SER N   H2   sing N N 300 
SER CA  C    sing N N 301 
SER CA  CB   sing N N 302 
SER CA  HA   sing N N 303 
SER C   O    doub N N 304 
SER C   OXT  sing N N 305 
SER CB  OG   sing N N 306 
SER CB  HB2  sing N N 307 
SER CB  HB3  sing N N 308 
SER OG  HG   sing N N 309 
SER OXT HXT  sing N N 310 
THR N   CA   sing N N 311 
THR N   H    sing N N 312 
THR N   H2   sing N N 313 
THR CA  C    sing N N 314 
THR CA  CB   sing N N 315 
THR CA  HA   sing N N 316 
THR C   O    doub N N 317 
THR C   OXT  sing N N 318 
THR CB  OG1  sing N N 319 
THR CB  CG2  sing N N 320 
THR CB  HB   sing N N 321 
THR OG1 HG1  sing N N 322 
THR CG2 HG21 sing N N 323 
THR CG2 HG22 sing N N 324 
THR CG2 HG23 sing N N 325 
THR OXT HXT  sing N N 326 
TRP N   CA   sing N N 327 
TRP N   H    sing N N 328 
TRP N   H2   sing N N 329 
TRP CA  C    sing N N 330 
TRP CA  CB   sing N N 331 
TRP CA  HA   sing N N 332 
TRP C   O    doub N N 333 
TRP C   OXT  sing N N 334 
TRP CB  CG   sing N N 335 
TRP CB  HB2  sing N N 336 
TRP CB  HB3  sing N N 337 
TRP CG  CD1  doub Y N 338 
TRP CG  CD2  sing Y N 339 
TRP CD1 NE1  sing Y N 340 
TRP CD1 HD1  sing N N 341 
TRP CD2 CE2  doub Y N 342 
TRP CD2 CE3  sing Y N 343 
TRP NE1 CE2  sing Y N 344 
TRP NE1 HE1  sing N N 345 
TRP CE2 CZ2  sing Y N 346 
TRP CE3 CZ3  doub Y N 347 
TRP CE3 HE3  sing N N 348 
TRP CZ2 CH2  doub Y N 349 
TRP CZ2 HZ2  sing N N 350 
TRP CZ3 CH2  sing Y N 351 
TRP CZ3 HZ3  sing N N 352 
TRP CH2 HH2  sing N N 353 
TRP OXT HXT  sing N N 354 
TYR N   CA   sing N N 355 
TYR N   H    sing N N 356 
TYR N   H2   sing N N 357 
TYR CA  C    sing N N 358 
TYR CA  CB   sing N N 359 
TYR CA  HA   sing N N 360 
TYR C   O    doub N N 361 
TYR C   OXT  sing N N 362 
TYR CB  CG   sing N N 363 
TYR CB  HB2  sing N N 364 
TYR CB  HB3  sing N N 365 
TYR CG  CD1  doub Y N 366 
TYR CG  CD2  sing Y N 367 
TYR CD1 CE1  sing Y N 368 
TYR CD1 HD1  sing N N 369 
TYR CD2 CE2  doub Y N 370 
TYR CD2 HD2  sing N N 371 
TYR CE1 CZ   doub Y N 372 
TYR CE1 HE1  sing N N 373 
TYR CE2 CZ   sing Y N 374 
TYR CE2 HE2  sing N N 375 
TYR CZ  OH   sing N N 376 
TYR OH  HH   sing N N 377 
TYR OXT HXT  sing N N 378 
VAL N   CA   sing N N 379 
VAL N   H    sing N N 380 
VAL N   H2   sing N N 381 
VAL CA  C    sing N N 382 
VAL CA  CB   sing N N 383 
VAL CA  HA   sing N N 384 
VAL C   O    doub N N 385 
VAL C   OXT  sing N N 386 
VAL CB  CG1  sing N N 387 
VAL CB  CG2  sing N N 388 
VAL CB  HB   sing N N 389 
VAL CG1 HG11 sing N N 390 
VAL CG1 HG12 sing N N 391 
VAL CG1 HG13 sing N N 392 
VAL CG2 HG21 sing N N 393 
VAL CG2 HG22 sing N N 394 
VAL CG2 HG23 sing N N 395 
VAL OXT HXT  sing N N 396 
# 
loop_
_pdbx_audit_support.funding_organization 
_pdbx_audit_support.country 
_pdbx_audit_support.grant_number 
_pdbx_audit_support.ordinal 
'Research Foundation - Flanders (FWO)' Belgium 1SC9822N 1 
'Research Foundation - Flanders (FWO)' Belgium 1SC9824N 2 
'Research Foundation - Flanders (FWO)' Belgium G053822N 3 
# 
_pdbx_initial_refinement_model.id               1 
_pdbx_initial_refinement_model.entity_id_list   ? 
_pdbx_initial_refinement_model.type             'experimental model' 
_pdbx_initial_refinement_model.source_name      PDB 
_pdbx_initial_refinement_model.accession_code   3QBY 
_pdbx_initial_refinement_model.details          ? 
# 
_atom_sites.entry_id                    9I7H 
_atom_sites.Cartn_transf_matrix[1][1]   ? 
_atom_sites.Cartn_transf_matrix[1][2]   ? 
_atom_sites.Cartn_transf_matrix[1][3]   ? 
_atom_sites.Cartn_transf_matrix[2][1]   ? 
_atom_sites.Cartn_transf_matrix[2][2]   ? 
_atom_sites.Cartn_transf_matrix[2][3]   ? 
_atom_sites.Cartn_transf_matrix[3][1]   ? 
_atom_sites.Cartn_transf_matrix[3][2]   ? 
_atom_sites.Cartn_transf_matrix[3][3]   ? 
_atom_sites.Cartn_transf_vector[1]      ? 
_atom_sites.Cartn_transf_vector[2]      ? 
_atom_sites.Cartn_transf_vector[3]      ? 
_atom_sites.Cartn_transform_axes        ? 
_atom_sites.fract_transf_matrix[1][1]   0.02081588 
_atom_sites.fract_transf_matrix[1][2]   0.01648761 
_atom_sites.fract_transf_matrix[1][3]   -0.00466590 
_atom_sites.fract_transf_matrix[2][1]   0.00706808 
_atom_sites.fract_transf_matrix[2][2]   -0.01061632 
_atom_sites.fract_transf_matrix[2][3]   -0.00598160 
_atom_sites.fract_transf_matrix[3][1]   0.00056035 
_atom_sites.fract_transf_matrix[3][2]   0.01281472 
_atom_sites.fract_transf_matrix[3][3]   -0.02208183 
_atom_sites.fract_transf_vector[1]      -0.238712 
_atom_sites.fract_transf_vector[2]      0.302211 
_atom_sites.fract_transf_vector[3]      0.127516 
_atom_sites.solution_primary            ? 
_atom_sites.solution_secondary          ? 
_atom_sites.solution_hydrogens          ? 
_atom_sites.special_details             ? 
# 
loop_
_atom_type.symbol 
C 
N 
O 
S 
# 
loop_
_atom_site.group_PDB 
_atom_site.id 
_atom_site.type_symbol 
_atom_site.label_atom_id 
_atom_site.label_alt_id 
_atom_site.label_comp_id 
_atom_site.label_asym_id 
_atom_site.label_entity_id 
_atom_site.label_seq_id 
_atom_site.pdbx_PDB_ins_code 
_atom_site.Cartn_x 
_atom_site.Cartn_y 
_atom_site.Cartn_z 
_atom_site.occupancy 
_atom_site.B_iso_or_equiv 
_atom_site.pdbx_formal_charge 
_atom_site.auth_seq_id 
_atom_site.auth_comp_id 
_atom_site.auth_asym_id 
_atom_site.auth_atom_id 
_atom_site.pdbx_PDB_model_num 
ATOM   1    N N   . HIS A 1 4  ? -9.973  7.540   1.003   1.00 43.31 ? 3   HIS A N   1 
ATOM   2    C CA  . HIS A 1 4  ? -10.842 6.338   1.176   1.00 38.27 ? 3   HIS A CA  1 
ATOM   3    C C   . HIS A 1 4  ? -10.210 5.320   2.126   1.00 32.49 ? 3   HIS A C   1 
ATOM   4    O O   . HIS A 1 4  ? -9.248  4.641   1.776   1.00 36.44 ? 3   HIS A O   1 
ATOM   5    C CB  . HIS A 1 4  ? -11.098 5.671   -0.182  1.00 38.01 ? 3   HIS A CB  1 
ATOM   6    C CG  . HIS A 1 4  ? -11.828 4.381   -0.063  1.00 37.02 ? 3   HIS A CG  1 
ATOM   7    N ND1 . HIS A 1 4  ? -12.979 4.229   0.682   1.00 28.84 ? 3   HIS A ND1 1 
ATOM   8    C CD2 . HIS A 1 4  ? -11.570 3.186   -0.607  1.00 38.14 ? 3   HIS A CD2 1 
ATOM   9    C CE1 . HIS A 1 4  ? -13.374 2.962   0.592   1.00 30.35 ? 3   HIS A CE1 1 
ATOM   10   N NE2 . HIS A 1 4  ? -12.516 2.308   -0.151  1.00 33.42 ? 3   HIS A NE2 1 
ATOM   11   N N   . ALA A 1 5  ? -10.785 5.141   3.322   1.00 24.48 ? 4   ALA A N   1 
ATOM   12   C CA  . ALA A 1 5  ? -10.397 3.999   4.140   1.00 22.05 ? 4   ALA A CA  1 
ATOM   13   C C   . ALA A 1 5  ? -11.005 2.720   3.554   1.00 22.10 ? 4   ALA A C   1 
ATOM   14   O O   . ALA A 1 5  ? -12.120 2.762   2.958   1.00 19.24 ? 4   ALA A O   1 
ATOM   15   C CB  . ALA A 1 5  ? -10.812 4.227   5.602   1.00 28.28 ? 4   ALA A CB  1 
ATOM   16   N N   . PHE A 1 6  ? -10.284 1.615   3.775   1.00 21.95 ? 5   PHE A N   1 
ATOM   17   C CA  . PHE A 1 6  ? -10.670 0.295   3.277   1.00 19.21 ? 5   PHE A CA  1 
ATOM   18   C C   . PHE A 1 6  ? -11.980 -0.144  3.920   1.00 19.52 ? 5   PHE A C   1 
ATOM   19   O O   . PHE A 1 6  ? -12.114 0.003   5.139   1.00 19.43 ? 5   PHE A O   1 
ATOM   20   C CB  . PHE A 1 6  ? -9.702  -0.862  3.512   1.00 21.88 ? 5   PHE A CB  1 
ATOM   21   C CG  . PHE A 1 6  ? -8.463  -0.738  2.631   1.00 21.91 ? 5   PHE A CG  1 
ATOM   22   C CD1 . PHE A 1 6  ? -7.228  -0.376  3.151   1.00 24.28 ? 5   PHE A CD1 1 
ATOM   23   C CD2 . PHE A 1 6  ? -8.580  -1.025  1.274   1.00 18.88 ? 5   PHE A CD2 1 
ATOM   24   C CE1 . PHE A 1 6  ? -6.113  -0.301  2.318   1.00 22.38 ? 5   PHE A CE1 1 
ATOM   25   C CE2 . PHE A 1 6  ? -7.455  -0.968  0.458   1.00 20.70 ? 5   PHE A CE2 1 
ATOM   26   C CZ  . PHE A 1 6  ? -6.249  -0.537  0.968   1.00 21.45 ? 5   PHE A CZ  1 
ATOM   27   N N   . LYS A 1 7  ? -12.868 -0.771  3.126   1.00 16.07 ? 6   LYS A N   1 
ATOM   28   C CA  . LYS A 1 7  ? -14.188 -1.192  3.579   1.00 17.64 ? 6   LYS A CA  1 
ATOM   29   C C   . LYS A 1 7  ? -14.428 -2.594  3.074   1.00 15.78 ? 6   LYS A C   1 
ATOM   30   O O   . LYS A 1 7  ? -13.704 -3.034  2.163   1.00 19.38 ? 6   LYS A O   1 
ATOM   31   C CB  . LYS A 1 7  ? -15.275 -0.180  3.249   1.00 23.10 ? 6   LYS A CB  1 
ATOM   32   C CG  . LYS A 1 7  ? -15.680 0.021   1.850   1.00 29.49 ? 6   LYS A CG  1 
ATOM   33   C CD  . LYS A 1 7  ? -16.635 1.219   1.883   1.00 33.65 ? 6   LYS A CD  1 
ATOM   34   C CE  . LYS A 1 7  ? -17.282 1.427   0.569   1.00 36.93 ? 6   LYS A CE  1 
ATOM   35   N NZ  . LYS A 1 7  ? -16.328 1.941   -0.410  1.00 37.14 ? 6   LYS A NZ  1 
ATOM   36   N N   . PRO A 1 8  ? -15.357 -3.351  3.694   1.00 17.80 ? 7   PRO A N   1 
ATOM   37   C CA  . PRO A 1 8  ? -15.623 -4.733  3.293   1.00 13.98 ? 7   PRO A CA  1 
ATOM   38   C C   . PRO A 1 8  ? -15.995 -4.692  1.827   1.00 16.41 ? 7   PRO A C   1 
ATOM   39   O O   . PRO A 1 8  ? -16.735 -3.812  1.393   1.00 18.37 ? 7   PRO A O   1 
ATOM   40   C CB  . PRO A 1 8  ? -16.764 -5.177  4.271   1.00 15.40 ? 7   PRO A CB  1 
ATOM   41   C CG  . PRO A 1 8  ? -16.389 -4.352  5.489   1.00 16.83 ? 7   PRO A CG  1 
ATOM   42   C CD  . PRO A 1 8  ? -16.130 -2.955  4.892   1.00 20.95 ? 7   PRO A CD  1 
ATOM   43   N N   . GLY A 1 9  ? -15.504 -5.671  1.109   1.00 13.55 ? 8   GLY A N   1 
ATOM   44   C CA  . GLY A 1 9  ? -15.793 -5.831  -0.294  1.00 16.01 ? 8   GLY A CA  1 
ATOM   45   C C   . GLY A 1 9  ? -14.673 -5.288  -1.186  1.00 15.03 ? 8   GLY A C   1 
ATOM   46   O O   . GLY A 1 9  ? -14.585 -5.665  -2.368  1.00 16.52 ? 8   GLY A O   1 
ATOM   47   N N   . ASP A 1 10 ? -13.817 -4.378  -0.654  1.00 16.91 ? 9   ASP A N   1 
ATOM   48   C CA  . ASP A 1 10 ? -12.700 -3.827  -1.425  1.00 14.41 ? 9   ASP A CA  1 
ATOM   49   C C   . ASP A 1 10 ? -11.793 -4.978  -1.912  1.00 13.56 ? 9   ASP A C   1 
ATOM   50   O O   . ASP A 1 10 ? -11.416 -5.843  -1.109  1.00 13.33 ? 9   ASP A O   1 
ATOM   51   C CB  . ASP A 1 10 ? -11.935 -2.774  -0.633  1.00 12.51 ? 9   ASP A CB  1 
ATOM   52   C CG  . ASP A 1 10 ? -12.649 -1.429  -0.508  1.00 15.65 ? 9   ASP A CG  1 
ATOM   53   O OD1 . ASP A 1 10 ? -13.654 -1.228  -1.241  1.00 14.38 ? 9   ASP A OD1 1 
ATOM   54   O OD2 . ASP A 1 10 ? -12.169 -0.613  0.306   1.00 20.39 ? 9   ASP A OD2 1 
ATOM   55   N N   . LEU A 1 11 ? -11.349 -4.885  -3.183  1.00 17.08 ? 10  LEU A N   1 
ATOM   56   C CA  . LEU A 1 11 ? -10.447 -5.852  -3.742  1.00 13.16 ? 10  LEU A CA  1 
ATOM   57   C C   . LEU A 1 11 ? -9.016  -5.313  -3.735  1.00 16.02 ? 10  LEU A C   1 
ATOM   58   O O   . LEU A 1 11 ? -8.765  -4.148  -4.084  1.00 13.65 ? 10  LEU A O   1 
ATOM   59   C CB  . LEU A 1 11 ? -10.889 -6.182  -5.178  1.00 13.43 ? 10  LEU A CB  1 
ATOM   60   C CG  . LEU A 1 11 ? -12.361 -6.681  -5.289  1.00 12.86 ? 10  LEU A CG  1 
ATOM   61   C CD1 . LEU A 1 11 ? -12.773 -6.861  -6.714  1.00 13.36 ? 10  LEU A CD1 1 
ATOM   62   C CD2 . LEU A 1 11 ? -12.669 -7.925  -4.400  1.00 13.23 ? 10  LEU A CD2 1 
ATOM   63   N N   . VAL A 1 12 ? -8.093  -6.175  -3.327  1.00 18.64 ? 11  VAL A N   1 
ATOM   64   C CA  . VAL A 1 12 ? -6.725  -5.782  -3.116  1.00 18.70 ? 11  VAL A CA  1 
ATOM   65   C C   . VAL A 1 12 ? -5.777  -6.891  -3.577  1.00 21.08 ? 11  VAL A C   1 
ATOM   66   O O   . VAL A 1 12 ? -6.166  -8.055  -3.806  1.00 20.16 ? 11  VAL A O   1 
ATOM   67   C CB  . VAL A 1 12 ? -6.501  -5.429  -1.620  1.00 20.67 ? 11  VAL A CB  1 
ATOM   68   C CG1 . VAL A 1 12 ? -7.473  -4.381  -1.124  1.00 20.68 ? 11  VAL A CG1 1 
ATOM   69   C CG2 . VAL A 1 12 ? -6.521  -6.690  -0.742  1.00 21.22 ? 11  VAL A CG2 1 
ATOM   70   N N   . PHE A 1 13 ? -4.495  -6.523  -3.641  1.00 15.99 ? 12  PHE A N   1 
ATOM   71   C CA  . PHE A 1 13 ? -3.438  -7.474  -3.352  1.00 14.53 ? 12  PHE A CA  1 
ATOM   72   C C   . PHE A 1 13 ? -2.951  -7.252  -1.922  1.00 15.85 ? 12  PHE A C   1 
ATOM   73   O O   . PHE A 1 13 ? -2.779  -6.117  -1.484  1.00 17.48 ? 12  PHE A O   1 
ATOM   74   C CB  . PHE A 1 13 ? -2.202  -7.415  -4.276  1.00 14.87 ? 12  PHE A CB  1 
ATOM   75   C CG  . PHE A 1 13 ? -2.520  -7.791  -5.732  1.00 15.01 ? 12  PHE A CG  1 
ATOM   76   C CD1 . PHE A 1 13 ? -2.436  -9.124  -6.142  1.00 15.69 ? 12  PHE A CD1 1 
ATOM   77   C CD2 . PHE A 1 13 ? -2.973  -6.841  -6.645  1.00 16.05 ? 12  PHE A CD2 1 
ATOM   78   C CE1 . PHE A 1 13 ? -2.782  -9.511  -7.423  1.00 19.46 ? 12  PHE A CE1 1 
ATOM   79   C CE2 . PHE A 1 13 ? -3.296  -7.222  -7.936  1.00 19.20 ? 12  PHE A CE2 1 
ATOM   80   C CZ  . PHE A 1 13 ? -3.204  -8.561  -8.314  1.00 16.18 ? 12  PHE A CZ  1 
ATOM   81   N N   . ALA A 1 14 ? -2.732  -8.369  -1.221  1.00 13.94 ? 13  ALA A N   1 
ATOM   82   C CA  . ALA A 1 14 ? -2.281  -8.396  0.166   1.00 13.17 ? 13  ALA A CA  1 
ATOM   83   C C   . ALA A 1 14 ? -0.881  -9.036  0.216   1.00 14.02 ? 13  ALA A C   1 
ATOM   84   O O   . ALA A 1 14 ? -0.713  -10.185 -0.226  1.00 17.67 ? 13  ALA A O   1 
ATOM   85   C CB  . ALA A 1 14 ? -3.326  -9.154  1.014   1.00 13.40 ? 13  ALA A CB  1 
ATOM   86   N N   . LYS A 1 15 ? -0.018  -8.480  1.061   1.00 14.27 ? 14  LYS A N   1 
ATOM   87   C CA  . LYS A 1 15 ? 1.293   -9.051  1.295   1.00 16.40 ? 14  LYS A CA  1 
ATOM   88   C C   . LYS A 1 15 ? 1.381   -9.615  2.706   1.00 17.84 ? 14  LYS A C   1 
ATOM   89   O O   . LYS A 1 15 ? 1.285   -8.926  3.707   1.00 17.56 ? 14  LYS A O   1 
ATOM   90   C CB  . LYS A 1 15 ? 2.352   -7.990  1.033   1.00 19.40 ? 14  LYS A CB  1 
ATOM   91   C CG  . LYS A 1 15 ? 3.738   -8.580  1.196   1.00 18.89 ? 14  LYS A CG  1 
ATOM   92   C CD  . LYS A 1 15 ? 4.135   -9.587  0.122   1.00 24.35 ? 14  LYS A CD  1 
ATOM   93   C CE  . LYS A 1 15 ? 5.609   -9.967  0.164   1.00 25.85 ? 14  LYS A CE  1 
ATOM   94   N NZ  . LYS A 1 15 ? 5.879   -11.157 0.975   1.00 30.47 ? 14  LYS A NZ  1 
ATOM   95   N N   . MET A 1 16 ? 1.661   -10.928 2.741   1.00 18.87 ? 15  MET A N   1 
ATOM   96   C CA  . MET A 1 16 ? 2.147   -11.647 3.901   1.00 25.02 ? 15  MET A CA  1 
ATOM   97   C C   . MET A 1 16 ? 3.620   -11.999 3.670   1.00 26.61 ? 15  MET A C   1 
ATOM   98   O O   . MET A 1 16 ? 3.969   -12.430 2.576   1.00 28.78 ? 15  MET A O   1 
ATOM   99   C CB  . MET A 1 16 ? 1.396   -12.978 3.994   1.00 23.54 ? 15  MET A CB  1 
ATOM   100  C CG  . MET A 1 16 ? -0.094  -12.899 4.219   1.00 26.68 ? 15  MET A CG  1 
ATOM   101  S SD  . MET A 1 16 ? -0.514  -12.193 5.815   1.00 27.47 ? 15  MET A SD  1 
ATOM   102  C CE  . MET A 1 16 ? 0.546   -13.103 6.949   1.00 21.33 ? 15  MET A CE  1 
ATOM   103  N N   . LYS A 1 17 ? 4.464   -11.985 4.728   1.00 27.37 ? 16  LYS A N   1 
ATOM   104  C CA  . LYS A 1 17 ? 5.824   -12.476 4.593   1.00 29.90 ? 16  LYS A CA  1 
ATOM   105  C C   . LYS A 1 17 ? 5.745   -13.919 4.105   1.00 26.25 ? 16  LYS A C   1 
ATOM   106  O O   . LYS A 1 17 ? 4.857   -14.667 4.496   1.00 26.66 ? 16  LYS A O   1 
ATOM   107  C CB  . LYS A 1 17 ? 6.649   -12.417 5.892   1.00 30.38 ? 16  LYS A CB  1 
ATOM   108  N N   . GLY A 1 18 ? 6.624   -14.291 3.188   1.00 28.08 ? 17  GLY A N   1 
ATOM   109  C CA  . GLY A 1 18 ? 6.688   -15.665 2.724   1.00 24.16 ? 17  GLY A CA  1 
ATOM   110  C C   . GLY A 1 18 ? 6.022   -15.872 1.367   1.00 27.05 ? 17  GLY A C   1 
ATOM   111  O O   . GLY A 1 18 ? 6.469   -16.700 0.581   1.00 32.49 ? 17  GLY A O   1 
ATOM   112  N N   . TYR A 1 19 ? 4.993   -15.056 1.081   1.00 26.18 ? 18  TYR A N   1 
ATOM   113  C CA  . TYR A 1 19 ? 4.147   -15.247 -0.089  1.00 21.94 ? 18  TYR A CA  1 
ATOM   114  C C   . TYR A 1 19 ? 4.289   -14.069 -1.054  1.00 22.26 ? 18  TYR A C   1 
ATOM   115  O O   . TYR A 1 19 ? 4.532   -12.935 -0.621  1.00 18.71 ? 18  TYR A O   1 
ATOM   116  C CB  . TYR A 1 19 ? 2.686   -15.275 0.378   1.00 21.15 ? 18  TYR A CB  1 
ATOM   117  C CG  . TYR A 1 19 ? 2.392   -16.401 1.354   1.00 21.62 ? 18  TYR A CG  1 
ATOM   118  C CD1 . TYR A 1 19 ? 1.945   -17.635 0.896   1.00 25.69 ? 18  TYR A CD1 1 
ATOM   119  C CD2 . TYR A 1 19 ? 2.679   -16.273 2.716   1.00 25.31 ? 18  TYR A CD2 1 
ATOM   120  C CE1 . TYR A 1 19 ? 1.694   -18.673 1.765   1.00 25.36 ? 18  TYR A CE1 1 
ATOM   121  C CE2 . TYR A 1 19 ? 2.512   -17.335 3.590   1.00 27.10 ? 18  TYR A CE2 1 
ATOM   122  C CZ  . TYR A 1 19 ? 1.974   -18.526 3.118   1.00 26.56 ? 18  TYR A CZ  1 
ATOM   123  O OH  . TYR A 1 19 ? 1.741   -19.592 3.948   1.00 28.65 ? 18  TYR A OH  1 
ATOM   124  N N   . PRO A 1 20 ? 4.051   -14.265 -2.372  1.00 19.65 ? 19  PRO A N   1 
ATOM   125  C CA  . PRO A 1 20 ? 3.935   -13.143 -3.298  1.00 18.75 ? 19  PRO A CA  1 
ATOM   126  C C   . PRO A 1 20 ? 2.679   -12.304 -2.987  1.00 17.71 ? 19  PRO A C   1 
ATOM   127  O O   . PRO A 1 20 ? 1.682   -12.807 -2.439  1.00 18.66 ? 19  PRO A O   1 
ATOM   128  C CB  . PRO A 1 20 ? 3.902   -13.903 -4.644  1.00 20.89 ? 19  PRO A CB  1 
ATOM   129  C CG  . PRO A 1 20 ? 3.222   -15.184 -4.289  1.00 21.50 ? 19  PRO A CG  1 
ATOM   130  C CD  . PRO A 1 20 ? 4.014   -15.558 -3.066  1.00 22.47 ? 19  PRO A CD  1 
ATOM   131  N N   . HIS A 1 21 ? 2.713   -11.021 -3.353  1.00 20.12 ? 20  HIS A N   1 
ATOM   132  C CA  . HIS A 1 21 ? 1.514   -10.204 -3.168  1.00 18.05 ? 20  HIS A CA  1 
ATOM   133  C C   . HIS A 1 21 ? 0.339   -10.959 -3.779  1.00 17.76 ? 20  HIS A C   1 
ATOM   134  O O   . HIS A 1 21 ? 0.454   -11.408 -4.929  1.00 15.96 ? 20  HIS A O   1 
ATOM   135  C CB  . HIS A 1 21 ? 1.641   -8.861  -3.876  1.00 14.61 ? 20  HIS A CB  1 
ATOM   136  C CG  . HIS A 1 21 ? 2.564   -7.916  -3.209  1.00 18.28 ? 20  HIS A CG  1 
ATOM   137  N ND1 . HIS A 1 21 ? 3.940   -8.086  -3.281  1.00 17.99 ? 20  HIS A ND1 1 
ATOM   138  C CD2 . HIS A 1 21 ? 2.354   -6.719  -2.554  1.00 13.42 ? 20  HIS A CD2 1 
ATOM   139  C CE1 . HIS A 1 21 ? 4.524   -7.021  -2.742  1.00 19.98 ? 20  HIS A CE1 1 
ATOM   140  N NE2 . HIS A 1 21 ? 3.571   -6.215  -2.250  1.00 16.68 ? 20  HIS A NE2 1 
ATOM   141  N N   . TRP A 1 22 ? -0.803  -11.035 -3.078  1.00 13.40 ? 21  TRP A N   1 
ATOM   142  C CA  . TRP A 1 22 ? -1.786  -12.095 -3.259  1.00 16.03 ? 21  TRP A CA  1 
ATOM   143  C C   . TRP A 1 22 ? -3.180  -11.517 -3.502  1.00 14.62 ? 21  TRP A C   1 
ATOM   144  O O   . TRP A 1 22 ? -3.636  -10.643 -2.709  1.00 12.78 ? 21  TRP A O   1 
ATOM   145  C CB  . TRP A 1 22 ? -1.759  -13.053 -2.080  1.00 18.31 ? 21  TRP A CB  1 
ATOM   146  C CG  . TRP A 1 22 ? -2.379  -14.384 -2.401  1.00 15.73 ? 21  TRP A CG  1 
ATOM   147  C CD1 . TRP A 1 22 ? -3.693  -14.695 -2.593  1.00 16.35 ? 21  TRP A CD1 1 
ATOM   148  C CD2 . TRP A 1 22 ? -1.657  -15.613 -2.553  1.00 14.39 ? 21  TRP A CD2 1 
ATOM   149  N NE1 . TRP A 1 22 ? -3.850  -16.057 -2.727  1.00 14.42 ? 21  TRP A NE1 1 
ATOM   150  C CE2 . TRP A 1 22 ? -2.613  -16.637 -2.741  1.00 15.70 ? 21  TRP A CE2 1 
ATOM   151  C CE3 . TRP A 1 22 ? -0.307  -15.989 -2.384  1.00 16.54 ? 21  TRP A CE3 1 
ATOM   152  C CZ2 . TRP A 1 22 ? -2.229  -17.987 -2.839  1.00 15.66 ? 21  TRP A CZ2 1 
ATOM   153  C CZ3 . TRP A 1 22 ? 0.062   -17.315 -2.500  1.00 15.20 ? 21  TRP A CZ3 1 
ATOM   154  C CH2 . TRP A 1 22 ? -0.900  -18.297 -2.726  1.00 18.97 ? 21  TRP A CH2 1 
ATOM   155  N N   . PRO A 1 23 ? -3.914  -11.970 -4.560  1.00 14.62 ? 22  PRO A N   1 
ATOM   156  C CA  . PRO A 1 23 ? -5.303  -11.515 -4.751  1.00 15.03 ? 22  PRO A CA  1 
ATOM   157  C C   . PRO A 1 23 ? -6.134  -11.820 -3.515  1.00 13.50 ? 22  PRO A C   1 
ATOM   158  O O   . PRO A 1 23 ? -6.133  -12.949 -3.034  1.00 20.47 ? 22  PRO A O   1 
ATOM   159  C CB  . PRO A 1 23 ? -5.859  -12.310 -5.947  1.00 15.23 ? 22  PRO A CB  1 
ATOM   160  C CG  . PRO A 1 23 ? -4.929  -13.537 -5.987  1.00 14.77 ? 22  PRO A CG  1 
ATOM   161  C CD  . PRO A 1 23 ? -3.594  -13.055 -5.531  1.00 14.55 ? 22  PRO A CD  1 
ATOM   162  N N   . ALA A 1 24 ? -6.849  -10.794 -3.041  1.00 14.03 ? 23  ALA A N   1 
ATOM   163  C CA  . ALA A 1 24 ? -7.613  -10.906 -1.789  1.00 11.89 ? 23  ALA A CA  1 
ATOM   164  C C   . ALA A 1 24 ? -8.676  -9.827  -1.722  1.00 12.61 ? 23  ALA A C   1 
ATOM   165  O O   . ALA A 1 24 ? -8.813  -9.044  -2.628  1.00 13.50 ? 23  ALA A O   1 
ATOM   166  C CB  . ALA A 1 24 ? -6.678  -10.767 -0.571  1.00 12.62 ? 23  ALA A CB  1 
ATOM   167  N N   . ARG A 1 25 ? -9.496  -9.921  -0.674  1.00 12.27 ? 24  ARG A N   1 
ATOM   168  C CA  . ARG A 1 25 ? -10.477 -8.906  -0.404  1.00 13.37 ? 24  ARG A CA  1 
ATOM   169  C C   . ARG A 1 25 ? -10.662 -8.700  1.074   1.00 13.01 ? 24  ARG A C   1 
ATOM   170  O O   . ARG A 1 25 ? -10.302 -9.529  1.887   1.00 14.57 ? 24  ARG A O   1 
ATOM   171  C CB  . ARG A 1 25 ? -11.834 -9.199  -1.017  1.00 16.00 ? 24  ARG A CB  1 
ATOM   172  C CG  . ARG A 1 25 ? -12.547 -10.344 -0.329  1.00 16.97 ? 24  ARG A CG  1 
ATOM   173  C CD  . ARG A 1 25 ? -13.949 -10.883 -0.827  1.00 16.39 ? 24  ARG A CD  1 
ATOM   174  N NE  . ARG A 1 25 ? -14.339 -12.076 -0.063  1.00 19.57 ? 24  ARG A NE  1 
ATOM   175  C CZ  . ARG A 1 25 ? -15.057 -13.112 -0.471  1.00 21.78 ? 24  ARG A CZ  1 
ATOM   176  N NH1 . ARG A 1 25 ? -15.597 -13.102 -1.666  1.00 20.44 ? 24  ARG A NH1 1 
ATOM   177  N NH2 . ARG A 1 25 ? -15.285 -14.177 0.311   1.00 23.17 ? 24  ARG A NH2 1 
ATOM   178  N N   . ILE A 1 26 ? -11.162 -7.492  1.342   1.00 14.42 ? 25  ILE A N   1 
ATOM   179  C CA  . ILE A 1 26 ? -11.521 -7.125  2.699   1.00 14.60 ? 25  ILE A CA  1 
ATOM   180  C C   . ILE A 1 26 ? -12.848 -7.803  3.043   1.00 13.09 ? 25  ILE A C   1 
ATOM   181  O O   . ILE A 1 26 ? -13.822 -7.610  2.326   1.00 14.17 ? 25  ILE A O   1 
ATOM   182  C CB  . ILE A 1 26 ? -11.626 -5.607  2.828   1.00 14.52 ? 25  ILE A CB  1 
ATOM   183  C CG1 . ILE A 1 26 ? -10.348 -4.889  2.322   1.00 14.42 ? 25  ILE A CG1 1 
ATOM   184  C CG2 . ILE A 1 26 ? -12.013 -5.205  4.241   1.00 15.97 ? 25  ILE A CG2 1 
ATOM   185  C CD1 . ILE A 1 26 ? -9.121  -5.157  3.145   1.00 17.54 ? 25  ILE A CD1 1 
ATOM   186  N N   . ASP A 1 27 ? -12.853 -8.550  4.167   1.00 16.94 ? 26  ASP A N   1 
ATOM   187  C CA  . ASP A 1 27 ? -14.097 -9.147  4.648   1.00 18.45 ? 26  ASP A CA  1 
ATOM   188  C C   . ASP A 1 27 ? -14.741 -8.412  5.826   1.00 21.28 ? 26  ASP A C   1 
ATOM   189  O O   . ASP A 1 27 ? -14.052 -7.688  6.526   1.00 20.19 ? 26  ASP A O   1 
ATOM   190  C CB  . ASP A 1 27 ? -13.896 -10.621 4.928   1.00 20.10 ? 26  ASP A CB  1 
ATOM   191  C CG  . ASP A 1 27 ? -14.103 -11.574 3.755   1.00 17.47 ? 26  ASP A CG  1 
ATOM   192  O OD1 . ASP A 1 27 ? -14.201 -11.090 2.609   1.00 22.13 ? 26  ASP A OD1 1 
ATOM   193  O OD2 . ASP A 1 27 ? -14.011 -12.784 3.991   1.00 21.85 ? 26  ASP A OD2 1 
ATOM   194  N N   . ASP A 1 28 ? -16.080 -8.637  5.980   1.00 20.25 ? 27  ASP A N   1 
ATOM   195  C CA  . ASP A 1 28 ? -16.861 -8.232  7.149   1.00 21.68 ? 27  ASP A CA  1 
ATOM   196  C C   . ASP A 1 28 ? -16.479 -9.212  8.239   1.00 19.86 ? 27  ASP A C   1 
ATOM   197  O O   . ASP A 1 28 ? -16.138 -10.338 7.888   1.00 18.69 ? 27  ASP A O   1 
ATOM   198  C CB  . ASP A 1 28 ? -18.366 -8.380  6.918   1.00 22.17 ? 27  ASP A CB  1 
ATOM   199  C CG  . ASP A 1 28 ? -18.950 -7.682  5.699   1.00 23.69 ? 27  ASP A CG  1 
ATOM   200  O OD1 . ASP A 1 28 ? -18.982 -8.306  4.615   1.00 32.88 ? 27  ASP A OD1 1 
ATOM   201  O OD2 . ASP A 1 28 ? -19.349 -6.512  5.826   1.00 28.88 ? 27  ASP A OD2 1 
ATOM   202  N N   . ILE A 1 29 ? -16.581 -8.780  9.497   1.00 22.50 ? 28  ILE A N   1 
ATOM   203  C CA  . ILE A 1 29 ? -16.177 -9.592  10.627  1.00 25.31 ? 28  ILE A CA  1 
ATOM   204  C C   . ILE A 1 29 ? -17.386 -10.476 10.950  1.00 25.81 ? 28  ILE A C   1 
ATOM   205  O O   . ILE A 1 29 ? -18.515 -9.978  10.954  1.00 27.95 ? 28  ILE A O   1 
ATOM   206  C CB  . ILE A 1 29 ? -15.725 -8.722  11.818  1.00 26.04 ? 28  ILE A CB  1 
ATOM   207  C CG1 . ILE A 1 29 ? -14.457 -7.857  11.547  1.00 26.18 ? 28  ILE A CG1 1 
ATOM   208  C CG2 . ILE A 1 29 ? -15.500 -9.617  13.018  1.00 27.62 ? 28  ILE A CG2 1 
ATOM   209  C CD1 . ILE A 1 29 ? -14.492 -6.484  12.204  1.00 29.35 ? 28  ILE A CD1 1 
ATOM   210  N N   . ALA A 1 30 ? -17.158 -11.780 11.143  1.00 23.00 ? 29  ALA A N   1 
ATOM   211  C CA  . ALA A 1 30 ? -18.206 -12.738 11.491  1.00 24.03 ? 29  ALA A CA  1 
ATOM   212  C C   . ALA A 1 30 ? -18.757 -12.407 12.878  1.00 24.06 ? 29  ALA A C   1 
ATOM   213  O O   . ALA A 1 30 ? -18.006 -12.017 13.786  1.00 20.75 ? 29  ALA A O   1 
ATOM   214  C CB  . ALA A 1 30 ? -17.680 -14.161 11.430  1.00 26.90 ? 29  ALA A CB  1 
ATOM   215  N N   . ASP A 1 31 ? -20.066 -12.688 13.074  1.00 26.42 ? 30  ASP A N   1 
ATOM   216  C CA  . ASP A 1 31 ? -20.801 -12.256 14.253  1.00 35.91 ? 30  ASP A CA  1 
ATOM   217  C C   . ASP A 1 31 ? -19.992 -12.426 15.536  1.00 33.80 ? 30  ASP A C   1 
ATOM   218  O O   . ASP A 1 31 ? -19.926 -11.480 16.325  1.00 44.93 ? 30  ASP A O   1 
ATOM   219  C CB  . ASP A 1 31 ? -22.124 -13.002 14.381  1.00 36.30 ? 30  ASP A CB  1 
ATOM   220  C CG  . ASP A 1 31 ? -23.402 -12.191 14.198  1.00 42.82 ? 30  ASP A CG  1 
ATOM   221  O OD1 . ASP A 1 31 ? -23.334 -10.945 14.265  1.00 40.68 ? 30  ASP A OD1 1 
ATOM   222  O OD2 . ASP A 1 31 ? -24.475 -12.815 14.030  1.00 46.11 ? 30  ASP A OD2 1 
ATOM   223  N N   . GLY A 1 32 ? -19.473 -13.653 15.752  1.00 27.57 ? 31  GLY A N   1 
ATOM   224  C CA  . GLY A 1 32 ? -18.778 -14.041 16.984  1.00 27.12 ? 31  GLY A CA  1 
ATOM   225  C C   . GLY A 1 32 ? -17.267 -14.198 16.808  1.00 25.07 ? 31  GLY A C   1 
ATOM   226  O O   . GLY A 1 32 ? -16.591 -14.896 17.560  1.00 25.28 ? 31  GLY A O   1 
ATOM   227  N N   . ALA A 1 33 ? -16.718 -13.659 15.720  1.00 21.79 ? 32  ALA A N   1 
ATOM   228  C CA  . ALA A 1 33 ? -15.324 -13.955 15.451  1.00 20.52 ? 32  ALA A CA  1 
ATOM   229  C C   . ALA A 1 33 ? -14.357 -12.980 16.136  1.00 18.21 ? 32  ALA A C   1 
ATOM   230  O O   . ALA A 1 33 ? -14.682 -11.887 16.579  1.00 22.38 ? 32  ALA A O   1 
ATOM   231  C CB  . ALA A 1 33 ? -15.142 -14.016 13.965  1.00 23.14 ? 32  ALA A CB  1 
ATOM   232  N N   . VAL A 1 34 ? -13.089 -13.376 16.193  1.00 15.70 ? 33  VAL A N   1 
ATOM   233  C CA  . VAL A 1 34 ? -12.016 -12.590 16.771  1.00 15.97 ? 33  VAL A CA  1 
ATOM   234  C C   . VAL A 1 34 ? -11.967 -11.252 16.032  1.00 15.91 ? 33  VAL A C   1 
ATOM   235  O O   . VAL A 1 34 ? -12.054 -11.210 14.820  1.00 16.97 ? 33  VAL A O   1 
ATOM   236  C CB  . VAL A 1 34 ? -10.617 -13.222 16.753  1.00 18.87 ? 33  VAL A CB  1 
ATOM   237  C CG1 . VAL A 1 34 ? -9.568  -12.239 17.255  1.00 18.69 ? 33  VAL A CG1 1 
ATOM   238  C CG2 . VAL A 1 34 ? -10.598 -14.530 17.524  1.00 18.09 ? 33  VAL A CG2 1 
ATOM   239  N N   . LYS A 1 35 ? -11.849 -10.151 16.745  1.00 18.46 ? 34  LYS A N   1 
ATOM   240  C CA  . LYS A 1 35 ? -11.748 -8.840  16.107  1.00 20.92 ? 34  LYS A CA  1 
ATOM   241  C C   . LYS A 1 35 ? -10.292 -8.592  15.698  1.00 17.38 ? 34  LYS A C   1 
ATOM   242  O O   . LYS A 1 35 ? -9.343  -8.933  16.431  1.00 17.20 ? 34  LYS A O   1 
ATOM   243  C CB  . LYS A 1 35 ? -12.311 -7.778  17.052  1.00 25.72 ? 34  LYS A CB  1 
ATOM   244  C CG  . LYS A 1 35 ? -12.957 -6.579  16.354  1.00 27.24 ? 34  LYS A CG  1 
ATOM   245  C CD  . LYS A 1 35 ? -14.445 -6.736  16.033  1.00 34.58 ? 34  LYS A CD  1 
ATOM   246  C CE  . LYS A 1 35 ? -15.076 -5.400  15.794  1.00 36.62 ? 34  LYS A CE  1 
ATOM   247  N NZ  . LYS A 1 35 ? -16.540 -5.387  15.808  1.00 43.81 ? 34  LYS A NZ  1 
ATOM   248  N N   . PRO A 1 36 ? -10.035 -7.981  14.514  1.00 18.68 ? 35  PRO A N   1 
ATOM   249  C CA  . PRO A 1 36 ? -8.635  -7.671  14.186  1.00 17.89 ? 35  PRO A CA  1 
ATOM   250  C C   . PRO A 1 36 ? -7.917  -6.745  15.183  1.00 24.59 ? 35  PRO A C   1 
ATOM   251  O O   . PRO A 1 36 ? -8.581  -5.927  15.822  1.00 24.92 ? 35  PRO A O   1 
ATOM   252  C CB  . PRO A 1 36 ? -8.739  -7.000  12.786  1.00 20.60 ? 35  PRO A CB  1 
ATOM   253  C CG  . PRO A 1 36 ? -10.188 -7.185  12.270  1.00 19.65 ? 35  PRO A CG  1 
ATOM   254  C CD  . PRO A 1 36 ? -11.016 -7.555  13.486  1.00 19.11 ? 35  PRO A CD  1 
ATOM   255  N N   . PRO A 1 37 ? -6.554  -6.774  15.254  1.00 21.97 ? 36  PRO A N   1 
ATOM   256  C CA  . PRO A 1 37 ? -5.783  -5.784  16.016  1.00 23.12 ? 36  PRO A CA  1 
ATOM   257  C C   . PRO A 1 37 ? -6.063  -4.360  15.529  1.00 22.40 ? 36  PRO A C   1 
ATOM   258  O O   . PRO A 1 37 ? -6.567  -4.150  14.415  1.00 24.55 ? 36  PRO A O   1 
ATOM   259  C CB  . PRO A 1 37 ? -4.333  -6.181  15.865  1.00 25.93 ? 36  PRO A CB  1 
ATOM   260  C CG  . PRO A 1 37 ? -4.391  -7.618  15.380  1.00 24.91 ? 36  PRO A CG  1 
ATOM   261  C CD  . PRO A 1 37 ? -5.664  -7.733  14.578  1.00 23.64 ? 36  PRO A CD  1 
ATOM   262  N N   . PRO A 1 38 ? -5.703  -3.312  16.317  1.00 25.44 ? 37  PRO A N   1 
ATOM   263  C CA  . PRO A 1 38 ? -5.754  -1.927  15.827  1.00 24.28 ? 37  PRO A CA  1 
ATOM   264  C C   . PRO A 1 38 ? -5.278  -1.741  14.391  1.00 23.29 ? 37  PRO A C   1 
ATOM   265  O O   . PRO A 1 38 ? -4.262  -2.297  14.022  1.00 24.02 ? 37  PRO A O   1 
ATOM   266  C CB  . PRO A 1 38 ? -4.813  -1.252  16.831  1.00 25.07 ? 37  PRO A CB  1 
ATOM   267  C CG  . PRO A 1 38 ? -5.196  -1.915  18.125  1.00 26.07 ? 37  PRO A CG  1 
ATOM   268  C CD  . PRO A 1 38 ? -5.401  -3.385  17.756  1.00 22.47 ? 37  PRO A CD  1 
ATOM   269  N N   . ASN A 1 39 ? -6.045  -0.960  13.605  1.00 23.96 ? 38  ASN A N   1 
ATOM   270  C CA  . ASN A 1 39 ? -5.656  -0.602  12.246  1.00 24.63 ? 38  ASN A CA  1 
ATOM   271  C C   . ASN A 1 39 ? -5.373  -1.854  11.420  1.00 21.91 ? 38  ASN A C   1 
ATOM   272  O O   . ASN A 1 39 ? -4.489  -1.837  10.535  1.00 21.11 ? 38  ASN A O   1 
ATOM   273  C CB  . ASN A 1 39 ? -4.458  0.349   12.196  1.00 25.07 ? 38  ASN A CB  1 
ATOM   274  C CG  . ASN A 1 39 ? -4.351  1.105   10.877  1.00 31.47 ? 38  ASN A CG  1 
ATOM   275  O OD1 . ASN A 1 39 ? -5.363  1.375   10.216  1.00 28.45 ? 38  ASN A OD1 1 
ATOM   276  N ND2 . ASN A 1 39 ? -3.152  1.529   10.501  1.00 38.63 ? 38  ASN A ND2 1 
ATOM   277  N N   . LYS A 1 40 ? -6.183  -2.903  11.633  1.00 17.70 ? 39  LYS A N   1 
ATOM   278  C CA  . LYS A 1 40 ? -6.012  -4.131  10.887  1.00 18.81 ? 39  LYS A CA  1 
ATOM   279  C C   . LYS A 1 40 ? -7.386  -4.601  10.389  1.00 19.50 ? 39  LYS A C   1 
ATOM   280  O O   . LYS A 1 40 ? -8.411  -4.268  10.970  1.00 15.76 ? 39  LYS A O   1 
ATOM   281  C CB  . LYS A 1 40 ? -5.258  -5.240  11.637  1.00 18.07 ? 39  LYS A CB  1 
ATOM   282  C CG  . LYS A 1 40 ? -3.711  -5.208  11.693  1.00 17.92 ? 39  LYS A CG  1 
ATOM   283  C CD  . LYS A 1 40 ? -2.933  -6.490  12.026  1.00 21.60 ? 39  LYS A CD  1 
ATOM   284  C CE  . LYS A 1 40 ? -1.427  -6.350  11.921  1.00 25.11 ? 39  LYS A CE  1 
ATOM   285  N NZ  . LYS A 1 40 ? -0.872  -5.341  12.802  1.00 27.40 ? 39  LYS A NZ  1 
ATOM   286  N N   . TYR A 1 41 ? -7.373  -5.318  9.261   1.00 17.71 ? 40  TYR A N   1 
ATOM   287  C CA  . TYR A 1 41 ? -8.579  -5.872  8.636   1.00 15.39 ? 40  TYR A CA  1 
ATOM   288  C C   . TYR A 1 41 ? -8.527  -7.385  8.475   1.00 15.24 ? 40  TYR A C   1 
ATOM   289  O O   . TYR A 1 41 ? -7.464  -7.974  8.251   1.00 15.16 ? 40  TYR A O   1 
ATOM   290  C CB  . TYR A 1 41 ? -8.889  -5.178  7.288   1.00 16.13 ? 40  TYR A CB  1 
ATOM   291  C CG  . TYR A 1 41 ? -8.803  -3.668  7.321   1.00 17.85 ? 40  TYR A CG  1 
ATOM   292  C CD1 . TYR A 1 41 ? -7.582  -2.988  7.431   1.00 18.53 ? 40  TYR A CD1 1 
ATOM   293  C CD2 . TYR A 1 41 ? -9.975  -2.951  7.355   1.00 18.71 ? 40  TYR A CD2 1 
ATOM   294  C CE1 . TYR A 1 41 ? -7.556  -1.605  7.543   1.00 23.22 ? 40  TYR A CE1 1 
ATOM   295  C CE2 . TYR A 1 41 ? -9.958  -1.573  7.478   1.00 25.03 ? 40  TYR A CE2 1 
ATOM   296  C CZ  . TYR A 1 41 ? -8.753  -0.907  7.552   1.00 22.18 ? 40  TYR A CZ  1 
ATOM   297  O OH  . TYR A 1 41 ? -8.822  0.453   7.674   1.00 30.70 ? 40  TYR A OH  1 
ATOM   298  N N   . PRO A 1 42 ? -9.733  -8.033  8.378   1.00 15.53 ? 41  PRO A N   1 
ATOM   299  C CA  . PRO A 1 42 ? -9.858  -9.436  7.988   1.00 17.54 ? 41  PRO A CA  1 
ATOM   300  C C   . PRO A 1 42 ? -9.740  -9.434  6.473   1.00 15.34 ? 41  PRO A C   1 
ATOM   301  O O   . PRO A 1 42 ? -10.628 -8.921  5.755   1.00 15.60 ? 41  PRO A O   1 
ATOM   302  C CB  . PRO A 1 42 ? -11.220 -9.933  8.446   1.00 17.22 ? 41  PRO A CB  1 
ATOM   303  C CG  . PRO A 1 42 ? -12.013 -8.654  8.697   1.00 19.08 ? 41  PRO A CG  1 
ATOM   304  C CD  . PRO A 1 42 ? -11.036 -7.491  8.751   1.00 17.30 ? 41  PRO A CD  1 
ATOM   305  N N   . ILE A 1 43 ? -8.631  -10.014 6.046   1.00 15.74 ? 42  ILE A N   1 
ATOM   306  C CA  . ILE A 1 43 ? -8.344  -10.174 4.626   1.00 15.78 ? 42  ILE A CA  1 
ATOM   307  C C   . ILE A 1 43 ? -8.611  -11.625 4.259   1.00 12.34 ? 42  ILE A C   1 
ATOM   308  O O   . ILE A 1 43 ? -7.950  -12.535 4.792   1.00 15.32 ? 42  ILE A O   1 
ATOM   309  C CB  . ILE A 1 43 ? -6.878  -9.836  4.335   1.00 16.60 ? 42  ILE A CB  1 
ATOM   310  C CG1 . ILE A 1 43 ? -6.433  -8.490  4.916   1.00 16.66 ? 42  ILE A CG1 1 
ATOM   311  C CG2 . ILE A 1 43 ? -6.664  -9.873  2.843   1.00 17.87 ? 42  ILE A CG2 1 
ATOM   312  C CD1 . ILE A 1 43 ? -7.236  -7.372  4.300   1.00 16.56 ? 42  ILE A CD1 1 
ATOM   313  N N   . PHE A 1 44 ? -9.568  -11.817 3.339   1.00 12.10 ? 43  PHE A N   1 
ATOM   314  C CA  . PHE A 1 44 ? -9.854  -13.123 2.732   1.00 12.55 ? 43  PHE A CA  1 
ATOM   315  C C   . PHE A 1 44 ? -8.998  -13.337 1.446   1.00 11.11 ? 43  PHE A C   1 
ATOM   316  O O   . PHE A 1 44 ? -8.917  -12.504 0.554   1.00 13.86 ? 43  PHE A O   1 
ATOM   317  C CB  . PHE A 1 44 ? -11.335 -13.268 2.373   1.00 14.54 ? 43  PHE A CB  1 
ATOM   318  C CG  . PHE A 1 44 ? -11.723 -14.521 1.620   1.00 13.73 ? 43  PHE A CG  1 
ATOM   319  C CD1 . PHE A 1 44 ? -12.052 -15.651 2.335   1.00 15.02 ? 43  PHE A CD1 1 
ATOM   320  C CD2 . PHE A 1 44 ? -11.741 -14.560 0.238   1.00 15.33 ? 43  PHE A CD2 1 
ATOM   321  C CE1 . PHE A 1 44 ? -12.319 -16.844 1.729   1.00 12.95 ? 43  PHE A CE1 1 
ATOM   322  C CE2 . PHE A 1 44 ? -12.061 -15.757 -0.406  1.00 13.54 ? 43  PHE A CE2 1 
ATOM   323  C CZ  . PHE A 1 44 ? -12.439 -16.854 0.336   1.00 12.98 ? 43  PHE A CZ  1 
ATOM   324  N N   . PHE A 1 45 ? -8.156  -14.410 1.400   1.00 13.57 ? 44  PHE A N   1 
ATOM   325  C CA  . PHE A 1 45 ? -7.199  -14.628 0.326   1.00 15.73 ? 44  PHE A CA  1 
ATOM   326  C C   . PHE A 1 45 ? -7.855  -15.553 -0.703  1.00 15.09 ? 44  PHE A C   1 
ATOM   327  O O   . PHE A 1 45 ? -8.237  -16.686 -0.357  1.00 12.88 ? 44  PHE A O   1 
ATOM   328  C CB  . PHE A 1 45 ? -5.890  -15.263 0.802   1.00 14.84 ? 44  PHE A CB  1 
ATOM   329  C CG  . PHE A 1 45 ? -5.071  -14.351 1.689   1.00 14.69 ? 44  PHE A CG  1 
ATOM   330  C CD1 . PHE A 1 45 ? -3.931  -13.720 1.217   1.00 15.11 ? 44  PHE A CD1 1 
ATOM   331  C CD2 . PHE A 1 45 ? -5.541  -14.050 2.982   1.00 14.27 ? 44  PHE A CD2 1 
ATOM   332  C CE1 . PHE A 1 45 ? -3.232  -12.841 2.037   1.00 15.21 ? 44  PHE A CE1 1 
ATOM   333  C CE2 . PHE A 1 45 ? -4.872  -13.126 3.748   1.00 14.03 ? 44  PHE A CE2 1 
ATOM   334  C CZ  . PHE A 1 45 ? -3.674  -12.621 3.357   1.00 14.53 ? 44  PHE A CZ  1 
ATOM   335  N N   . PHE A 1 46 ? -8.068  -15.052 -1.942  1.00 14.94 ? 45  PHE A N   1 
ATOM   336  C CA  . PHE A 1 46 ? -8.614  -15.884 -3.021  1.00 15.45 ? 45  PHE A CA  1 
ATOM   337  C C   . PHE A 1 46 ? -7.718  -17.111 -3.249  1.00 13.75 ? 45  PHE A C   1 
ATOM   338  O O   . PHE A 1 46 ? -6.562  -17.152 -2.821  1.00 16.87 ? 45  PHE A O   1 
ATOM   339  C CB  . PHE A 1 46 ? -8.862  -15.108 -4.314  1.00 14.51 ? 45  PHE A CB  1 
ATOM   340  C CG  . PHE A 1 46 ? -9.927  -14.031 -4.123  1.00 13.83 ? 45  PHE A CG  1 
ATOM   341  C CD1 . PHE A 1 46 ? -11.302 -14.407 -4.100  1.00 11.09 ? 45  PHE A CD1 1 
ATOM   342  C CD2 . PHE A 1 46 ? -9.583  -12.670 -4.086  1.00 13.63 ? 45  PHE A CD2 1 
ATOM   343  C CE1 . PHE A 1 46 ? -12.303 -13.402 -3.899  1.00 11.84 ? 45  PHE A CE1 1 
ATOM   344  C CE2 . PHE A 1 46 ? -10.620 -11.695 -3.949  1.00 12.63 ? 45  PHE A CE2 1 
ATOM   345  C CZ  . PHE A 1 46 ? -11.935 -12.090 -3.815  1.00 10.46 ? 45  PHE A CZ  1 
ATOM   346  N N   . GLY A 1 47 ? -8.314  -18.145 -3.790  1.00 14.13 ? 46  GLY A N   1 
ATOM   347  C CA  . GLY A 1 47 ? -7.578  -19.345 -4.162  1.00 14.32 ? 46  GLY A CA  1 
ATOM   348  C C   . GLY A 1 47 ? -7.482  -20.297 -2.973  1.00 15.24 ? 46  GLY A C   1 
ATOM   349  O O   . GLY A 1 47 ? -8.054  -21.397 -3.022  1.00 16.72 ? 46  GLY A O   1 
ATOM   350  N N   . THR A 1 48 ? -6.737  -19.875 -1.926  1.00 15.44 ? 47  THR A N   1 
ATOM   351  C CA  . THR A 1 48 ? -6.588  -20.703 -0.737  1.00 18.20 ? 47  THR A CA  1 
ATOM   352  C C   . THR A 1 48 ? -7.742  -20.546 0.249   1.00 13.27 ? 47  THR A C   1 
ATOM   353  O O   . THR A 1 48 ? -7.909  -21.465 1.042   1.00 16.25 ? 47  THR A O   1 
ATOM   354  C CB  . THR A 1 48 ? -5.317  -20.372 0.020   1.00 19.48 ? 47  THR A CB  1 
ATOM   355  O OG1 . THR A 1 48 ? -5.601  -19.069 0.487   1.00 19.53 ? 47  THR A OG1 1 
ATOM   356  C CG2 . THR A 1 48 ? -4.073  -20.345 -0.826  1.00 17.77 ? 47  THR A CG2 1 
ATOM   357  N N   . HIS A 1 49 ? -8.469  -19.385 0.230   1.00 13.53 ? 48  HIS A N   1 
ATOM   358  C CA  . HIS A 1 49 ? -9.679  -19.112 0.978   1.00 17.23 ? 48  HIS A CA  1 
ATOM   359  C C   . HIS A 1 49 ? -9.359  -18.924 2.461   1.00 17.47 ? 48  HIS A C   1 
ATOM   360  O O   . HIS A 1 49 ? -10.257 -19.212 3.271   1.00 19.34 ? 48  HIS A O   1 
ATOM   361  C CB  . HIS A 1 49 ? -10.770 -20.165 0.718   1.00 14.16 ? 48  HIS A CB  1 
ATOM   362  C CG  . HIS A 1 49 ? -11.083 -20.350 -0.731  1.00 14.27 ? 48  HIS A CG  1 
ATOM   363  N ND1 . HIS A 1 49 ? -11.764 -21.494 -1.166  1.00 20.40 ? 48  HIS A ND1 1 
ATOM   364  C CD2 . HIS A 1 49 ? -10.858 -19.586 -1.814  1.00 18.18 ? 48  HIS A CD2 1 
ATOM   365  C CE1 . HIS A 1 49 ? -11.870 -21.388 -2.485  1.00 19.70 ? 48  HIS A CE1 1 
ATOM   366  N NE2 . HIS A 1 49 ? -11.360 -20.234 -2.891  1.00 21.12 ? 48  HIS A NE2 1 
ATOM   367  N N   . GLU A 1 50 ? -8.084  -18.593 2.780   1.00 16.61 ? 49  GLU A N   1 
ATOM   368  C CA  . GLU A 1 50 ? -7.726  -18.375 4.187   1.00 17.82 ? 49  GLU A CA  1 
ATOM   369  C C   . GLU A 1 50 ? -8.073  -16.924 4.509   1.00 15.39 ? 49  GLU A C   1 
ATOM   370  O O   . GLU A 1 50 ? -8.221  -16.084 3.626   1.00 16.55 ? 49  GLU A O   1 
ATOM   371  C CB  . GLU A 1 50 ? -6.287  -18.745 4.515   1.00 20.24 ? 49  GLU A CB  1 
ATOM   372  C CG  . GLU A 1 50 ? -5.915  -20.203 4.275   1.00 25.81 ? 49  GLU A CG  1 
ATOM   373  C CD  . GLU A 1 50 ? -6.687  -21.243 5.042   1.00 29.71 ? 49  GLU A CD  1 
ATOM   374  O OE1 . GLU A 1 50 ? -7.390  -20.876 5.973   1.00 25.08 ? 49  GLU A OE1 1 
ATOM   375  O OE2 . GLU A 1 50 ? -6.503  -22.435 4.771   1.00 29.48 ? 49  GLU A OE2 1 
ATOM   376  N N   . THR A 1 51 ? -8.234  -16.625 5.809   1.00 15.94 ? 50  THR A N   1 
ATOM   377  C CA  . THR A 1 51 ? -8.408  -15.244 6.235   1.00 15.06 ? 50  THR A CA  1 
ATOM   378  C C   . THR A 1 51 ? -7.328  -14.926 7.272   1.00 14.79 ? 50  THR A C   1 
ATOM   379  O O   . THR A 1 51 ? -6.903  -15.769 8.058   1.00 17.76 ? 50  THR A O   1 
ATOM   380  C CB  . THR A 1 51 ? -9.806  -15.012 6.802   1.00 12.53 ? 50  THR A CB  1 
ATOM   381  O OG1 . THR A 1 51 ? -10.838 -15.061 5.804   1.00 15.21 ? 50  THR A OG1 1 
ATOM   382  C CG2 . THR A 1 51 ? -9.887  -13.635 7.440   1.00 16.56 ? 50  THR A CG2 1 
ATOM   383  N N   . ALA A 1 52 ? -6.787  -13.727 7.237   1.00 15.68 ? 51  ALA A N   1 
ATOM   384  C CA  . ALA A 1 52 ? -5.750  -13.283 8.163   1.00 15.35 ? 51  ALA A CA  1 
ATOM   385  C C   . ALA A 1 52 ? -5.805  -11.772 8.278   1.00 15.72 ? 51  ALA A C   1 
ATOM   386  O O   . ALA A 1 52 ? -6.362  -11.150 7.373   1.00 18.24 ? 51  ALA A O   1 
ATOM   387  C CB  . ALA A 1 52 ? -4.369  -13.729 7.717   1.00 16.01 ? 51  ALA A CB  1 
ATOM   388  N N   . PHE A 1 53 ? -5.279  -11.247 9.396   1.00 14.41 ? 52  PHE A N   1 
ATOM   389  C CA  . PHE A 1 53 ? -5.359  -9.838  9.629   1.00 12.93 ? 52  PHE A CA  1 
ATOM   390  C C   . PHE A 1 53 ? -4.139  -9.116  9.078   1.00 16.15 ? 52  PHE A C   1 
ATOM   391  O O   . PHE A 1 53 ? -3.025  -9.473  9.378   1.00 17.27 ? 52  PHE A O   1 
ATOM   392  C CB  . PHE A 1 53 ? -5.411  -9.698  11.134  1.00 13.18 ? 52  PHE A CB  1 
ATOM   393  C CG  . PHE A 1 53 ? -6.644  -10.229 11.843  1.00 12.22 ? 52  PHE A CG  1 
ATOM   394  C CD1 . PHE A 1 53 ? -7.924  -10.226 11.255  1.00 12.23 ? 52  PHE A CD1 1 
ATOM   395  C CD2 . PHE A 1 53 ? -6.552  -10.742 13.141  1.00 12.97 ? 52  PHE A CD2 1 
ATOM   396  C CE1 . PHE A 1 53 ? -9.037  -10.696 11.956  1.00 13.89 ? 52  PHE A CE1 1 
ATOM   397  C CE2 . PHE A 1 53 ? -7.669  -11.256 13.801  1.00 13.67 ? 52  PHE A CE2 1 
ATOM   398  C CZ  . PHE A 1 53 ? -8.930  -11.180 13.219  1.00 14.28 ? 52  PHE A CZ  1 
ATOM   399  N N   . LEU A 1 54 ? -4.411  -7.990  8.404   1.00 16.14 ? 53  LEU A N   1 
ATOM   400  C CA  . LEU A 1 54 ? -3.349  -7.215  7.788   1.00 16.21 ? 53  LEU A CA  1 
ATOM   401  C C   . LEU A 1 54 ? -3.746  -5.759  7.942   1.00 14.95 ? 53  LEU A C   1 
ATOM   402  O O   . LEU A 1 54 ? -4.907  -5.417  8.086   1.00 21.27 ? 53  LEU A O   1 
ATOM   403  C CB  . LEU A 1 54 ? -3.098  -7.461  6.299   1.00 18.63 ? 53  LEU A CB  1 
ATOM   404  C CG  . LEU A 1 54 ? -2.423  -8.751  5.849   1.00 23.73 ? 53  LEU A CG  1 
ATOM   405  C CD1 . LEU A 1 54 ? -3.193  -9.937  6.301   1.00 24.59 ? 53  LEU A CD1 1 
ATOM   406  C CD2 . LEU A 1 54 ? -2.337  -8.704  4.343   1.00 24.14 ? 53  LEU A CD2 1 
ATOM   407  N N   . GLY A 1 55 ? -2.721  -4.910  7.944   1.00 13.77 ? 54  GLY A N   1 
ATOM   408  C CA  . GLY A 1 55 ? -2.907  -3.473  7.880   1.00 14.99 ? 54  GLY A CA  1 
ATOM   409  C C   . GLY A 1 55 ? -2.689  -2.912  6.482   1.00 14.64 ? 54  GLY A C   1 
ATOM   410  O O   . GLY A 1 55 ? -2.143  -3.527  5.578   1.00 14.53 ? 54  GLY A O   1 
ATOM   411  N N   . PRO A 1 56 ? -3.080  -1.643  6.264   1.00 13.93 ? 55  PRO A N   1 
ATOM   412  C CA  . PRO A 1 56 ? -2.994  -0.979  4.941   1.00 13.22 ? 55  PRO A CA  1 
ATOM   413  C C   . PRO A 1 56 ? -1.643  -0.925  4.213   1.00 10.59 ? 55  PRO A C   1 
ATOM   414  O O   . PRO A 1 56 ? -1.570  -0.903  2.995   1.00 12.48 ? 55  PRO A O   1 
ATOM   415  C CB  . PRO A 1 56 ? -3.542  0.442   5.302   1.00 12.10 ? 55  PRO A CB  1 
ATOM   416  C CG  . PRO A 1 56 ? -4.415  0.135   6.420   1.00 14.69 ? 55  PRO A CG  1 
ATOM   417  C CD  . PRO A 1 56 ? -3.639  -0.776  7.303   1.00 14.59 ? 55  PRO A CD  1 
ATOM   418  N N   . LYS A 1 57 ? -0.565  -0.914  5.024   1.00 12.07 ? 56  LYS A N   1 
ATOM   419  C CA  . LYS A 1 57 ? 0.770   -0.937  4.467   1.00 13.19 ? 56  LYS A CA  1 
ATOM   420  C C   . LYS A 1 57 ? 0.980   -2.179  3.591   1.00 14.49 ? 56  LYS A C   1 
ATOM   421  O O   . LYS A 1 57 ? 1.874   -2.182  2.730   1.00 14.89 ? 56  LYS A O   1 
ATOM   422  C CB  . LYS A 1 57 ? 1.819   -0.890  5.581   1.00 15.95 ? 56  LYS A CB  1 
ATOM   423  C CG  . LYS A 1 57 ? 1.845   -2.179  6.375   1.00 13.80 ? 56  LYS A CG  1 
ATOM   424  C CD  . LYS A 1 57 ? 2.990   -2.121  7.386   1.00 15.98 ? 56  LYS A CD  1 
ATOM   425  C CE  . LYS A 1 57 ? 3.401   -3.450  8.082   1.00 18.19 ? 56  LYS A CE  1 
ATOM   426  N NZ  . LYS A 1 57 ? 3.726   -4.447  7.042   1.00 21.04 ? 56  LYS A NZ  1 
ATOM   427  N N   . ASP A 1 58 ? 0.171   -3.256  3.829   1.00 16.76 ? 57  ASP A N   1 
ATOM   428  C CA  . ASP A 1 58 ? 0.329   -4.490  3.043   1.00 15.77 ? 57  ASP A CA  1 
ATOM   429  C C   . ASP A 1 58 ? -0.832  -4.678  2.061   1.00 18.07 ? 57  ASP A C   1 
ATOM   430  O O   . ASP A 1 58 ? -0.960  -5.743  1.473   1.00 19.82 ? 57  ASP A O   1 
ATOM   431  C CB  . ASP A 1 58 ? 0.393   -5.679  3.978   1.00 14.73 ? 57  ASP A CB  1 
ATOM   432  C CG  . ASP A 1 58 ? 1.613   -5.624  4.911   1.00 14.66 ? 57  ASP A CG  1 
ATOM   433  O OD1 . ASP A 1 58 ? 2.677   -5.214  4.422   1.00 20.15 ? 57  ASP A OD1 1 
ATOM   434  O OD2 . ASP A 1 58 ? 1.533   -5.992  6.132   1.00 21.65 ? 57  ASP A OD2 1 
ATOM   435  N N   . LEU A 1 59 ? -1.697  -3.667  1.952   1.00 14.61 ? 58  LEU A N   1 
ATOM   436  C CA  . LEU A 1 59 ? -2.894  -3.748  1.138   1.00 13.87 ? 58  LEU A CA  1 
ATOM   437  C C   . LEU A 1 59 ? -2.737  -2.803  -0.038  1.00 14.46 ? 58  LEU A C   1 
ATOM   438  O O   . LEU A 1 59 ? -2.495  -1.584  0.164   1.00 14.23 ? 58  LEU A O   1 
ATOM   439  C CB  . LEU A 1 59 ? -4.084  -3.334  1.987   1.00 12.16 ? 58  LEU A CB  1 
ATOM   440  C CG  . LEU A 1 59 ? -4.302  -4.263  3.189   1.00 13.20 ? 58  LEU A CG  1 
ATOM   441  C CD1 . LEU A 1 59 ? -5.547  -3.797  3.987   1.00 17.21 ? 58  LEU A CD1 1 
ATOM   442  C CD2 . LEU A 1 59 ? -4.305  -5.803  2.885   1.00 16.52 ? 58  LEU A CD2 1 
ATOM   443  N N   . PHE A 1 60 ? -2.781  -3.381  -1.258  1.00 13.99 ? 59  PHE A N   1 
ATOM   444  C CA  . PHE A 1 60 ? -2.754  -2.636  -2.486  1.00 13.41 ? 59  PHE A CA  1 
ATOM   445  C C   . PHE A 1 60 ? -4.038  -2.784  -3.309  1.00 13.66 ? 59  PHE A C   1 
ATOM   446  O O   . PHE A 1 60 ? -4.518  -3.893  -3.583  1.00 16.60 ? 59  PHE A O   1 
ATOM   447  C CB  . PHE A 1 60 ? -1.596  -3.217  -3.311  1.00 14.75 ? 59  PHE A CB  1 
ATOM   448  C CG  . PHE A 1 60 ? -0.274  -3.061  -2.580  1.00 13.43 ? 59  PHE A CG  1 
ATOM   449  C CD1 . PHE A 1 60 ? 0.052   -3.891  -1.494  1.00 15.90 ? 59  PHE A CD1 1 
ATOM   450  C CD2 . PHE A 1 60 ? 0.648   -2.147  -3.024  1.00 13.10 ? 59  PHE A CD2 1 
ATOM   451  C CE1 . PHE A 1 60 ? 1.279   -3.783  -0.821  1.00 17.70 ? 59  PHE A CE1 1 
ATOM   452  C CE2 . PHE A 1 60 ? 1.882   -2.053  -2.358  1.00 16.15 ? 59  PHE A CE2 1 
ATOM   453  C CZ  . PHE A 1 60 ? 2.184   -2.879  -1.273  1.00 13.90 ? 59  PHE A CZ  1 
ATOM   454  N N   . PRO A 1 61 ? -4.676  -1.671  -3.729  1.00 14.73 ? 60  PRO A N   1 
ATOM   455  C CA  . PRO A 1 61 ? -5.883  -1.769  -4.529  1.00 16.23 ? 60  PRO A CA  1 
ATOM   456  C C   . PRO A 1 61 ? -5.652  -2.574  -5.807  1.00 15.95 ? 60  PRO A C   1 
ATOM   457  O O   . PRO A 1 61 ? -4.685  -2.444  -6.518  1.00 17.62 ? 60  PRO A O   1 
ATOM   458  C CB  . PRO A 1 61 ? -6.269  -0.304  -4.720  1.00 18.13 ? 60  PRO A CB  1 
ATOM   459  C CG  . PRO A 1 61 ? -5.599  0.372   -3.564  1.00 21.82 ? 60  PRO A CG  1 
ATOM   460  C CD  . PRO A 1 61 ? -4.216  -0.279  -3.570  1.00 20.12 ? 60  PRO A CD  1 
ATOM   461  N N   . TYR A 1 62 ? -6.617  -3.438  -6.114  1.00 14.74 ? 61  TYR A N   1 
ATOM   462  C CA  . TYR A 1 62 ? -6.430  -4.499  -7.090  1.00 16.81 ? 61  TYR A CA  1 
ATOM   463  C C   . TYR A 1 62 ? -6.374  -3.938  -8.516  1.00 14.72 ? 61  TYR A C   1 
ATOM   464  O O   . TYR A 1 62 ? -5.486  -4.329  -9.302  1.00 16.17 ? 61  TYR A O   1 
ATOM   465  C CB  . TYR A 1 62 ? -7.544  -5.533  -6.952  1.00 18.79 ? 61  TYR A CB  1 
ATOM   466  C CG  . TYR A 1 62 ? -7.656  -6.413  -8.189  1.00 16.13 ? 61  TYR A CG  1 
ATOM   467  C CD1 . TYR A 1 62 ? -6.666  -7.364  -8.407  1.00 16.64 ? 61  TYR A CD1 1 
ATOM   468  C CD2 . TYR A 1 62 ? -8.719  -6.367  -9.087  1.00 22.99 ? 61  TYR A CD2 1 
ATOM   469  C CE1 . TYR A 1 62 ? -6.710  -8.240  -9.473  1.00 19.92 ? 61  TYR A CE1 1 
ATOM   470  C CE2 . TYR A 1 62 ? -8.745  -7.202  -10.193 1.00 20.03 ? 61  TYR A CE2 1 
ATOM   471  C CZ  . TYR A 1 62 ? -7.742  -8.140  -10.382 1.00 21.13 ? 61  TYR A CZ  1 
ATOM   472  O OH  . TYR A 1 62 ? -7.886  -8.964  -11.430 1.00 21.63 ? 61  TYR A OH  1 
ATOM   473  N N   . ASP A 1 63 ? -7.332  -3.039  -8.888  1.00 17.05 ? 62  ASP A N   1 
ATOM   474  C CA  . ASP A 1 63 ? -7.419  -2.490  -10.231 1.00 21.46 ? 62  ASP A CA  1 
ATOM   475  C C   . ASP A 1 63 ? -6.056  -1.929  -10.571 1.00 19.41 ? 62  ASP A C   1 
ATOM   476  O O   . ASP A 1 63 ? -5.472  -2.327  -11.595 1.00 23.25 ? 62  ASP A O   1 
ATOM   477  C CB  . ASP A 1 63 ? -8.511  -1.431  -10.421 1.00 21.02 ? 62  ASP A CB  1 
ATOM   478  C CG  . ASP A 1 63 ? -8.620  -0.835  -11.821 1.00 26.23 ? 62  ASP A CG  1 
ATOM   479  O OD1 . ASP A 1 63 ? -7.885  -1.278  -12.735 1.00 33.50 ? 62  ASP A OD1 1 
ATOM   480  O OD2 . ASP A 1 63 ? -9.421  0.091   -11.991 1.00 36.22 ? 62  ASP A OD2 1 
ATOM   481  N N   . LYS A 1 64 ? -5.541  -1.058  -9.692  1.00 18.22 ? 63  LYS A N   1 
ATOM   482  C CA  . LYS A 1 64 ? -4.343  -0.242  -9.988  1.00 20.54 ? 63  LYS A CA  1 
ATOM   483  C C   . LYS A 1 64 ? -3.007  -0.991  -9.790  1.00 18.33 ? 63  LYS A C   1 
ATOM   484  O O   . LYS A 1 64 ? -1.925  -0.553  -10.234 1.00 20.65 ? 63  LYS A O   1 
ATOM   485  C CB  . LYS A 1 64 ? -4.416  1.103   -9.250  1.00 25.09 ? 63  LYS A CB  1 
ATOM   486  C CG  . LYS A 1 64 ? -5.800  1.741   -9.275  1.00 30.17 ? 63  LYS A CG  1 
ATOM   487  C CD  . LYS A 1 64 ? -6.301  2.046   -10.683 1.00 30.61 ? 63  LYS A CD  1 
ATOM   488  C CE  . LYS A 1 64 ? -5.572  3.171   -11.362 1.00 33.58 ? 63  LYS A CE  1 
ATOM   489  N NZ  . LYS A 1 64 ? -6.338  4.425   -11.441 1.00 33.12 ? 63  LYS A NZ  1 
ATOM   490  N N   . SER A 1 65 ? -3.052  -2.180  -9.182  1.00 17.75 ? 64  SER A N   1 
ATOM   491  C CA  . SER A 1 65 ? -1.814  -2.937  -8.924  1.00 18.75 ? 64  SER A CA  1 
ATOM   492  C C   . SER A 1 65 ? -1.714  -4.235  -9.734  1.00 18.52 ? 64  SER A C   1 
ATOM   493  O O   . SER A 1 65 ? -0.688  -4.914  -9.618  1.00 16.75 ? 64  SER A O   1 
ATOM   494  C CB  . SER A 1 65 ? -1.652  -3.206  -7.431  1.00 18.95 ? 64  SER A CB  1 
ATOM   495  O OG  . SER A 1 65 ? -1.952  -2.029  -6.685  1.00 22.16 ? 64  SER A OG  1 
ATOM   496  N N   . LYS A 1 66 ? -2.701  -4.576  -10.614 1.00 19.30 ? 65  LYS A N   1 
ATOM   497  C CA  . LYS A 1 66 ? -2.739  -5.870  -11.265 1.00 20.01 ? 65  LYS A CA  1 
ATOM   498  C C   . LYS A 1 66 ? -1.570  -6.075  -12.241 1.00 18.73 ? 65  LYS A C   1 
ATOM   499  O O   . LYS A 1 66 ? -0.986  -7.176  -12.292 1.00 23.65 ? 65  LYS A O   1 
ATOM   500  C CB  . LYS A 1 66 ? -4.107  -6.074  -11.937 1.00 17.29 ? 65  LYS A CB  1 
ATOM   501  N N   . ASP A 1 67 ? -1.228  -5.005  -12.978 1.00 21.54 ? 66  ASP A N   1 
ATOM   502  C CA  . ASP A 1 67 ? -0.081  -4.997  -13.869 1.00 25.35 ? 66  ASP A CA  1 
ATOM   503  C C   . ASP A 1 67 ? 1.180   -5.442  -13.129 1.00 23.00 ? 66  ASP A C   1 
ATOM   504  O O   . ASP A 1 67 ? 1.969   -6.207  -13.672 1.00 27.07 ? 66  ASP A O   1 
ATOM   505  C CB  . ASP A 1 67 ? 0.007   -3.652  -14.580 1.00 25.66 ? 66  ASP A CB  1 
ATOM   506  C CG  . ASP A 1 67 ? -1.035  -3.435  -15.668 1.00 33.39 ? 66  ASP A CG  1 
ATOM   507  O OD1 . ASP A 1 67 ? -1.710  -4.427  -16.039 1.00 37.64 ? 66  ASP A OD1 1 
ATOM   508  O OD2 . ASP A 1 67 ? -1.196  -2.272  -16.108 1.00 35.77 ? 66  ASP A OD2 1 
ATOM   509  N N   . LYS A 1 68 ? 1.306   -5.077  -11.850 1.00 22.93 ? 67  LYS A N   1 
ATOM   510  C CA  . LYS A 1 68 ? 2.548   -5.336  -11.141 1.00 22.24 ? 67  LYS A CA  1 
ATOM   511  C C   . LYS A 1 68 ? 2.445   -6.716  -10.522 1.00 23.14 ? 67  LYS A C   1 
ATOM   512  O O   . LYS A 1 68 ? 3.385   -7.504  -10.631 1.00 26.07 ? 67  LYS A O   1 
ATOM   513  C CB  . LYS A 1 68 ? 2.949   -4.261  -10.116 1.00 17.84 ? 67  LYS A CB  1 
ATOM   514  C CG  . LYS A 1 68 ? 4.352   -4.348  -9.486  1.00 20.01 ? 67  LYS A CG  1 
ATOM   515  C CD  . LYS A 1 68 ? 4.373   -3.284  -8.376  1.00 22.12 ? 67  LYS A CD  1 
ATOM   516  C CE  . LYS A 1 68 ? 5.679   -2.581  -7.956  1.00 26.49 ? 67  LYS A CE  1 
ATOM   517  N NZ  . LYS A 1 68 ? 6.830   -3.485  -7.838  1.00 31.26 ? 67  LYS A NZ  1 
ATOM   518  N N   . TYR A 1 69 ? 1.304   -7.020  -9.860  1.00 20.63 ? 68  TYR A N   1 
ATOM   519  C CA  . TYR A 1 69 ? 1.211   -8.213  -9.040  1.00 17.87 ? 68  TYR A CA  1 
ATOM   520  C C   . TYR A 1 69 ? 0.394   -9.384  -9.619  1.00 20.76 ? 68  TYR A C   1 
ATOM   521  O O   . TYR A 1 69 ? 0.449   -10.471 -9.058  1.00 21.41 ? 68  TYR A O   1 
ATOM   522  C CB  . TYR A 1 69 ? 0.636   -7.734  -7.709  1.00 19.10 ? 68  TYR A CB  1 
ATOM   523  C CG  . TYR A 1 69 ? 1.513   -6.746  -6.930  1.00 18.98 ? 68  TYR A CG  1 
ATOM   524  C CD1 . TYR A 1 69 ? 2.878   -6.957  -6.761  1.00 20.56 ? 68  TYR A CD1 1 
ATOM   525  C CD2 . TYR A 1 69 ? 0.978   -5.586  -6.404  1.00 19.58 ? 68  TYR A CD2 1 
ATOM   526  C CE1 . TYR A 1 69 ? 3.661   -6.081  -6.025  1.00 25.00 ? 68  TYR A CE1 1 
ATOM   527  C CE2 . TYR A 1 69 ? 1.754   -4.670  -5.716  1.00 23.26 ? 68  TYR A CE2 1 
ATOM   528  C CZ  . TYR A 1 69 ? 3.106   -4.917  -5.520  1.00 24.59 ? 68  TYR A CZ  1 
ATOM   529  O OH  . TYR A 1 69 ? 3.889   -4.035  -4.826  1.00 26.68 ? 68  TYR A OH  1 
ATOM   530  N N   . GLY A 1 70 ? -0.383  -9.184  -10.686 1.00 20.31 ? 69  GLY A N   1 
ATOM   531  C CA  . GLY A 1 70 ? -1.356  -10.185 -11.087 1.00 23.38 ? 69  GLY A CA  1 
ATOM   532  C C   . GLY A 1 70 ? -0.883  -11.040 -12.261 1.00 26.93 ? 69  GLY A C   1 
ATOM   533  O O   . GLY A 1 70 ? -1.729  -11.530 -13.003 1.00 29.92 ? 69  GLY A O   1 
ATOM   534  N N   . LYS A 1 71 ? 0.437   -11.180 -12.447 1.00 29.95 ? 70  LYS A N   1 
ATOM   535  C CA  . LYS A 1 71 ? 0.998   -12.221 -13.301 1.00 28.76 ? 70  LYS A CA  1 
ATOM   536  C C   . LYS A 1 71 ? 0.983   -13.586 -12.592 1.00 31.00 ? 70  LYS A C   1 
ATOM   537  O O   . LYS A 1 71 ? 1.031   -13.705 -11.354 1.00 27.15 ? 70  LYS A O   1 
ATOM   538  C CB  . LYS A 1 71 ? 2.447   -11.905 -13.719 1.00 32.83 ? 70  LYS A CB  1 
ATOM   539  N N   . PRO A 1 72 ? 0.992   -14.707 -13.343 1.00 23.05 ? 71  PRO A N   1 
ATOM   540  C CA  . PRO A 1 72 ? 0.773   -16.026 -12.727 1.00 22.98 ? 71  PRO A CA  1 
ATOM   541  C C   . PRO A 1 72 ? 2.004   -16.446 -11.920 1.00 20.54 ? 71  PRO A C   1 
ATOM   542  O O   . PRO A 1 72 ? 3.110   -15.946 -12.136 1.00 22.84 ? 71  PRO A O   1 
ATOM   543  C CB  . PRO A 1 72 ? 0.499   -17.000 -13.920 1.00 25.34 ? 71  PRO A CB  1 
ATOM   544  C CG  . PRO A 1 72 ? 0.752   -16.203 -15.184 1.00 24.78 ? 71  PRO A CG  1 
ATOM   545  C CD  . PRO A 1 72 ? 1.259   -14.817 -14.793 1.00 23.87 ? 71  PRO A CD  1 
ATOM   546  N N   . ASN A 1 73 ? 1.803   -17.337 -10.964 1.00 24.85 ? 72  ASN A N   1 
ATOM   547  C CA  . ASN A 1 73 ? 2.921   -18.100 -10.427 1.00 26.77 ? 72  ASN A CA  1 
ATOM   548  C C   . ASN A 1 73 ? 2.371   -19.396 -9.810  1.00 24.86 ? 72  ASN A C   1 
ATOM   549  O O   . ASN A 1 73 ? 1.159   -19.478 -9.552  1.00 21.32 ? 72  ASN A O   1 
ATOM   550  C CB  . ASN A 1 73 ? 3.804   -17.240 -9.531  1.00 29.96 ? 72  ASN A CB  1 
ATOM   551  C CG  . ASN A 1 73 ? 3.302   -17.225 -8.118  1.00 33.23 ? 72  ASN A CG  1 
ATOM   552  O OD1 . ASN A 1 73 ? 3.754   -18.042 -7.310  1.00 27.02 ? 72  ASN A OD1 1 
ATOM   553  N ND2 . ASN A 1 73 ? 2.306   -16.393 -7.844  1.00 32.72 ? 72  ASN A ND2 1 
ATOM   554  N N   . LYS A 1 74 ? 3.301   -20.359 -9.576  1.00 24.61 ? 73  LYS A N   1 
ATOM   555  C CA  . LYS A 1 74 ? 3.020   -21.757 -9.272  1.00 25.92 ? 73  LYS A CA  1 
ATOM   556  C C   . LYS A 1 74 ? 2.874   -21.939 -7.758  1.00 25.94 ? 73  LYS A C   1 
ATOM   557  O O   . LYS A 1 74 ? 2.722   -23.055 -7.292  1.00 31.86 ? 73  LYS A O   1 
ATOM   558  C CB  . LYS A 1 74 ? 4.080   -22.718 -9.853  1.00 24.43 ? 73  LYS A CB  1 
ATOM   559  C CG  . LYS A 1 74 ? 4.749   -22.327 -11.170 1.00 23.89 ? 73  LYS A CG  1 
ATOM   560  C CD  . LYS A 1 74 ? 5.775   -23.249 -11.847 1.00 25.26 ? 73  LYS A CD  1 
ATOM   561  N N   . ARG A 1 75 ? 2.902   -20.837 -6.984  1.00 20.58 ? 74  ARG A N   1 
ATOM   562  C CA  . ARG A 1 75 ? 2.527   -20.948 -5.584  1.00 20.18 ? 74  ARG A CA  1 
ATOM   563  C C   . ARG A 1 75 ? 1.110   -21.513 -5.466  1.00 18.94 ? 74  ARG A C   1 
ATOM   564  O O   . ARG A 1 75 ? 0.174   -20.961 -6.031  1.00 22.66 ? 74  ARG A O   1 
ATOM   565  C CB  . ARG A 1 75 ? 2.705   -19.650 -4.806  1.00 20.04 ? 74  ARG A CB  1 
ATOM   566  C CG  . ARG A 1 75 ? 4.153   -19.208 -4.680  1.00 25.06 ? 74  ARG A CG  1 
ATOM   567  C CD  . ARG A 1 75 ? 4.971   -20.081 -3.736  1.00 28.50 ? 74  ARG A CD  1 
ATOM   568  N NE  . ARG A 1 75 ? 4.616   -19.894 -2.326  1.00 26.45 ? 74  ARG A NE  1 
ATOM   569  C CZ  . ARG A 1 75 ? 5.270   -19.037 -1.485  1.00 28.17 ? 74  ARG A CZ  1 
ATOM   570  N NH1 . ARG A 1 75 ? 6.286   -18.273 -1.886  1.00 30.23 ? 74  ARG A NH1 1 
ATOM   571  N NH2 . ARG A 1 75 ? 4.836   -18.877 -0.254  1.00 33.49 ? 74  ARG A NH2 1 
ATOM   572  N N   . LYS A 1 76 ? 0.910   -22.463 -4.571  1.00 19.06 ? 75  LYS A N   1 
ATOM   573  C CA  . LYS A 1 76 ? -0.345  -23.171 -4.482  1.00 20.88 ? 75  LYS A CA  1 
ATOM   574  C C   . LYS A 1 76 ? -1.509  -22.242 -4.116  1.00 19.61 ? 75  LYS A C   1 
ATOM   575  O O   . LYS A 1 76 ? -1.504  -21.541 -3.059  1.00 20.50 ? 75  LYS A O   1 
ATOM   576  C CB  . LYS A 1 76 ? -0.209  -24.344 -3.509  1.00 21.53 ? 75  LYS A CB  1 
ATOM   577  C CG  . LYS A 1 76 ? -1.472  -25.087 -3.159  1.00 21.86 ? 75  LYS A CG  1 
ATOM   578  C CD  . LYS A 1 76 ? -1.139  -26.473 -2.628  1.00 23.54 ? 75  LYS A CD  1 
ATOM   579  C CE  . LYS A 1 76 ? -2.172  -27.076 -1.734  1.00 27.03 ? 75  LYS A CE  1 
ATOM   580  N NZ  . LYS A 1 76 ? -3.546  -26.552 -1.758  1.00 29.18 ? 75  LYS A NZ  1 
ATOM   581  N N   . GLY A 1 77 ? -2.573  -22.338 -4.937  1.00 19.78 ? 76  GLY A N   1 
ATOM   582  C CA  . GLY A 1 77 ? -3.805  -21.569 -4.840  1.00 18.33 ? 76  GLY A CA  1 
ATOM   583  C C   . GLY A 1 77 ? -3.748  -20.197 -5.547  1.00 16.68 ? 76  GLY A C   1 
ATOM   584  O O   . GLY A 1 77 ? -4.808  -19.572 -5.798  1.00 17.54 ? 76  GLY A O   1 
ATOM   585  N N   . PHE A 1 78 ? -2.550  -19.761 -5.968  1.00 16.73 ? 77  PHE A N   1 
ATOM   586  C CA  . PHE A 1 78 ? -2.367  -18.403 -6.479  1.00 17.17 ? 77  PHE A CA  1 
ATOM   587  C C   . PHE A 1 78 ? -3.171  -18.214 -7.764  1.00 14.81 ? 77  PHE A C   1 
ATOM   588  O O   . PHE A 1 78 ? -3.947  -17.272 -7.964  1.00 14.43 ? 77  PHE A O   1 
ATOM   589  C CB  . PHE A 1 78 ? -0.903  -18.047 -6.765  1.00 19.50 ? 77  PHE A CB  1 
ATOM   590  C CG  . PHE A 1 78 ? -0.701  -16.556 -7.044  1.00 17.86 ? 77  PHE A CG  1 
ATOM   591  C CD1 . PHE A 1 78 ? -0.869  -16.046 -8.316  1.00 19.73 ? 77  PHE A CD1 1 
ATOM   592  C CD2 . PHE A 1 78 ? -0.350  -15.662 -6.023  1.00 17.56 ? 77  PHE A CD2 1 
ATOM   593  C CE1 . PHE A 1 78 ? -0.668  -14.679 -8.572  1.00 19.59 ? 77  PHE A CE1 1 
ATOM   594  C CE2 . PHE A 1 78 ? -0.144  -14.319 -6.290  1.00 19.82 ? 77  PHE A CE2 1 
ATOM   595  C CZ  . PHE A 1 78 ? -0.274  -13.834 -7.563  1.00 20.39 ? 77  PHE A CZ  1 
ATOM   596  N N   . ASN A 1 79 ? -2.913  -19.055 -8.753  1.00 18.45 ? 78  ASN A N   1 
ATOM   597  C CA  . ASN A 1 79 ? -3.580  -18.883 -10.032 1.00 17.35 ? 78  ASN A CA  1 
ATOM   598  C C   . ASN A 1 79 ? -5.087  -19.018 -9.872  1.00 16.13 ? 78  ASN A C   1 
ATOM   599  O O   . ASN A 1 79 ? -5.843  -18.307 -10.583 1.00 15.95 ? 78  ASN A O   1 
ATOM   600  C CB  . ASN A 1 79 ? -2.981  -19.862 -11.034 1.00 18.20 ? 78  ASN A CB  1 
ATOM   601  C CG  . ASN A 1 79 ? -1.568  -19.513 -11.375 1.00 20.69 ? 78  ASN A CG  1 
ATOM   602  O OD1 . ASN A 1 79 ? -1.164  -18.348 -11.385 1.00 21.51 ? 78  ASN A OD1 1 
ATOM   603  N ND2 . ASN A 1 79 ? -0.821  -20.523 -11.786 1.00 21.93 ? 78  ASN A ND2 1 
ATOM   604  N N   . GLU A 1 80 ? -5.543  -19.921 -8.985  1.00 18.97 ? 79  GLU A N   1 
ATOM   605  C CA  . GLU A 1 80 ? -6.966  -20.055 -8.666  1.00 20.95 ? 79  GLU A CA  1 
ATOM   606  C C   . GLU A 1 80 ? -7.420  -18.723 -8.078  1.00 21.51 ? 79  GLU A C   1 
ATOM   607  O O   . GLU A 1 80 ? -8.505  -18.245 -8.413  1.00 17.43 ? 79  GLU A O   1 
ATOM   608  C CB  . GLU A 1 80 ? -7.316  -21.166 -7.689  1.00 26.23 ? 79  GLU A CB  1 
ATOM   609  C CG  . GLU A 1 80 ? -8.694  -21.799 -7.886  1.00 37.21 ? 79  GLU A CG  1 
ATOM   610  C CD  . GLU A 1 80 ? -9.203  -22.637 -6.714  1.00 42.00 ? 79  GLU A CD  1 
ATOM   611  O OE1 . GLU A 1 80 ? -9.538  -23.823 -6.935  1.00 44.40 ? 79  GLU A OE1 1 
ATOM   612  O OE2 . GLU A 1 80 ? -9.268  -22.103 -5.572  1.00 38.72 ? 79  GLU A OE2 1 
ATOM   613  N N   . GLY A 1 81 ? -6.561  -18.153 -7.222  1.00 16.11 ? 80  GLY A N   1 
ATOM   614  C CA  . GLY A 1 81 ? -6.878  -16.870 -6.616  1.00 15.11 ? 80  GLY A CA  1 
ATOM   615  C C   . GLY A 1 81 ? -7.031  -15.778 -7.684  1.00 14.22 ? 80  GLY A C   1 
ATOM   616  O O   . GLY A 1 81 ? -7.971  -14.953 -7.551  1.00 16.47 ? 80  GLY A O   1 
ATOM   617  N N   . LEU A 1 82 ? -6.146  -15.758 -8.727  1.00 14.33 ? 81  LEU A N   1 
ATOM   618  C CA  . LEU A 1 82 ? -6.309  -14.800 -9.819  1.00 13.80 ? 81  LEU A CA  1 
ATOM   619  C C   . LEU A 1 82 ? -7.675  -14.999 -10.482 1.00 13.38 ? 81  LEU A C   1 
ATOM   620  O O   . LEU A 1 82 ? -8.385  -14.039 -10.790 1.00 17.73 ? 81  LEU A O   1 
ATOM   621  C CB  . LEU A 1 82 ? -5.173  -14.849 -10.838 1.00 16.11 ? 81  LEU A CB  1 
ATOM   622  C CG  . LEU A 1 82 ? -3.847  -14.379 -10.261 1.00 15.93 ? 81  LEU A CG  1 
ATOM   623  C CD1 . LEU A 1 82 ? -2.651  -14.599 -11.215 1.00 16.59 ? 81  LEU A CD1 1 
ATOM   624  C CD2 . LEU A 1 82 ? -3.860  -12.942 -9.812  1.00 14.77 ? 81  LEU A CD2 1 
ATOM   625  N N   . TRP A 1 83 ? -8.036  -16.254 -10.769 1.00 16.03 ? 82  TRP A N   1 
ATOM   626  C CA  . TRP A 1 83 ? -9.293  -16.562 -11.418 1.00 14.79 ? 82  TRP A CA  1 
ATOM   627  C C   . TRP A 1 83 ? -10.457 -16.008 -10.598 1.00 14.88 ? 82  TRP A C   1 
ATOM   628  O O   . TRP A 1 83 ? -11.303 -15.296 -11.152 1.00 16.71 ? 82  TRP A O   1 
ATOM   629  C CB  . TRP A 1 83 ? -9.413  -18.052 -11.812 1.00 17.54 ? 82  TRP A CB  1 
ATOM   630  C CG  . TRP A 1 83 ? -10.650 -18.287 -12.639 1.00 20.25 ? 82  TRP A CG  1 
ATOM   631  C CD1 . TRP A 1 83 ? -10.734 -18.373 -13.991 1.00 20.73 ? 82  TRP A CD1 1 
ATOM   632  C CD2 . TRP A 1 83 ? -11.996 -18.441 -12.144 1.00 19.88 ? 82  TRP A CD2 1 
ATOM   633  N NE1 . TRP A 1 83 ? -12.035 -18.543 -14.397 1.00 23.59 ? 82  TRP A NE1 1 
ATOM   634  C CE2 . TRP A 1 83 ? -12.839 -18.608 -13.286 1.00 22.15 ? 82  TRP A CE2 1 
ATOM   635  C CE3 . TRP A 1 83 ? -12.572 -18.494 -10.869 1.00 23.42 ? 82  TRP A CE3 1 
ATOM   636  C CZ2 . TRP A 1 83 ? -14.212 -18.773 -13.174 1.00 23.45 ? 82  TRP A CZ2 1 
ATOM   637  C CZ3 . TRP A 1 83 ? -13.936 -18.689 -10.770 1.00 23.34 ? 82  TRP A CZ3 1 
ATOM   638  C CH2 . TRP A 1 83 ? -14.746 -18.813 -11.910 1.00 25.52 ? 82  TRP A CH2 1 
ATOM   639  N N   . GLU A 1 84 ? -10.543 -16.358 -9.302  1.00 13.19 ? 83  GLU A N   1 
ATOM   640  C CA  . GLU A 1 84 ? -11.621 -15.828 -8.468  1.00 14.46 ? 83  GLU A CA  1 
ATOM   641  C C   . GLU A 1 84 ? -11.703 -14.308 -8.363  1.00 14.44 ? 83  GLU A C   1 
ATOM   642  O O   . GLU A 1 84 ? -12.812 -13.812 -8.451  1.00 14.47 ? 83  GLU A O   1 
ATOM   643  C CB  . GLU A 1 84 ? -11.329 -16.408 -7.110  1.00 13.53 ? 83  GLU A CB  1 
ATOM   644  C CG  . GLU A 1 84 ? -11.609 -17.889 -6.957  1.00 14.22 ? 83  GLU A CG  1 
ATOM   645  C CD  . GLU A 1 84 ? -11.275 -18.496 -5.615  1.00 17.68 ? 83  GLU A CD  1 
ATOM   646  O OE1 . GLU A 1 84 ? -10.735 -17.774 -4.762  1.00 15.18 ? 83  GLU A OE1 1 
ATOM   647  O OE2 . GLU A 1 84 ? -11.568 -19.705 -5.375  1.00 17.01 ? 83  GLU A OE2 1 
ATOM   648  N N   . ILE A 1 85 ? -10.569 -13.585 -8.185  1.00 12.01 ? 84  ILE A N   1 
ATOM   649  C CA  . ILE A 1 85 ? -10.691 -12.135 -8.099  1.00 13.24 ? 84  ILE A CA  1 
ATOM   650  C C   . ILE A 1 85 ? -11.202 -11.555 -9.432  1.00 12.62 ? 84  ILE A C   1 
ATOM   651  O O   . ILE A 1 85 ? -11.795 -10.468 -9.444  1.00 17.50 ? 84  ILE A O   1 
ATOM   652  C CB  . ILE A 1 85 ? -9.410  -11.474 -7.600  1.00 16.84 ? 84  ILE A CB  1 
ATOM   653  C CG1 . ILE A 1 85 ? -9.599  -10.031 -7.234  1.00 18.43 ? 84  ILE A CG1 1 
ATOM   654  C CG2 . ILE A 1 85 ? -8.349  -11.618 -8.660  1.00 14.63 ? 84  ILE A CG2 1 
ATOM   655  C CD1 . ILE A 1 85 ? -8.475  -9.566  -6.323  1.00 19.20 ? 84  ILE A CD1 1 
ATOM   656  N N   . GLN A 1 86 ? -10.832 -12.137 -10.583 1.00 16.73 ? 85  GLN A N   1 
ATOM   657  C CA  . GLN A 1 86 ? -11.256 -11.586 -11.845 1.00 18.37 ? 85  GLN A CA  1 
ATOM   658  C C   . GLN A 1 86 ? -12.696 -11.953 -12.163 1.00 18.36 ? 85  GLN A C   1 
ATOM   659  O O   . GLN A 1 86 ? -13.401 -11.189 -12.838 1.00 20.07 ? 85  GLN A O   1 
ATOM   660  C CB  . GLN A 1 86 ? -10.345 -12.133 -12.942 1.00 20.36 ? 85  GLN A CB  1 
ATOM   661  C CG  . GLN A 1 86 ? -10.613 -11.484 -14.293 1.00 30.74 ? 85  GLN A CG  1 
ATOM   662  C CD  . GLN A 1 86 ? -9.534  -11.811 -15.295 1.00 30.37 ? 85  GLN A CD  1 
ATOM   663  O OE1 . GLN A 1 86 ? -9.646  -12.750 -16.092 1.00 44.12 ? 85  GLN A OE1 1 
ATOM   664  N NE2 . GLN A 1 86 ? -8.448  -11.056 -15.246 1.00 28.37 ? 85  GLN A NE2 1 
ATOM   665  N N   . ASN A 1 87 ? -13.172 -13.107 -11.685 1.00 18.14 ? 86  ASN A N   1 
ATOM   666  C CA  . ASN A 1 87 ? -14.385 -13.717 -12.246 1.00 18.06 ? 86  ASN A CA  1 
ATOM   667  C C   . ASN A 1 87 ? -15.571 -13.772 -11.280 1.00 17.41 ? 86  ASN A C   1 
ATOM   668  O O   . ASN A 1 87 ? -16.743 -13.706 -11.675 1.00 17.10 ? 86  ASN A O   1 
ATOM   669  C CB  . ASN A 1 87 ? -14.064 -15.083 -12.834 1.00 22.00 ? 86  ASN A CB  1 
ATOM   670  C CG  . ASN A 1 87 ? -13.288 -14.912 -14.119 1.00 24.12 ? 86  ASN A CG  1 
ATOM   671  O OD1 . ASN A 1 87 ? -13.811 -14.413 -15.129 1.00 25.25 ? 86  ASN A OD1 1 
ATOM   672  N ND2 . ASN A 1 87 ? -12.018 -15.278 -14.119 1.00 21.27 ? 86  ASN A ND2 1 
ATOM   673  N N   . ASN A 1 88 ? -15.266 -13.952 -10.003 1.00 17.80 ? 87  ASN A N   1 
ATOM   674  C CA  . ASN A 1 88 ? -16.308 -13.998 -8.989  1.00 17.49 ? 87  ASN A CA  1 
ATOM   675  C C   . ASN A 1 88 ? -15.757 -13.609 -7.614  1.00 13.78 ? 87  ASN A C   1 
ATOM   676  O O   . ASN A 1 88 ? -15.692 -14.400 -6.627  1.00 17.92 ? 87  ASN A O   1 
ATOM   677  C CB  . ASN A 1 88 ? -17.004 -15.350 -8.950  1.00 20.02 ? 87  ASN A CB  1 
ATOM   678  C CG  . ASN A 1 88 ? -18.423 -15.278 -8.423  1.00 19.36 ? 87  ASN A CG  1 
ATOM   679  O OD1 . ASN A 1 88 ? -18.891 -14.268 -7.877  1.00 19.38 ? 87  ASN A OD1 1 
ATOM   680  N ND2 . ASN A 1 88 ? -19.176 -16.358 -8.579  1.00 25.46 ? 87  ASN A ND2 1 
ATOM   681  N N   . PRO A 1 89 ? -15.380 -12.288 -7.492  1.00 13.56 ? 88  PRO A N   1 
ATOM   682  C CA  . PRO A 1 89 ? -14.707 -11.859 -6.275  1.00 12.15 ? 88  PRO A CA  1 
ATOM   683  C C   . PRO A 1 89 ? -15.641 -11.681 -5.079  1.00 10.61 ? 88  PRO A C   1 
ATOM   684  O O   . PRO A 1 89 ? -15.140 -11.763 -3.950  1.00 13.53 ? 88  PRO A O   1 
ATOM   685  C CB  . PRO A 1 89 ? -14.073 -10.502 -6.697  1.00 11.37 ? 88  PRO A CB  1 
ATOM   686  C CG  . PRO A 1 89 ? -14.916 -10.000 -7.873  1.00 13.08 ? 88  PRO A CG  1 
ATOM   687  C CD  . PRO A 1 89 ? -15.458 -11.265 -8.543  1.00 14.22 ? 88  PRO A CD  1 
ATOM   688  N N   . HIS A 1 90 ? -16.926 -11.549 -5.319  1.00 11.91 ? 89  HIS A N   1 
ATOM   689  C CA  . HIS A 1 90 ? -17.763 -11.408 -4.158  1.00 11.44 ? 89  HIS A CA  1 
ATOM   690  C C   . HIS A 1 90 ? -18.498 -12.708 -3.842  1.00 11.45 ? 89  HIS A C   1 
ATOM   691  O O   . HIS A 1 90 ? -19.384 -12.671 -3.007  1.00 15.89 ? 89  HIS A O   1 
ATOM   692  C CB  . HIS A 1 90 ? -18.673 -10.208 -4.384  1.00 12.14 ? 89  HIS A CB  1 
ATOM   693  C CG  . HIS A 1 90 ? -18.019 -8.925  -4.622  1.00 13.02 ? 89  HIS A CG  1 
ATOM   694  N ND1 . HIS A 1 90 ? -17.210 -8.382  -3.647  1.00 13.76 ? 89  HIS A ND1 1 
ATOM   695  C CD2 . HIS A 1 90 ? -17.866 -8.187  -5.718  1.00 13.21 ? 89  HIS A CD2 1 
ATOM   696  C CE1 . HIS A 1 90 ? -16.692 -7.255  -4.134  1.00 13.53 ? 89  HIS A CE1 1 
ATOM   697  N NE2 . HIS A 1 90 ? -17.053 -7.139  -5.412  1.00 13.26 ? 89  HIS A NE2 1 
ATOM   698  N N   . ALA A 1 91 ? -18.056 -13.880 -4.383  1.00 14.31 ? 90  ALA A N   1 
ATOM   699  C CA  . ALA A 1 91 ? -18.682 -15.160 -4.037  1.00 16.18 ? 90  ALA A CA  1 
ATOM   700  C C   . ALA A 1 91 ? -18.365 -15.475 -2.572  1.00 16.04 ? 90  ALA A C   1 
ATOM   701  O O   . ALA A 1 91 ? -17.493 -14.828 -1.953  1.00 19.01 ? 90  ALA A O   1 
ATOM   702  C CB  . ALA A 1 91 ? -18.168 -16.219 -4.953  1.00 17.57 ? 90  ALA A CB  1 
ATOM   703  N N   . SER A 1 92 ? -19.064 -16.437 -1.940  1.00 22.06 ? 91  SER A N   1 
ATOM   704  C CA  A SER A 1 92 ? -18.814 -16.741 -0.536  0.63 24.91 ? 91  SER A CA  1 
ATOM   705  C CA  B SER A 1 92 ? -18.838 -16.774 -0.540  0.37 23.24 ? 91  SER A CA  1 
ATOM   706  C C   . SER A 1 92 ? -17.575 -17.635 -0.382  1.00 28.04 ? 91  SER A C   1 
ATOM   707  O O   . SER A 1 92 ? -16.794 -17.479 0.556   1.00 33.06 ? 91  SER A O   1 
ATOM   708  C CB  A SER A 1 92 ? -20.062 -17.283 0.174   0.63 30.02 ? 91  SER A CB  1 
ATOM   709  C CB  B SER A 1 92 ? -20.091 -17.426 0.046   0.37 24.35 ? 91  SER A CB  1 
ATOM   710  O OG  A SER A 1 92 ? -20.826 -18.139 -0.667  0.63 26.24 ? 91  SER A OG  1 
ATOM   711  O OG  B SER A 1 92 ? -19.927 -17.803 1.405   0.37 17.76 ? 91  SER A OG  1 
ATOM   712  N N   . TYR A 1 93 ? -17.318 -18.538 -1.320  1.00 32.46 ? 92  TYR A N   1 
ATOM   713  C CA  . TYR A 1 93 ? -16.314 -19.574 -1.084  1.00 29.91 ? 92  TYR A CA  1 
ATOM   714  C C   . TYR A 1 93 ? -16.412 -20.064 0.361   1.00 32.31 ? 92  TYR A C   1 
ATOM   715  O O   . TYR A 1 93 ? -15.673 -21.055 0.548   1.00 40.11 ? 92  TYR A O   1 
ATOM   716  C CB  . TYR A 1 93 ? -14.868 -19.143 -1.372  1.00 25.50 ? 92  TYR A CB  1 
ATOM   717  C CG  . TYR A 1 93 ? -14.783 -18.421 -2.705  1.00 22.32 ? 92  TYR A CG  1 
ATOM   718  C CD1 . TYR A 1 93 ? -14.618 -19.146 -3.884  1.00 19.13 ? 92  TYR A CD1 1 
ATOM   719  C CD2 . TYR A 1 93 ? -14.950 -17.029 -2.786  1.00 19.50 ? 92  TYR A CD2 1 
ATOM   720  C CE1 . TYR A 1 93 ? -14.623 -18.527 -5.107  1.00 18.13 ? 92  TYR A CE1 1 
ATOM   721  C CE2 . TYR A 1 93 ? -14.906 -16.389 -4.010  1.00 22.81 ? 92  TYR A CE2 1 
ATOM   722  C CZ  . TYR A 1 93 ? -14.686 -17.135 -5.160  1.00 19.41 ? 92  TYR A CZ  1 
ATOM   723  O OH  . TYR A 1 93 ? -14.728 -16.712 -6.424  1.00 20.85 ? 92  TYR A OH  1 
ATOM   724  N N   . HIS B 1 4  ? 18.472  -3.282  1.497   1.00 35.53 ? 3   HIS B N   1 
ATOM   725  C CA  . HIS B 1 4  ? 17.098  -2.714  1.376   1.00 31.62 ? 3   HIS B CA  1 
ATOM   726  C C   . HIS B 1 4  ? 17.110  -1.449  0.533   1.00 33.21 ? 3   HIS B C   1 
ATOM   727  O O   . HIS B 1 4  ? 16.712  -0.395  1.025   1.00 26.51 ? 3   HIS B O   1 
ATOM   728  C CB  . HIS B 1 4  ? 16.547  -2.216  2.716   1.00 34.71 ? 3   HIS B CB  1 
ATOM   729  C CG  . HIS B 1 4  ? 16.304  -3.285  3.724   1.00 41.32 ? 3   HIS B CG  1 
ATOM   730  N ND1 . HIS B 1 4  ? 16.631  -3.128  5.051   1.00 44.37 ? 3   HIS B ND1 1 
ATOM   731  C CD2 . HIS B 1 4  ? 15.796  -4.529  3.606   1.00 41.17 ? 3   HIS B CD2 1 
ATOM   732  C CE1 . HIS B 1 4  ? 16.317  -4.237  5.710   1.00 44.42 ? 3   HIS B CE1 1 
ATOM   733  N NE2 . HIS B 1 4  ? 15.808  -5.100  4.851   1.00 42.87 ? 3   HIS B NE2 1 
ATOM   734  N N   . ALA B 1 5  ? 17.554  -1.575  -0.720  1.00 29.56 ? 4   ALA B N   1 
ATOM   735  C CA  . ALA B 1 5  ? 17.522  -0.477  -1.665  1.00 27.02 ? 4   ALA B CA  1 
ATOM   736  C C   . ALA B 1 5  ? 16.069  -0.021  -1.746  1.00 23.82 ? 4   ALA B C   1 
ATOM   737  O O   . ALA B 1 5  ? 15.177  -0.843  -1.499  1.00 23.48 ? 4   ALA B O   1 
ATOM   738  C CB  . ALA B 1 5  ? 18.070  -0.960  -2.987  1.00 33.44 ? 4   ALA B CB  1 
ATOM   739  N N   . PHE B 1 6  ? 15.855  1.274   -1.990  1.00 23.27 ? 5   PHE B N   1 
ATOM   740  C CA  . PHE B 1 6  ? 14.500  1.811   -2.096  1.00 22.65 ? 5   PHE B CA  1 
ATOM   741  C C   . PHE B 1 6  ? 13.790  1.146   -3.275  1.00 22.86 ? 5   PHE B C   1 
ATOM   742  O O   . PHE B 1 6  ? 14.332  1.087   -4.378  1.00 21.41 ? 5   PHE B O   1 
ATOM   743  C CB  . PHE B 1 6  ? 14.497  3.344   -2.201  1.00 25.92 ? 5   PHE B CB  1 
ATOM   744  C CG  . PHE B 1 6  ? 14.680  4.046   -0.854  1.00 24.28 ? 5   PHE B CG  1 
ATOM   745  C CD1 . PHE B 1 6  ? 15.865  4.719   -0.556  1.00 27.74 ? 5   PHE B CD1 1 
ATOM   746  C CD2 . PHE B 1 6  ? 13.685  3.996   0.118   1.00 24.91 ? 5   PHE B CD2 1 
ATOM   747  C CE1 . PHE B 1 6  ? 16.043  5.322   0.681   1.00 26.15 ? 5   PHE B CE1 1 
ATOM   748  C CE2 . PHE B 1 6  ? 13.850  4.643   1.335   1.00 22.60 ? 5   PHE B CE2 1 
ATOM   749  C CZ  . PHE B 1 6  ? 15.039  5.275   1.621   1.00 27.00 ? 5   PHE B CZ  1 
ATOM   750  N N   . LYS B 1 7  ? 12.556  0.658   -3.061  1.00 22.87 ? 6   LYS B N   1 
ATOM   751  C CA  . LYS B 1 7  ? 11.786  0.146   -4.184  1.00 16.96 ? 6   LYS B CA  1 
ATOM   752  C C   . LYS B 1 7  ? 10.375  0.712   -4.162  1.00 17.52 ? 6   LYS B C   1 
ATOM   753  O O   . LYS B 1 7  ? 9.905   1.095   -3.095  1.00 15.92 ? 6   LYS B O   1 
ATOM   754  C CB  . LYS B 1 7  ? 11.793  -1.391  -4.297  1.00 21.73 ? 6   LYS B CB  1 
ATOM   755  C CG  . LYS B 1 7  ? 10.938  -2.187  -3.346  1.00 27.13 ? 6   LYS B CG  1 
ATOM   756  C CD  . LYS B 1 7  ? 11.149  -3.704  -3.270  1.00 28.00 ? 6   LYS B CD  1 
ATOM   757  C CE  . LYS B 1 7  ? 10.016  -4.343  -2.514  1.00 29.04 ? 6   LYS B CE  1 
ATOM   758  N NZ  . LYS B 1 7  ? 9.467   -3.448  -1.484  1.00 30.00 ? 6   LYS B NZ  1 
ATOM   759  N N   . PRO B 1 8  ? 9.697   0.780   -5.338  1.00 17.58 ? 7   PRO B N   1 
ATOM   760  C CA  . PRO B 1 8  ? 8.352   1.318   -5.408  1.00 14.79 ? 7   PRO B CA  1 
ATOM   761  C C   . PRO B 1 8  ? 7.493   0.685   -4.323  1.00 13.51 ? 7   PRO B C   1 
ATOM   762  O O   . PRO B 1 8  ? 7.447   -0.530  -4.203  1.00 15.27 ? 7   PRO B O   1 
ATOM   763  C CB  . PRO B 1 8  ? 7.889   0.973   -6.862  1.00 17.57 ? 7   PRO B CB  1 
ATOM   764  C CG  . PRO B 1 8  ? 9.177   0.922   -7.660  1.00 20.12 ? 7   PRO B CG  1 
ATOM   765  C CD  . PRO B 1 8  ? 10.246  0.490   -6.679  1.00 17.52 ? 7   PRO B CD  1 
ATOM   766  N N   . GLY B 1 9  ? 6.668   1.516   -3.688  1.00 15.73 ? 8   GLY B N   1 
ATOM   767  C CA  . GLY B 1 9  ? 5.745   1.135   -2.644  1.00 16.13 ? 8   GLY B CA  1 
ATOM   768  C C   . GLY B 1 9  ? 6.331   1.359   -1.233  1.00 12.36 ? 8   GLY B C   1 
ATOM   769  O O   . GLY B 1 9  ? 5.608   1.316   -0.218  1.00 15.18 ? 8   GLY B O   1 
ATOM   770  N N   . ASP B 1 10 ? 7.665   1.507   -1.097  1.00 11.19 ? 9   ASP B N   1 
ATOM   771  C CA  . ASP B 1 10 ? 8.285   1.830   0.188   1.00 12.32 ? 9   ASP B CA  1 
ATOM   772  C C   . ASP B 1 10 ? 7.706   3.154   0.729   1.00 10.94 ? 9   ASP B C   1 
ATOM   773  O O   . ASP B 1 10 ? 7.538   4.147   0.018   1.00 13.22 ? 9   ASP B O   1 
ATOM   774  C CB  . ASP B 1 10 ? 9.801   1.930   0.114   1.00 14.09 ? 9   ASP B CB  1 
ATOM   775  C CG  . ASP B 1 10 ? 10.563  0.645   -0.165  1.00 22.25 ? 9   ASP B CG  1 
ATOM   776  O OD1 . ASP B 1 10 ? 9.951   -0.445  -0.107  1.00 25.87 ? 9   ASP B OD1 1 
ATOM   777  O OD2 . ASP B 1 10 ? 11.796  0.763   -0.394  1.00 19.11 ? 9   ASP B OD2 1 
ATOM   778  N N   . LEU B 1 11 ? 7.399   3.157   2.033   1.00 11.19 ? 10  LEU B N   1 
ATOM   779  C CA  . LEU B 1 11 ? 6.855   4.302   2.737   1.00 12.25 ? 10  LEU B CA  1 
ATOM   780  C C   . LEU B 1 11 ? 7.955   4.944   3.562   1.00 12.13 ? 10  LEU B C   1 
ATOM   781  O O   . LEU B 1 11 ? 8.807   4.319   4.195   1.00 12.48 ? 10  LEU B O   1 
ATOM   782  C CB  . LEU B 1 11 ? 5.714   3.860   3.650   1.00 12.88 ? 10  LEU B CB  1 
ATOM   783  C CG  . LEU B 1 11 ? 4.614   3.002   3.026   1.00 15.24 ? 10  LEU B CG  1 
ATOM   784  C CD1 . LEU B 1 11 ? 3.548   2.696   4.070   1.00 14.43 ? 10  LEU B CD1 1 
ATOM   785  C CD2 . LEU B 1 11 ? 4.089   3.691   1.807   1.00 12.01 ? 10  LEU B CD2 1 
ATOM   786  N N   . VAL B 1 12 ? 7.965   6.256   3.403   1.00 12.42 ? 11  VAL B N   1 
ATOM   787  C CA  . VAL B 1 12 ? 9.021   7.071   3.928   1.00 11.49 ? 11  VAL B CA  1 
ATOM   788  C C   . VAL B 1 12 ? 8.521   8.381   4.548   1.00 13.12 ? 11  VAL B C   1 
ATOM   789  O O   . VAL B 1 12 ? 7.401   8.794   4.267   1.00 14.50 ? 11  VAL B O   1 
ATOM   790  C CB  . VAL B 1 12 ? 10.048  7.357   2.831   1.00 13.38 ? 11  VAL B CB  1 
ATOM   791  C CG1 . VAL B 1 12 ? 10.748  6.077   2.471   1.00 11.16 ? 11  VAL B CG1 1 
ATOM   792  C CG2 . VAL B 1 12 ? 9.470   8.056   1.600   1.00 11.86 ? 11  VAL B CG2 1 
ATOM   793  N N   . PHE B 1 13 ? 9.424   9.065   5.263   1.00 14.61 ? 12  PHE B N   1 
ATOM   794  C CA  . PHE B 1 13 ? 9.352   10.523  5.391   1.00 14.18 ? 12  PHE B CA  1 
ATOM   795  C C   . PHE B 1 13 ? 10.373  11.113  4.437   1.00 14.22 ? 12  PHE B C   1 
ATOM   796  O O   . PHE B 1 13 ? 11.518  10.632  4.367   1.00 16.98 ? 12  PHE B O   1 
ATOM   797  C CB  . PHE B 1 13 ? 9.638   11.033  6.800   1.00 15.74 ? 12  PHE B CB  1 
ATOM   798  C CG  . PHE B 1 13 ? 8.428   10.797  7.707   1.00 12.58 ? 12  PHE B CG  1 
ATOM   799  C CD1 . PHE B 1 13 ? 7.414   11.738  7.891   1.00 13.49 ? 12  PHE B CD1 1 
ATOM   800  C CD2 . PHE B 1 13 ? 8.252   9.583   8.328   1.00 14.96 ? 12  PHE B CD2 1 
ATOM   801  C CE1 . PHE B 1 13 ? 6.328   11.490  8.737   1.00 14.80 ? 12  PHE B CE1 1 
ATOM   802  C CE2 . PHE B 1 13 ? 7.181   9.342   9.172   1.00 17.55 ? 12  PHE B CE2 1 
ATOM   803  C CZ  . PHE B 1 13 ? 6.231   10.292  9.350   1.00 15.58 ? 12  PHE B CZ  1 
ATOM   804  N N   . ALA B 1 14 ? 9.961   12.171  3.699   1.00 12.27 ? 13  ALA B N   1 
ATOM   805  C CA  . ALA B 1 14 ? 10.846  12.744  2.672   1.00 15.14 ? 13  ALA B CA  1 
ATOM   806  C C   . ALA B 1 14 ? 11.113  14.212  3.042   1.00 13.57 ? 13  ALA B C   1 
ATOM   807  O O   . ALA B 1 14 ? 10.171  14.927  3.404   1.00 18.08 ? 13  ALA B O   1 
ATOM   808  C CB  . ALA B 1 14 ? 10.287  12.529  1.276   1.00 17.41 ? 13  ALA B CB  1 
ATOM   809  N N   . LYS B 1 15 ? 12.356  14.662  2.824   1.00 17.62 ? 14  LYS B N   1 
ATOM   810  C CA  . LYS B 1 15 ? 12.815  15.985  3.209   1.00 16.46 ? 14  LYS B CA  1 
ATOM   811  C C   . LYS B 1 15 ? 13.089  16.846  1.986   1.00 16.56 ? 14  LYS B C   1 
ATOM   812  O O   . LYS B 1 15 ? 13.976  16.553  1.166   1.00 17.84 ? 14  LYS B O   1 
ATOM   813  C CB  . LYS B 1 15 ? 14.094  15.919  4.038   1.00 20.05 ? 14  LYS B CB  1 
ATOM   814  C CG  . LYS B 1 15 ? 14.461  17.341  4.619   1.00 20.85 ? 14  LYS B CG  1 
ATOM   815  C CD  . LYS B 1 15 ? 13.454  17.814  5.679   1.00 23.40 ? 14  LYS B CD  1 
ATOM   816  C CE  . LYS B 1 15 ? 13.531  19.126  6.414   1.00 23.11 ? 14  LYS B CE  1 
ATOM   817  N NZ  . LYS B 1 15 ? 13.553  20.310  5.573   1.00 23.81 ? 14  LYS B NZ  1 
ATOM   818  N N   . MET B 1 16 ? 12.256  17.898  1.823   1.00 22.81 ? 15  MET B N   1 
ATOM   819  C CA  . MET B 1 16 ? 12.563  18.964  0.883   1.00 26.17 ? 15  MET B CA  1 
ATOM   820  C C   . MET B 1 16 ? 12.720  20.313  1.587   1.00 28.97 ? 15  MET B C   1 
ATOM   821  O O   . MET B 1 16 ? 12.221  20.570  2.682   1.00 29.58 ? 15  MET B O   1 
ATOM   822  C CB  . MET B 1 16 ? 11.521  19.033  -0.235  1.00 26.92 ? 15  MET B CB  1 
ATOM   823  C CG  . MET B 1 16 ? 11.814  18.131  -1.434  1.00 35.20 ? 15  MET B CG  1 
ATOM   824  S SD  . MET B 1 16 ? 11.570  18.970  -3.018  1.00 46.55 ? 15  MET B SD  1 
ATOM   825  C CE  . MET B 1 16 ? 10.181  20.037  -2.617  1.00 47.14 ? 15  MET B CE  1 
ATOM   826  N N   . LYS B 1 17 ? 13.456  21.219  0.921   1.00 29.18 ? 16  LYS B N   1 
ATOM   827  C CA  . LYS B 1 17 ? 13.885  22.451  1.566   1.00 32.98 ? 16  LYS B CA  1 
ATOM   828  C C   . LYS B 1 17 ? 12.671  23.310  1.889   1.00 29.59 ? 16  LYS B C   1 
ATOM   829  O O   . LYS B 1 17 ? 11.838  23.539  1.009   1.00 29.39 ? 16  LYS B O   1 
ATOM   830  C CB  . LYS B 1 17 ? 14.890  23.258  0.731   1.00 36.07 ? 16  LYS B CB  1 
ATOM   831  C CG  . LYS B 1 17 ? 15.598  24.380  1.519   1.00 39.30 ? 16  LYS B CG  1 
ATOM   832  C CD  . LYS B 1 17 ? 16.445  23.964  2.721   1.00 40.17 ? 16  LYS B CD  1 
ATOM   833  C CE  . LYS B 1 17 ? 17.519  22.980  2.396   1.00 42.57 ? 16  LYS B CE  1 
ATOM   834  N NZ  . LYS B 1 17 ? 18.201  22.472  3.591   1.00 41.83 ? 16  LYS B NZ  1 
ATOM   835  N N   . GLY B 1 18 ? 12.583  23.719  3.160   1.00 29.52 ? 17  GLY B N   1 
ATOM   836  C CA  . GLY B 1 18 ? 11.508  24.550  3.683   1.00 28.16 ? 17  GLY B CA  1 
ATOM   837  C C   . GLY B 1 18 ? 10.180  23.799  3.729   1.00 24.95 ? 17  GLY B C   1 
ATOM   838  O O   . GLY B 1 18 ? 9.124   24.387  3.525   1.00 23.90 ? 17  GLY B O   1 
ATOM   839  N N   . TYR B 1 19 ? 10.276  22.467  3.837   1.00 21.22 ? 18  TYR B N   1 
ATOM   840  C CA  . TYR B 1 19 ? 9.142   21.612  4.130   1.00 22.96 ? 18  TYR B CA  1 
ATOM   841  C C   . TYR B 1 19 ? 9.543   20.699  5.281   1.00 25.05 ? 18  TYR B C   1 
ATOM   842  O O   . TYR B 1 19 ? 10.700  20.258  5.361   1.00 22.56 ? 18  TYR B O   1 
ATOM   843  C CB  . TYR B 1 19 ? 8.679   20.698  2.992   1.00 26.04 ? 18  TYR B CB  1 
ATOM   844  C CG  . TYR B 1 19 ? 8.112   21.509  1.839   1.00 24.12 ? 18  TYR B CG  1 
ATOM   845  C CD1 . TYR B 1 19 ? 6.791   21.960  1.846   1.00 25.24 ? 18  TYR B CD1 1 
ATOM   846  C CD2 . TYR B 1 19 ? 8.946   21.906  0.795   1.00 27.69 ? 18  TYR B CD2 1 
ATOM   847  C CE1 . TYR B 1 19 ? 6.303   22.758  0.828   1.00 29.47 ? 18  TYR B CE1 1 
ATOM   848  C CE2 . TYR B 1 19 ? 8.457   22.687  -0.242  1.00 29.85 ? 18  TYR B CE2 1 
ATOM   849  C CZ  . TYR B 1 19 ? 7.134   23.106  -0.229  1.00 31.98 ? 18  TYR B CZ  1 
ATOM   850  O OH  . TYR B 1 19 ? 6.710   23.881  -1.278  1.00 28.85 ? 18  TYR B OH  1 
ATOM   851  N N   . PRO B 1 20 ? 8.615   20.414  6.222   1.00 22.31 ? 19  PRO B N   1 
ATOM   852  C CA  . PRO B 1 20 ? 8.891   19.477  7.301   1.00 23.67 ? 19  PRO B CA  1 
ATOM   853  C C   . PRO B 1 20 ? 9.027   18.094  6.659   1.00 20.42 ? 19  PRO B C   1 
ATOM   854  O O   . PRO B 1 20 ? 8.639   17.907  5.479   1.00 18.69 ? 19  PRO B O   1 
ATOM   855  C CB  . PRO B 1 20 ? 7.726   19.639  8.276   1.00 27.73 ? 19  PRO B CB  1 
ATOM   856  C CG  . PRO B 1 20 ? 6.623   20.191  7.425   1.00 27.35 ? 19  PRO B CG  1 
ATOM   857  C CD  . PRO B 1 20 ? 7.253   20.967  6.298   1.00 24.79 ? 19  PRO B CD  1 
ATOM   858  N N   . HIS B 1 21 ? 9.789   17.235  7.362   1.00 16.98 ? 20  HIS B N   1 
ATOM   859  C CA  . HIS B 1 21 ? 9.845   15.836  6.922   1.00 16.15 ? 20  HIS B CA  1 
ATOM   860  C C   . HIS B 1 21 ? 8.437   15.356  6.644   1.00 15.47 ? 20  HIS B C   1 
ATOM   861  O O   . HIS B 1 21 ? 7.583   15.431  7.522   1.00 15.62 ? 20  HIS B O   1 
ATOM   862  C CB  . HIS B 1 21 ? 10.552  14.930  7.937   1.00 18.25 ? 20  HIS B CB  1 
ATOM   863  C CG  . HIS B 1 21 ? 12.023  15.234  8.091   1.00 20.56 ? 20  HIS B CG  1 
ATOM   864  N ND1 . HIS B 1 21 ? 12.416  16.351  8.785   1.00 19.14 ? 20  HIS B ND1 1 
ATOM   865  C CD2 . HIS B 1 21 ? 13.148  14.692  7.621   1.00 16.14 ? 20  HIS B CD2 1 
ATOM   866  C CE1 . HIS B 1 21 ? 13.733  16.490  8.724   1.00 20.40 ? 20  HIS B CE1 1 
ATOM   867  N NE2 . HIS B 1 21 ? 14.209  15.421  8.090   1.00 21.37 ? 20  HIS B NE2 1 
ATOM   868  N N   . TRP B 1 22 ? 8.174   14.918  5.395   1.00 13.38 ? 21  TRP B N   1 
ATOM   869  C CA  . TRP B 1 22 ? 6.824   14.737  4.870   1.00 12.18 ? 21  TRP B CA  1 
ATOM   870  C C   . TRP B 1 22 ? 6.513   13.286  4.536   1.00 11.58 ? 21  TRP B C   1 
ATOM   871  O O   . TRP B 1 22 ? 7.329   12.551  3.968   1.00 13.79 ? 21  TRP B O   1 
ATOM   872  C CB  . TRP B 1 22 ? 6.597   15.525  3.606   1.00 11.72 ? 21  TRP B CB  1 
ATOM   873  C CG  . TRP B 1 22 ? 5.208   15.969  3.381   1.00 14.25 ? 21  TRP B CG  1 
ATOM   874  C CD1 . TRP B 1 22 ? 4.202   15.183  2.908   1.00 11.92 ? 21  TRP B CD1 1 
ATOM   875  C CD2 . TRP B 1 22 ? 4.687   17.278  3.554   1.00 16.23 ? 21  TRP B CD2 1 
ATOM   876  N NE1 . TRP B 1 22 ? 3.114   15.950  2.631   1.00 17.36 ? 21  TRP B NE1 1 
ATOM   877  C CE2 . TRP B 1 22 ? 3.349   17.210  3.112   1.00 14.59 ? 21  TRP B CE2 1 
ATOM   878  C CE3 . TRP B 1 22 ? 5.194   18.504  4.018   1.00 13.88 ? 21  TRP B CE3 1 
ATOM   879  C CZ2 . TRP B 1 22 ? 2.517   18.342  3.109   1.00 15.45 ? 21  TRP B CZ2 1 
ATOM   880  C CZ3 . TRP B 1 22 ? 4.358   19.597  4.062   1.00 16.68 ? 21  TRP B CZ3 1 
ATOM   881  C CH2 . TRP B 1 22 ? 3.041   19.488  3.644   1.00 15.45 ? 21  TRP B CH2 1 
ATOM   882  N N   . PRO B 1 23 ? 5.335   12.776  4.948   1.00 10.35 ? 22  PRO B N   1 
ATOM   883  C CA  . PRO B 1 23 ? 4.915   11.389  4.756   1.00 13.24 ? 22  PRO B CA  1 
ATOM   884  C C   . PRO B 1 23 ? 4.866   11.211  3.235   1.00 11.87 ? 22  PRO B C   1 
ATOM   885  O O   . PRO B 1 23 ? 4.201   12.001  2.578   1.00 13.49 ? 22  PRO B O   1 
ATOM   886  C CB  . PRO B 1 23 ? 3.608   11.294  5.490   1.00 13.03 ? 22  PRO B CB  1 
ATOM   887  C CG  . PRO B 1 23 ? 3.059   12.693  5.579   1.00 13.18 ? 22  PRO B CG  1 
ATOM   888  C CD  . PRO B 1 23 ? 4.274   13.577  5.631   1.00 11.97 ? 22  PRO B CD  1 
ATOM   889  N N   . ALA B 1 24 ? 5.519   10.161  2.712   1.00 14.82 ? 23  ALA B N   1 
ATOM   890  C CA  . ALA B 1 24 ? 5.638   9.989   1.266   1.00 14.33 ? 23  ALA B CA  1 
ATOM   891  C C   . ALA B 1 24 ? 5.892   8.516   0.931   1.00 13.39 ? 23  ALA B C   1 
ATOM   892  O O   . ALA B 1 24 ? 5.945   7.700   1.830   1.00 13.86 ? 23  ALA B O   1 
ATOM   893  C CB  . ALA B 1 24 ? 6.809   10.883  0.798   1.00 13.03 ? 23  ALA B CB  1 
ATOM   894  N N   . ARG B 1 25 ? 5.966   8.182   -0.362  1.00 13.30 ? 24  ARG B N   1 
ATOM   895  C CA  . ARG B 1 25 ? 6.248   6.837   -0.830  1.00 10.75 ? 24  ARG B CA  1 
ATOM   896  C C   . ARG B 1 25 ? 7.100   6.855   -2.092  1.00 11.27 ? 24  ARG B C   1 
ATOM   897  O O   . ARG B 1 25 ? 7.046   7.819   -2.859  1.00 11.38 ? 24  ARG B O   1 
ATOM   898  C CB  . ARG B 1 25 ? 4.946   6.084   -0.998  1.00 15.90 ? 24  ARG B CB  1 
ATOM   899  C CG  . ARG B 1 25 ? 4.039   6.620   -2.061  1.00 15.88 ? 24  ARG B CG  1 
ATOM   900  C CD  . ARG B 1 25 ? 2.956   5.574   -2.365  1.00 19.74 ? 24  ARG B CD  1 
ATOM   901  N NE  . ARG B 1 25 ? 2.544   5.934   -3.710  1.00 20.96 ? 24  ARG B NE  1 
ATOM   902  C CZ  . ARG B 1 25 ? 1.355   6.272   -4.098  1.00 20.39 ? 24  ARG B CZ  1 
ATOM   903  N NH1 . ARG B 1 25 ? 0.312   6.075   -3.282  1.00 18.17 ? 24  ARG B NH1 1 
ATOM   904  N NH2 . ARG B 1 25 ? 1.158   6.707   -5.323  1.00 24.95 ? 24  ARG B NH2 1 
ATOM   905  N N   . ILE B 1 26 ? 7.794   5.727   -2.293  1.00 11.05 ? 25  ILE B N   1 
ATOM   906  C CA  . ILE B 1 26 ? 8.593   5.533   -3.512  1.00 15.02 ? 25  ILE B CA  1 
ATOM   907  C C   . ILE B 1 26 ? 7.667   5.085   -4.620  1.00 12.87 ? 25  ILE B C   1 
ATOM   908  O O   . ILE B 1 26 ? 6.860   4.205   -4.368  1.00 15.87 ? 25  ILE B O   1 
ATOM   909  C CB  . ILE B 1 26 ? 9.750   4.537   -3.337  1.00 15.36 ? 25  ILE B CB  1 
ATOM   910  C CG1 . ILE B 1 26 ? 10.578  4.785   -2.088  1.00 15.66 ? 25  ILE B CG1 1 
ATOM   911  C CG2 . ILE B 1 26 ? 10.602  4.530   -4.617  1.00 16.02 ? 25  ILE B CG2 1 
ATOM   912  C CD1 . ILE B 1 26 ? 11.478  6.013   -2.071  1.00 20.72 ? 25  ILE B CD1 1 
ATOM   913  N N   . ASP B 1 27 ? 7.614   5.800   -5.771  1.00 16.68 ? 26  ASP B N   1 
ATOM   914  C CA  . ASP B 1 27 ? 6.757   5.379   -6.867  1.00 15.16 ? 26  ASP B CA  1 
ATOM   915  C C   . ASP B 1 27 ? 7.579   4.773   -7.982  1.00 14.84 ? 26  ASP B C   1 
ATOM   916  O O   . ASP B 1 27 ? 8.772   4.864   -7.977  1.00 18.62 ? 26  ASP B O   1 
ATOM   917  C CB  . ASP B 1 27 ? 5.967   6.562   -7.408  1.00 18.64 ? 26  ASP B CB  1 
ATOM   918  C CG  . ASP B 1 27 ? 4.718   6.851   -6.608  1.00 26.06 ? 26  ASP B CG  1 
ATOM   919  O OD1 . ASP B 1 27 ? 4.645   6.295   -5.470  1.00 24.88 ? 26  ASP B OD1 1 
ATOM   920  O OD2 . ASP B 1 27 ? 3.877   7.627   -7.117  1.00 25.78 ? 26  ASP B OD2 1 
ATOM   921  N N   . ASP B 1 28 ? 6.938   4.080   -8.927  1.00 21.10 ? 27  ASP B N   1 
ATOM   922  C CA  A ASP B 1 28 ? 7.671   3.729   -10.135 0.50 19.16 ? 27  ASP B CA  1 
ATOM   923  C CA  B ASP B 1 28 ? 7.703   3.735   -10.122 0.50 21.02 ? 27  ASP B CA  1 
ATOM   924  C C   . ASP B 1 28 ? 7.546   4.886   -11.108 1.00 22.24 ? 27  ASP B C   1 
ATOM   925  O O   . ASP B 1 28 ? 6.739   5.784   -10.884 1.00 25.41 ? 27  ASP B O   1 
ATOM   926  C CB  A ASP B 1 28 ? 7.207   2.445   -10.790 0.50 18.14 ? 27  ASP B CB  1 
ATOM   927  C CB  B ASP B 1 28 ? 7.417   2.322   -10.598 0.50 22.59 ? 27  ASP B CB  1 
ATOM   928  C CG  A ASP B 1 28 ? 8.358   1.652   -11.381 0.50 16.70 ? 27  ASP B CG  1 
ATOM   929  C CG  B ASP B 1 28 ? 6.078   1.780   -10.140 0.50 22.07 ? 27  ASP B CG  1 
ATOM   930  O OD1 A ASP B 1 28 ? 8.203   0.417   -11.361 0.50 13.71 ? 27  ASP B OD1 1 
ATOM   931  O OD1 B ASP B 1 28 ? 5.115   2.529   -10.283 0.50 21.48 ? 27  ASP B OD1 1 
ATOM   932  O OD2 A ASP B 1 28 ? 9.410   2.294   -11.717 0.50 15.87 ? 27  ASP B OD2 1 
ATOM   933  O OD2 B ASP B 1 28 ? 6.047   0.659   -9.615  0.50 23.39 ? 27  ASP B OD2 1 
ATOM   934  N N   . ILE B 1 29 ? 8.320   4.801   -12.186 1.00 20.94 ? 28  ILE B N   1 
ATOM   935  C CA  . ILE B 1 29 ? 8.367   5.836   -13.193 1.00 26.13 ? 28  ILE B CA  1 
ATOM   936  C C   . ILE B 1 29 ? 7.252   5.433   -14.147 1.00 25.29 ? 28  ILE B C   1 
ATOM   937  O O   . ILE B 1 29 ? 7.272   4.285   -14.578 1.00 26.27 ? 28  ILE B O   1 
ATOM   938  C CB  . ILE B 1 29 ? 9.757   5.882   -13.862 1.00 24.27 ? 28  ILE B CB  1 
ATOM   939  C CG1 . ILE B 1 29 ? 10.990  6.013   -12.853 1.00 22.75 ? 28  ILE B CG1 1 
ATOM   940  C CG2 . ILE B 1 29 ? 9.785   6.969   -14.930 1.00 24.58 ? 28  ILE B CG2 1 
ATOM   941  C CD1 . ILE B 1 29 ? 12.334  5.639   -13.483 1.00 22.96 ? 28  ILE B CD1 1 
ATOM   942  N N   . ALA B 1 30 ? 6.277   6.318   -14.415 1.00 22.60 ? 29  ALA B N   1 
ATOM   943  C CA  . ALA B 1 30 ? 5.152   6.004   -15.297 1.00 23.60 ? 29  ALA B CA  1 
ATOM   944  C C   . ALA B 1 30 ? 5.655   5.980   -16.736 1.00 27.40 ? 29  ALA B C   1 
ATOM   945  O O   . ALA B 1 30 ? 6.653   6.632   -17.049 1.00 29.09 ? 29  ALA B O   1 
ATOM   946  C CB  . ALA B 1 30 ? 4.026   7.015   -15.115 1.00 23.92 ? 29  ALA B CB  1 
ATOM   947  N N   . ASP B 1 31 ? 4.995   5.211   -17.611 1.00 28.77 ? 30  ASP B N   1 
ATOM   948  C CA  . ASP B 1 31 ? 5.514   5.145   -18.968 1.00 31.05 ? 30  ASP B CA  1 
ATOM   949  C C   . ASP B 1 31 ? 5.521   6.554   -19.550 1.00 21.84 ? 30  ASP B C   1 
ATOM   950  O O   . ASP B 1 31 ? 4.543   7.276   -19.398 1.00 22.55 ? 30  ASP B O   1 
ATOM   951  C CB  . ASP B 1 31 ? 4.727   4.188   -19.850 1.00 33.01 ? 30  ASP B CB  1 
ATOM   952  C CG  . ASP B 1 31 ? 4.603   2.764   -19.335 1.00 37.31 ? 30  ASP B CG  1 
ATOM   953  O OD1 . ASP B 1 31 ? 5.643   2.053   -19.303 1.00 41.92 ? 30  ASP B OD1 1 
ATOM   954  O OD2 . ASP B 1 31 ? 3.464   2.369   -19.012 1.00 45.06 ? 30  ASP B OD2 1 
ATOM   955  N N   . GLY B 1 32 ? 6.675   6.925   -20.128 1.00 26.20 ? 31  GLY B N   1 
ATOM   956  C CA  . GLY B 1 32 ? 6.862   8.177   -20.851 1.00 24.37 ? 31  GLY B CA  1 
ATOM   957  C C   . GLY B 1 32 ? 7.205   9.372   -19.960 1.00 24.69 ? 31  GLY B C   1 
ATOM   958  O O   . GLY B 1 32 ? 7.362   10.504  -20.435 1.00 23.08 ? 31  GLY B O   1 
ATOM   959  N N   . ALA B 1 33 ? 7.218   9.141   -18.649 1.00 25.07 ? 32  ALA B N   1 
ATOM   960  C CA  . ALA B 1 33 ? 7.558   10.188  -17.705 1.00 22.33 ? 32  ALA B CA  1 
ATOM   961  C C   . ALA B 1 33 ? 9.054   10.541  -17.762 1.00 20.94 ? 32  ALA B C   1 
ATOM   962  O O   . ALA B 1 33 ? 9.880   9.718   -18.142 1.00 16.54 ? 32  ALA B O   1 
ATOM   963  C CB  . ALA B 1 33 ? 7.124   9.756   -16.330 1.00 22.53 ? 32  ALA B CB  1 
ATOM   964  N N   . VAL B 1 34 ? 9.387   11.719  -17.217 1.00 19.94 ? 33  VAL B N   1 
ATOM   965  C CA  . VAL B 1 34 ? 10.765  12.180  -16.959 1.00 21.26 ? 33  VAL B CA  1 
ATOM   966  C C   . VAL B 1 34 ? 11.430  11.226  -15.952 1.00 20.03 ? 33  VAL B C   1 
ATOM   967  O O   . VAL B 1 34 ? 10.933  10.936  -14.860 1.00 19.90 ? 33  VAL B O   1 
ATOM   968  C CB  . VAL B 1 34 ? 10.915  13.648  -16.466 1.00 20.45 ? 33  VAL B CB  1 
ATOM   969  C CG1 . VAL B 1 34 ? 12.345  14.053  -16.159 1.00 18.64 ? 33  VAL B CG1 1 
ATOM   970  C CG2 . VAL B 1 34 ? 10.278  14.650  -17.420 1.00 20.64 ? 33  VAL B CG2 1 
ATOM   971  N N   . LYS B 1 35 ? 12.597  10.701  -16.297 1.00 19.79 ? 34  LYS B N   1 
ATOM   972  C CA  . LYS B 1 35 ? 13.346  9.817   -15.411 1.00 19.85 ? 34  LYS B CA  1 
ATOM   973  C C   . LYS B 1 35 ? 14.152  10.611  -14.359 1.00 20.84 ? 34  LYS B C   1 
ATOM   974  O O   . LYS B 1 35 ? 14.613  11.731  -14.584 1.00 17.25 ? 34  LYS B O   1 
ATOM   975  C CB  . LYS B 1 35 ? 14.278  8.987   -16.307 1.00 19.59 ? 34  LYS B CB  1 
ATOM   976  C CG  . LYS B 1 35 ? 13.717  8.229   -17.537 1.00 23.19 ? 34  LYS B CG  1 
ATOM   977  C CD  . LYS B 1 35 ? 12.466  7.426   -17.226 1.00 24.50 ? 34  LYS B CD  1 
ATOM   978  C CE  . LYS B 1 35 ? 11.723  6.871   -18.417 1.00 28.15 ? 34  LYS B CE  1 
ATOM   979  N NZ  . LYS B 1 35 ? 10.248  6.913   -18.319 1.00 21.72 ? 34  LYS B NZ  1 
ATOM   980  N N   . PRO B 1 36 ? 14.368  10.068  -13.139 1.00 22.21 ? 35  PRO B N   1 
ATOM   981  C CA  . PRO B 1 36 ? 15.085  10.797  -12.096 1.00 22.00 ? 35  PRO B CA  1 
ATOM   982  C C   . PRO B 1 36 ? 16.541  10.936  -12.527 1.00 21.46 ? 35  PRO B C   1 
ATOM   983  O O   . PRO B 1 36 ? 16.936  10.145  -13.400 1.00 20.01 ? 35  PRO B O   1 
ATOM   984  C CB  . PRO B 1 36 ? 14.948  9.949   -10.806 1.00 23.38 ? 35  PRO B CB  1 
ATOM   985  C CG  . PRO B 1 36 ? 13.910  8.909   -11.164 1.00 22.73 ? 35  PRO B CG  1 
ATOM   986  C CD  . PRO B 1 36 ? 13.909  8.747   -12.677 1.00 23.83 ? 35  PRO B CD  1 
ATOM   987  N N   . PRO B 1 37 ? 17.220  11.992  -12.013 1.00 21.67 ? 36  PRO B N   1 
ATOM   988  C CA  . PRO B 1 37 ? 18.679  12.169  -12.042 1.00 25.13 ? 36  PRO B CA  1 
ATOM   989  C C   . PRO B 1 37 ? 19.271  10.996  -11.285 1.00 24.08 ? 36  PRO B C   1 
ATOM   990  O O   . PRO B 1 37 ? 18.536  10.319  -10.563 1.00 23.93 ? 36  PRO B O   1 
ATOM   991  C CB  . PRO B 1 37 ? 18.962  13.495  -11.350 1.00 21.37 ? 36  PRO B CB  1 
ATOM   992  C CG  . PRO B 1 37 ? 17.656  14.259  -11.455 1.00 24.03 ? 36  PRO B CG  1 
ATOM   993  C CD  . PRO B 1 37 ? 16.554  13.168  -11.428 1.00 26.08 ? 36  PRO B CD  1 
ATOM   994  N N   . PRO B 1 38 ? 20.578  10.663  -11.426 1.00 22.92 ? 37  PRO B N   1 
ATOM   995  C CA  . PRO B 1 38 ? 21.034  9.367   -10.918 1.00 24.82 ? 37  PRO B CA  1 
ATOM   996  C C   . PRO B 1 38 ? 20.932  9.195   -9.399  1.00 19.04 ? 37  PRO B C   1 
ATOM   997  O O   . PRO B 1 38 ? 21.124  10.157  -8.644  1.00 25.70 ? 37  PRO B O   1 
ATOM   998  C CB  . PRO B 1 38 ? 22.469  9.189   -11.450 1.00 25.53 ? 37  PRO B CB  1 
ATOM   999  C CG  . PRO B 1 38 ? 22.613  10.254  -12.530 1.00 26.71 ? 37  PRO B CG  1 
ATOM   1000 C CD  . PRO B 1 38 ? 21.624  11.383  -12.184 1.00 24.34 ? 37  PRO B CD  1 
ATOM   1001 N N   . ASN B 1 39 ? 20.608  7.958   -8.980  1.00 20.09 ? 38  ASN B N   1 
ATOM   1002 C CA  . ASN B 1 39 ? 20.386  7.629   -7.581  1.00 19.18 ? 38  ASN B CA  1 
ATOM   1003 C C   . ASN B 1 39 ? 19.410  8.627   -6.944  1.00 17.87 ? 38  ASN B C   1 
ATOM   1004 O O   . ASN B 1 39 ? 19.581  9.049   -5.804  1.00 20.28 ? 38  ASN B O   1 
ATOM   1005 C CB  . ASN B 1 39 ? 21.708  7.567   -6.800  1.00 20.43 ? 38  ASN B CB  1 
ATOM   1006 C CG  . ASN B 1 39 ? 21.517  7.054   -5.374  1.00 19.40 ? 38  ASN B CG  1 
ATOM   1007 O OD1 . ASN B 1 39 ? 20.689  6.150   -5.182  1.00 28.42 ? 38  ASN B OD1 1 
ATOM   1008 N ND2 . ASN B 1 39 ? 22.282  7.554   -4.401  1.00 21.34 ? 38  ASN B ND2 1 
ATOM   1009 N N   . LYS B 1 40 ? 18.418  9.073   -7.730  1.00 18.00 ? 39  LYS B N   1 
ATOM   1010 C CA  . LYS B 1 40 ? 17.204  9.640   -7.156  1.00 17.60 ? 39  LYS B CA  1 
ATOM   1011 C C   . LYS B 1 40 ? 15.988  8.791   -7.505  1.00 16.40 ? 39  LYS B C   1 
ATOM   1012 O O   . LYS B 1 40 ? 16.058  7.895   -8.365  1.00 16.77 ? 39  LYS B O   1 
ATOM   1013 C CB  . LYS B 1 40 ? 16.913  11.010  -7.743  1.00 16.92 ? 39  LYS B CB  1 
ATOM   1014 C CG  . LYS B 1 40 ? 18.042  12.007  -7.574  1.00 16.91 ? 39  LYS B CG  1 
ATOM   1015 C CD  . LYS B 1 40 ? 17.688  13.463  -7.301  1.00 19.29 ? 39  LYS B CD  1 
ATOM   1016 C CE  . LYS B 1 40 ? 18.835  14.323  -6.772  1.00 24.65 ? 39  LYS B CE  1 
ATOM   1017 N NZ  . LYS B 1 40 ? 20.095  13.595  -6.535  1.00 30.41 ? 39  LYS B NZ  1 
ATOM   1018 N N   . TYR B 1 41 ? 14.915  9.059   -6.759  1.00 15.75 ? 40  TYR B N   1 
ATOM   1019 C CA  . TYR B 1 41 ? 13.665  8.334   -6.884  1.00 16.54 ? 40  TYR B CA  1 
ATOM   1020 C C   . TYR B 1 41 ? 12.500  9.276   -7.116  1.00 14.98 ? 40  TYR B C   1 
ATOM   1021 O O   . TYR B 1 41 ? 12.511  10.423  -6.664  1.00 18.35 ? 40  TYR B O   1 
ATOM   1022 C CB  . TYR B 1 41 ? 13.438  7.445   -5.654  1.00 14.58 ? 40  TYR B CB  1 
ATOM   1023 C CG  . TYR B 1 41 ? 14.529  6.411   -5.430  1.00 12.61 ? 40  TYR B CG  1 
ATOM   1024 C CD1 . TYR B 1 41 ? 15.786  6.775   -4.961  1.00 18.42 ? 40  TYR B CD1 1 
ATOM   1025 C CD2 . TYR B 1 41 ? 14.299  5.084   -5.803  1.00 18.04 ? 40  TYR B CD2 1 
ATOM   1026 C CE1 . TYR B 1 41 ? 16.760  5.807   -4.778  1.00 22.37 ? 40  TYR B CE1 1 
ATOM   1027 C CE2 . TYR B 1 41 ? 15.293  4.127   -5.660  1.00 21.79 ? 40  TYR B CE2 1 
ATOM   1028 C CZ  . TYR B 1 41 ? 16.527  4.496   -5.169  1.00 23.67 ? 40  TYR B CZ  1 
ATOM   1029 O OH  . TYR B 1 41 ? 17.493  3.539   -4.988  1.00 25.50 ? 40  TYR B OH  1 
ATOM   1030 N N   . PRO B 1 42 ? 11.422  8.802   -7.792  1.00 14.70 ? 41  PRO B N   1 
ATOM   1031 C CA  . PRO B 1 42 ? 10.149  9.549   -7.809  1.00 12.32 ? 41  PRO B CA  1 
ATOM   1032 C C   . PRO B 1 42 ? 9.513   9.431   -6.420  1.00 12.35 ? 41  PRO B C   1 
ATOM   1033 O O   . PRO B 1 42 ? 9.282   8.275   -6.036  1.00 15.11 ? 41  PRO B O   1 
ATOM   1034 C CB  . PRO B 1 42 ? 9.337   8.880   -8.830  1.00 10.88 ? 41  PRO B CB  1 
ATOM   1035 C CG  . PRO B 1 42 ? 10.199  7.752   -9.429  1.00 14.19 ? 41  PRO B CG  1 
ATOM   1036 C CD  . PRO B 1 42 ? 11.408  7.575   -8.588  1.00 13.78 ? 41  PRO B CD  1 
ATOM   1037 N N   . ILE B 1 43 ? 9.204   10.578  -5.769  1.00 11.51 ? 42  ILE B N   1 
ATOM   1038 C CA  . ILE B 1 43 ? 8.652   10.595  -4.403  1.00 14.73 ? 42  ILE B CA  1 
ATOM   1039 C C   . ILE B 1 43 ? 7.263   11.176  -4.530  1.00 12.65 ? 42  ILE B C   1 
ATOM   1040 O O   . ILE B 1 43 ? 7.113   12.372  -4.879  1.00 14.78 ? 42  ILE B O   1 
ATOM   1041 C CB  . ILE B 1 43 ? 9.486   11.418  -3.397  1.00 16.56 ? 42  ILE B CB  1 
ATOM   1042 C CG1 . ILE B 1 43 ? 10.913  10.874  -3.319  1.00 13.61 ? 42  ILE B CG1 1 
ATOM   1043 C CG2 . ILE B 1 43 ? 8.877   11.505  -1.992  1.00 15.19 ? 42  ILE B CG2 1 
ATOM   1044 C CD1 . ILE B 1 43 ? 11.127  9.391   -3.146  1.00 13.73 ? 42  ILE B CD1 1 
ATOM   1045 N N   . PHE B 1 44 ? 6.302   10.352  -4.151  1.00 12.49 ? 43  PHE B N   1 
ATOM   1046 C CA  . PHE B 1 44 ? 4.920   10.771  -4.007  1.00 15.02 ? 43  PHE B CA  1 
ATOM   1047 C C   . PHE B 1 44 ? 4.674   11.241  -2.571  1.00 12.52 ? 43  PHE B C   1 
ATOM   1048 O O   . PHE B 1 44 ? 4.884   10.491  -1.632  1.00 13.42 ? 43  PHE B O   1 
ATOM   1049 C CB  . PHE B 1 44 ? 3.977   9.624   -4.361  1.00 14.48 ? 43  PHE B CB  1 
ATOM   1050 C CG  . PHE B 1 44 ? 2.519   10.031  -4.205  1.00 17.21 ? 43  PHE B CG  1 
ATOM   1051 C CD1 . PHE B 1 44 ? 1.856   10.706  -5.233  1.00 15.44 ? 43  PHE B CD1 1 
ATOM   1052 C CD2 . PHE B 1 44 ? 1.819   9.684   -3.074  1.00 15.17 ? 43  PHE B CD2 1 
ATOM   1053 C CE1 . PHE B 1 44 ? 0.517   11.088  -5.116  1.00 15.45 ? 43  PHE B CE1 1 
ATOM   1054 C CE2 . PHE B 1 44 ? 0.482   10.083  -2.941  1.00 15.33 ? 43  PHE B CE2 1 
ATOM   1055 C CZ  . PHE B 1 44 ? -0.148  10.804  -3.953  1.00 15.08 ? 43  PHE B CZ  1 
ATOM   1056 N N   . PHE B 1 45 ? 4.384   12.530  -2.437  1.00 12.66 ? 44  PHE B N   1 
ATOM   1057 C CA  . PHE B 1 45 ? 4.021   13.122  -1.171  1.00 12.70 ? 44  PHE B CA  1 
ATOM   1058 C C   . PHE B 1 45 ? 2.549   12.948  -0.932  1.00 12.70 ? 44  PHE B C   1 
ATOM   1059 O O   . PHE B 1 45 ? 1.743   13.424  -1.717  1.00 13.60 ? 44  PHE B O   1 
ATOM   1060 C CB  . PHE B 1 45 ? 4.376   14.599  -1.247  1.00 10.59 ? 44  PHE B CB  1 
ATOM   1061 C CG  . PHE B 1 45 ? 5.875   14.836  -1.292  1.00 13.45 ? 44  PHE B CG  1 
ATOM   1062 C CD1 . PHE B 1 45 ? 6.555   15.022  -0.100  1.00 14.62 ? 44  PHE B CD1 1 
ATOM   1063 C CD2 . PHE B 1 45 ? 6.602   14.697  -2.478  1.00 14.33 ? 44  PHE B CD2 1 
ATOM   1064 C CE1 . PHE B 1 45 ? 7.925   15.191  -0.066  1.00 17.07 ? 44  PHE B CE1 1 
ATOM   1065 C CE2 . PHE B 1 45 ? 7.976   14.886  -2.452  1.00 15.24 ? 44  PHE B CE2 1 
ATOM   1066 C CZ  . PHE B 1 45 ? 8.648   15.150  -1.237  1.00 17.85 ? 44  PHE B CZ  1 
ATOM   1067 N N   . PHE B 1 46 ? 2.268   12.389  0.227   1.00 13.30 ? 45  PHE B N   1 
ATOM   1068 C CA  . PHE B 1 46 ? 0.887   12.227  0.698   1.00 15.22 ? 45  PHE B CA  1 
ATOM   1069 C C   . PHE B 1 46 ? 0.276   13.623  0.996   1.00 14.44 ? 45  PHE B C   1 
ATOM   1070 O O   . PHE B 1 46 ? 0.974   14.595  1.289   1.00 19.58 ? 45  PHE B O   1 
ATOM   1071 C CB  . PHE B 1 46 ? 0.802   11.297  1.903   1.00 13.46 ? 45  PHE B CB  1 
ATOM   1072 C CG  . PHE B 1 46 ? 1.088   9.867   1.431   1.00 13.23 ? 45  PHE B CG  1 
ATOM   1073 C CD1 . PHE B 1 46 ? 0.116   9.175   0.708   1.00 13.14 ? 45  PHE B CD1 1 
ATOM   1074 C CD2 . PHE B 1 46 ? 2.252   9.219   1.809   1.00 16.35 ? 45  PHE B CD2 1 
ATOM   1075 C CE1 . PHE B 1 46 ? 0.327   7.834   0.324   1.00 13.24 ? 45  PHE B CE1 1 
ATOM   1076 C CE2 . PHE B 1 46 ? 2.411   7.862   1.503   1.00 15.18 ? 45  PHE B CE2 1 
ATOM   1077 C CZ  . PHE B 1 46 ? 1.505   7.214   0.692   1.00 12.52 ? 45  PHE B CZ  1 
ATOM   1078 N N   . GLY B 1 47 ? -1.057  13.755  0.869   1.00 14.69 ? 46  GLY B N   1 
ATOM   1079 C CA  . GLY B 1 47 ? -1.737  14.985  1.239   1.00 18.96 ? 46  GLY B CA  1 
ATOM   1080 C C   . GLY B 1 47 ? -1.766  15.953  0.068   1.00 16.45 ? 46  GLY B C   1 
ATOM   1081 O O   . GLY B 1 47 ? -2.844  16.300  -0.462  1.00 18.08 ? 46  GLY B O   1 
ATOM   1082 N N   . THR B 1 48 ? -0.552  16.424  -0.344  1.00 17.39 ? 47  THR B N   1 
ATOM   1083 C CA  . THR B 1 48 ? -0.462  17.271  -1.518  1.00 16.05 ? 47  THR B CA  1 
ATOM   1084 C C   . THR B 1 48 ? -0.666  16.453  -2.809  1.00 16.18 ? 47  THR B C   1 
ATOM   1085 O O   . THR B 1 48 ? -1.037  17.062  -3.814  1.00 20.19 ? 47  THR B O   1 
ATOM   1086 C CB  . THR B 1 48 ? 0.837   18.091  -1.612  1.00 16.34 ? 47  THR B CB  1 
ATOM   1087 O OG1 . THR B 1 48 ? 1.871   17.116  -1.664  1.00 17.31 ? 47  THR B OG1 1 
ATOM   1088 C CG2 . THR B 1 48 ? 1.116   18.955  -0.407  1.00 18.23 ? 47  THR B CG2 1 
ATOM   1089 N N   . HIS B 1 49 ? -0.187  15.198  -2.879  1.00 17.85 ? 48  HIS B N   1 
ATOM   1090 C CA  . HIS B 1 49 ? -0.290  14.300  -4.029  1.00 17.74 ? 48  HIS B CA  1 
ATOM   1091 C C   . HIS B 1 49 ? 0.671   14.716  -5.151  1.00 18.20 ? 48  HIS B C   1 
ATOM   1092 O O   . HIS B 1 49 ? 0.376   14.478  -6.341  1.00 19.62 ? 48  HIS B O   1 
ATOM   1093 C CB  . HIS B 1 49 ? -1.740  14.112  -4.517  1.00 16.30 ? 48  HIS B CB  1 
ATOM   1094 C CG  . HIS B 1 49 ? -2.649  13.787  -3.405  1.00 21.67 ? 48  HIS B CG  1 
ATOM   1095 N ND1 . HIS B 1 49 ? -3.840  14.450  -3.274  1.00 21.60 ? 48  HIS B ND1 1 
ATOM   1096 C CD2 . HIS B 1 49 ? -2.530  12.964  -2.374  1.00 22.19 ? 48  HIS B CD2 1 
ATOM   1097 C CE1 . HIS B 1 49 ? -4.454  14.001  -2.183  1.00 22.16 ? 48  HIS B CE1 1 
ATOM   1098 N NE2 . HIS B 1 49 ? -3.682  13.084  -1.628  1.00 25.43 ? 48  HIS B NE2 1 
ATOM   1099 N N   . GLU B 1 50 ? 1.694   15.509  -4.780  1.00 15.28 ? 49  GLU B N   1 
ATOM   1100 C CA  . GLU B 1 50 ? 2.759   15.950  -5.678  1.00 18.62 ? 49  GLU B CA  1 
ATOM   1101 C C   . GLU B 1 50 ? 3.878   14.920  -5.693  1.00 16.27 ? 49  GLU B C   1 
ATOM   1102 O O   . GLU B 1 50 ? 4.129   14.267  -4.677  1.00 15.47 ? 49  GLU B O   1 
ATOM   1103 C CB  . GLU B 1 50 ? 3.403   17.249  -5.204  1.00 17.11 ? 49  GLU B CB  1 
ATOM   1104 C CG  . GLU B 1 50 ? 2.497   18.470  -5.214  1.00 20.25 ? 49  GLU B CG  1 
ATOM   1105 C CD  . GLU B 1 50 ? 2.183   18.988  -6.593  1.00 22.35 ? 49  GLU B CD  1 
ATOM   1106 O OE1 . GLU B 1 50 ? 3.190   19.406  -7.235  1.00 23.30 ? 49  GLU B OE1 1 
ATOM   1107 O OE2 . GLU B 1 50 ? 1.000   18.971  -7.046  1.00 22.15 ? 49  GLU B OE2 1 
ATOM   1108 N N   . THR B 1 51 ? 4.552   14.774  -6.852  1.00 19.07 ? 50  THR B N   1 
ATOM   1109 C CA  . THR B 1 51 ? 5.786   13.986  -6.906  1.00 16.95 ? 50  THR B CA  1 
ATOM   1110 C C   . THR B 1 51 ? 6.977   14.911  -7.168  1.00 14.72 ? 50  THR B C   1 
ATOM   1111 O O   . THR B 1 51 ? 6.879   15.876  -7.926  1.00 16.94 ? 50  THR B O   1 
ATOM   1112 C CB  . THR B 1 51 ? 5.620   12.915  -7.971  1.00 16.70 ? 50  THR B CB  1 
ATOM   1113 O OG1 . THR B 1 51 ? 4.543   12.079  -7.568  1.00 22.86 ? 50  THR B OG1 1 
ATOM   1114 C CG2 . THR B 1 51 ? 6.769   11.926  -8.149  1.00 15.72 ? 50  THR B CG2 1 
ATOM   1115 N N   . ALA B 1 52 ? 8.125   14.540  -6.630  1.00 14.00 ? 51  ALA B N   1 
ATOM   1116 C CA  . ALA B 1 52 ? 9.420   15.156  -6.913  1.00 13.62 ? 51  ALA B CA  1 
ATOM   1117 C C   . ALA B 1 52 ? 10.508  14.087  -6.821  1.00 16.64 ? 51  ALA B C   1 
ATOM   1118 O O   . ALA B 1 52 ? 10.333  12.966  -6.249  1.00 16.49 ? 51  ALA B O   1 
ATOM   1119 C CB  . ALA B 1 52 ? 9.730   16.182  -5.864  1.00 15.10 ? 51  ALA B CB  1 
ATOM   1120 N N   . PHE B 1 53 ? 11.668  14.516  -7.336  1.00 16.72 ? 52  PHE B N   1 
ATOM   1121 C CA  . PHE B 1 53 ? 12.794  13.612  -7.272  1.00 15.86 ? 52  PHE B CA  1 
ATOM   1122 C C   . PHE B 1 53 ? 13.682  13.939  -6.085  1.00 11.79 ? 52  PHE B C   1 
ATOM   1123 O O   . PHE B 1 53 ? 14.112  15.084  -5.909  1.00 13.06 ? 52  PHE B O   1 
ATOM   1124 C CB  . PHE B 1 53 ? 13.675  13.649  -8.512  1.00 16.18 ? 52  PHE B CB  1 
ATOM   1125 C CG  . PHE B 1 53 ? 13.016  13.320  -9.857  1.00 16.16 ? 52  PHE B CG  1 
ATOM   1126 C CD1 . PHE B 1 53 ? 12.245  12.161  -10.065 1.00 15.19 ? 52  PHE B CD1 1 
ATOM   1127 C CD2 . PHE B 1 53 ? 13.151  14.181  -10.934 1.00 15.71 ? 52  PHE B CD2 1 
ATOM   1128 C CE1 . PHE B 1 53 ? 11.661  11.902  -11.300 1.00 16.38 ? 52  PHE B CE1 1 
ATOM   1129 C CE2 . PHE B 1 53 ? 12.604  13.902  -12.165 1.00 17.16 ? 52  PHE B CE2 1 
ATOM   1130 C CZ  . PHE B 1 53 ? 11.869  12.759  -12.357 1.00 16.82 ? 52  PHE B CZ  1 
ATOM   1131 N N   . LEU B 1 54 ? 14.003  12.847  -5.357  1.00 16.08 ? 53  LEU B N   1 
ATOM   1132 C CA  . LEU B 1 54 ? 14.784  12.978  -4.139  1.00 15.09 ? 53  LEU B CA  1 
ATOM   1133 C C   . LEU B 1 54 ? 15.786  11.846  -4.092  1.00 12.58 ? 53  LEU B C   1 
ATOM   1134 O O   . LEU B 1 54 ? 15.504  10.745  -4.584  1.00 14.54 ? 53  LEU B O   1 
ATOM   1135 C CB  . LEU B 1 54 ? 13.976  12.991  -2.843  1.00 15.85 ? 53  LEU B CB  1 
ATOM   1136 C CG  . LEU B 1 54 ? 13.333  14.335  -2.556  1.00 16.57 ? 53  LEU B CG  1 
ATOM   1137 C CD1 . LEU B 1 54 ? 12.514  14.150  -1.289  1.00 17.67 ? 53  LEU B CD1 1 
ATOM   1138 C CD2 . LEU B 1 54 ? 14.365  15.430  -2.443  1.00 17.14 ? 53  LEU B CD2 1 
ATOM   1139 N N   . GLY B 1 55 ? 16.874  12.105  -3.349  1.00 14.23 ? 54  GLY B N   1 
ATOM   1140 C CA  . GLY B 1 55 ? 17.872  11.078  -3.159  1.00 12.60 ? 54  GLY B CA  1 
ATOM   1141 C C   . GLY B 1 55 ? 17.850  10.524  -1.746  1.00 14.72 ? 54  GLY B C   1 
ATOM   1142 O O   . GLY B 1 55 ? 17.194  11.031  -0.842  1.00 13.32 ? 54  GLY B O   1 
ATOM   1143 N N   . PRO B 1 56 ? 18.437  9.333   -1.526  1.00 11.31 ? 55  PRO B N   1 
ATOM   1144 C CA  . PRO B 1 56 ? 18.396  8.723   -0.192  1.00 13.27 ? 55  PRO B CA  1 
ATOM   1145 C C   . PRO B 1 56 ? 18.714  9.530   1.067   1.00 13.39 ? 55  PRO B C   1 
ATOM   1146 O O   . PRO B 1 56 ? 18.188  9.297   2.167   1.00 13.65 ? 55  PRO B O   1 
ATOM   1147 C CB  . PRO B 1 56 ? 19.287  7.465   -0.413  1.00 14.13 ? 55  PRO B CB  1 
ATOM   1148 C CG  . PRO B 1 56 ? 19.336  7.300   -1.895  1.00 17.35 ? 55  PRO B CG  1 
ATOM   1149 C CD  . PRO B 1 56 ? 19.230  8.607   -2.548  1.00 12.66 ? 55  PRO B CD  1 
ATOM   1150 N N   . LYS B 1 57 ? 19.678  10.488  0.934   1.00 13.33 ? 56  LYS B N   1 
ATOM   1151 C CA  . LYS B 1 57 ? 20.014  11.351  2.055   1.00 14.89 ? 56  LYS B CA  1 
ATOM   1152 C C   . LYS B 1 57 ? 18.744  12.011  2.562   1.00 14.73 ? 56  LYS B C   1 
ATOM   1153 O O   . LYS B 1 57 ? 18.676  12.341  3.779   1.00 14.96 ? 56  LYS B O   1 
ATOM   1154 C CB  . LYS B 1 57 ? 21.003  12.465  1.678   1.00 18.32 ? 56  LYS B CB  1 
ATOM   1155 C CG  . LYS B 1 57 ? 20.505  13.580  0.810   1.00 19.66 ? 56  LYS B CG  1 
ATOM   1156 C CD  . LYS B 1 57 ? 21.508  14.720  0.594   1.00 18.15 ? 56  LYS B CD  1 
ATOM   1157 C CE  . LYS B 1 57 ? 20.996  15.945  -0.144  1.00 21.07 ? 56  LYS B CE  1 
ATOM   1158 N NZ  . LYS B 1 57 ? 20.242  16.938  0.639   1.00 25.94 ? 56  LYS B NZ  1 
ATOM   1159 N N   . ASP B 1 58 ? 17.728  12.047  1.697   1.00 12.95 ? 57  ASP B N   1 
ATOM   1160 C CA  . ASP B 1 58 ? 16.527  12.789  2.142   1.00 13.81 ? 57  ASP B CA  1 
ATOM   1161 C C   . ASP B 1 58 ? 15.342  11.876  2.427   1.00 14.52 ? 57  ASP B C   1 
ATOM   1162 O O   . ASP B 1 58 ? 14.210  12.366  2.443   1.00 12.12 ? 57  ASP B O   1 
ATOM   1163 C CB  . ASP B 1 58 ? 16.155  13.839  1.124   1.00 15.32 ? 57  ASP B CB  1 
ATOM   1164 C CG  . ASP B 1 58 ? 17.066  15.067  1.202   1.00 14.82 ? 57  ASP B CG  1 
ATOM   1165 O OD1 . ASP B 1 58 ? 17.428  15.494  2.356   1.00 14.67 ? 57  ASP B OD1 1 
ATOM   1166 O OD2 . ASP B 1 58 ? 17.536  15.489  0.123   1.00 20.76 ? 57  ASP B OD2 1 
ATOM   1167 N N   . LEU B 1 59 ? 15.591  10.559  2.570   1.00 12.25 ? 58  LEU B N   1 
ATOM   1168 C CA  . LEU B 1 59 ? 14.554  9.508   2.597   1.00 12.04 ? 58  LEU B CA  1 
ATOM   1169 C C   . LEU B 1 59 ? 14.793  8.657   3.833   1.00 12.29 ? 58  LEU B C   1 
ATOM   1170 O O   . LEU B 1 59 ? 15.904  8.221   4.117   1.00 14.39 ? 58  LEU B O   1 
ATOM   1171 C CB  . LEU B 1 59 ? 14.594  8.683   1.329   1.00 14.58 ? 58  LEU B CB  1 
ATOM   1172 C CG  . LEU B 1 59 ? 14.309  9.539   0.107   1.00 15.91 ? 58  LEU B CG  1 
ATOM   1173 C CD1 . LEU B 1 59 ? 14.498  8.679   -1.114  1.00 15.40 ? 58  LEU B CD1 1 
ATOM   1174 C CD2 . LEU B 1 59 ? 12.950  10.132  0.148   1.00 18.31 ? 58  LEU B CD2 1 
ATOM   1175 N N   . PHE B 1 60 ? 13.807  8.700   4.716   1.00 13.16 ? 59  PHE B N   1 
ATOM   1176 C CA  . PHE B 1 60 ? 13.830  8.084   6.018   1.00 14.01 ? 59  PHE B CA  1 
ATOM   1177 C C   . PHE B 1 60 ? 12.701  7.047   6.037   1.00 15.61 ? 59  PHE B C   1 
ATOM   1178 O O   . PHE B 1 60 ? 11.563  7.391   5.701   1.00 15.65 ? 59  PHE B O   1 
ATOM   1179 C CB  . PHE B 1 60 ? 13.508  9.061   7.163   1.00 14.68 ? 59  PHE B CB  1 
ATOM   1180 C CG  . PHE B 1 60 ? 14.519  10.194  7.177   1.00 14.33 ? 59  PHE B CG  1 
ATOM   1181 C CD1 . PHE B 1 60 ? 14.473  11.235  6.243   1.00 17.20 ? 59  PHE B CD1 1 
ATOM   1182 C CD2 . PHE B 1 60 ? 15.510  10.214  8.154   1.00 15.75 ? 59  PHE B CD2 1 
ATOM   1183 C CE1 . PHE B 1 60 ? 15.372  12.298  6.296   1.00 16.13 ? 59  PHE B CE1 1 
ATOM   1184 C CE2 . PHE B 1 60 ? 16.477  11.232  8.139   1.00 18.05 ? 59  PHE B CE2 1 
ATOM   1185 C CZ  . PHE B 1 60 ? 16.423  12.254  7.219   1.00 15.97 ? 59  PHE B CZ  1 
ATOM   1186 N N   . PRO B 1 61 ? 12.921  5.808   6.524   1.00 14.79 ? 60  PRO B N   1 
ATOM   1187 C CA  . PRO B 1 61 ? 11.874  4.787   6.506   1.00 13.44 ? 60  PRO B CA  1 
ATOM   1188 C C   . PRO B 1 61 ? 10.691  5.282   7.337   1.00 12.06 ? 60  PRO B C   1 
ATOM   1189 O O   . PRO B 1 61 ? 10.832  5.811   8.446   1.00 15.02 ? 60  PRO B O   1 
ATOM   1190 C CB  . PRO B 1 61 ? 12.614  3.557   7.101   1.00 15.94 ? 60  PRO B CB  1 
ATOM   1191 C CG  . PRO B 1 61 ? 13.621  4.099   8.071   1.00 12.42 ? 60  PRO B CG  1 
ATOM   1192 C CD  . PRO B 1 61 ? 14.050  5.387   7.349   1.00 14.21 ? 60  PRO B CD  1 
ATOM   1193 N N   . TYR B 1 62 ? 9.470   4.989   6.891   1.00 13.36 ? 61  TYR B N   1 
ATOM   1194 C CA  . TYR B 1 62 ? 8.295   5.507   7.598   1.00 15.20 ? 61  TYR B CA  1 
ATOM   1195 C C   . TYR B 1 62 ? 8.191   4.946   9.018   1.00 15.30 ? 61  TYR B C   1 
ATOM   1196 O O   . TYR B 1 62 ? 8.121   5.669   10.023  1.00 16.80 ? 61  TYR B O   1 
ATOM   1197 C CB  . TYR B 1 62 ? 6.997   5.238   6.825   1.00 16.68 ? 61  TYR B CB  1 
ATOM   1198 C CG  . TYR B 1 62 ? 5.773   5.584   7.656   1.00 17.01 ? 61  TYR B CG  1 
ATOM   1199 C CD1 . TYR B 1 62 ? 5.423   6.910   7.840   1.00 15.93 ? 61  TYR B CD1 1 
ATOM   1200 C CD2 . TYR B 1 62 ? 4.844   4.627   8.045   1.00 17.54 ? 61  TYR B CD2 1 
ATOM   1201 C CE1 . TYR B 1 62 ? 4.265   7.277   8.509   1.00 17.71 ? 61  TYR B CE1 1 
ATOM   1202 C CE2 . TYR B 1 62 ? 3.702   4.972   8.714   1.00 16.66 ? 61  TYR B CE2 1 
ATOM   1203 C CZ  . TYR B 1 62 ? 3.424   6.302   8.982   1.00 18.11 ? 61  TYR B CZ  1 
ATOM   1204 O OH  . TYR B 1 62 ? 2.281   6.514   9.674   1.00 22.09 ? 61  TYR B OH  1 
ATOM   1205 N N   . ASP B 1 63 ? 8.149   3.621   9.152   1.00 17.60 ? 62  ASP B N   1 
ATOM   1206 C CA  . ASP B 1 63 ? 7.659   3.091   10.430  1.00 20.62 ? 62  ASP B CA  1 
ATOM   1207 C C   . ASP B 1 63 ? 8.640   3.354   11.575  1.00 21.64 ? 62  ASP B C   1 
ATOM   1208 O O   . ASP B 1 63 ? 8.228   3.506   12.740  1.00 23.30 ? 62  ASP B O   1 
ATOM   1209 C CB  . ASP B 1 63 ? 7.114   1.668   10.315  1.00 25.35 ? 62  ASP B CB  1 
ATOM   1210 C CG  . ASP B 1 63 ? 5.597   1.559   10.448  1.00 35.86 ? 62  ASP B CG  1 
ATOM   1211 O OD1 . ASP B 1 63 ? 4.924   1.121   9.468   1.00 40.95 ? 62  ASP B OD1 1 
ATOM   1212 O OD2 . ASP B 1 63 ? 5.091   1.911   11.551  1.00 41.07 ? 62  ASP B OD2 1 
ATOM   1213 N N   . LYS B 1 64 ? 9.936   3.473   11.268  1.00 22.20 ? 63  LYS B N   1 
ATOM   1214 C CA  . LYS B 1 64 ? 10.915  3.734   12.315  1.00 21.18 ? 63  LYS B CA  1 
ATOM   1215 C C   . LYS B 1 64 ? 11.195  5.228   12.508  1.00 19.97 ? 63  LYS B C   1 
ATOM   1216 O O   . LYS B 1 64 ? 11.813  5.581   13.503  1.00 21.23 ? 63  LYS B O   1 
ATOM   1217 C CB  . LYS B 1 64 ? 12.210  2.963   12.061  1.00 24.54 ? 63  LYS B CB  1 
ATOM   1218 C CG  . LYS B 1 64 ? 12.154  1.458   12.375  1.00 27.89 ? 63  LYS B CG  1 
ATOM   1219 C CD  . LYS B 1 64 ? 12.000  1.132   13.855  1.00 33.35 ? 63  LYS B CD  1 
ATOM   1220 C CE  . LYS B 1 64 ? 11.788  -0.335  14.114  1.00 32.66 ? 63  LYS B CE  1 
ATOM   1221 N NZ  . LYS B 1 64 ? 10.587  -0.830  13.408  1.00 33.64 ? 63  LYS B NZ  1 
ATOM   1222 N N   . SER B 1 65 ? 10.794  6.087   11.544  1.00 17.77 ? 64  SER B N   1 
ATOM   1223 C CA  . SER B 1 65 ? 10.993  7.524   11.665  1.00 19.63 ? 64  SER B CA  1 
ATOM   1224 C C   . SER B 1 65 ? 9.704   8.241   12.063  1.00 21.12 ? 64  SER B C   1 
ATOM   1225 O O   . SER B 1 65 ? 9.774   9.419   12.380  1.00 23.13 ? 64  SER B O   1 
ATOM   1226 C CB  . SER B 1 65 ? 11.597  8.090   10.397  1.00 20.00 ? 64  SER B CB  1 
ATOM   1227 O OG  . SER B 1 65 ? 12.656  7.213   9.996   1.00 24.65 ? 64  SER B OG  1 
ATOM   1228 N N   . LYS B 1 66 ? 8.548   7.557   12.199  1.00 20.76 ? 65  LYS B N   1 
ATOM   1229 C CA  . LYS B 1 66 ? 7.312   8.274   12.514  1.00 23.91 ? 65  LYS B CA  1 
ATOM   1230 C C   . LYS B 1 66 ? 7.280   8.831   13.936  1.00 21.34 ? 65  LYS B C   1 
ATOM   1231 O O   . LYS B 1 66 ? 6.509   9.736   14.198  1.00 20.29 ? 65  LYS B O   1 
ATOM   1232 C CB  . LYS B 1 66 ? 6.009   7.472   12.357  1.00 24.44 ? 65  LYS B CB  1 
ATOM   1233 C CG  . LYS B 1 66 ? 6.024   6.114   13.018  1.00 29.39 ? 65  LYS B CG  1 
ATOM   1234 C CD  . LYS B 1 66 ? 4.709   5.493   13.492  1.00 34.06 ? 65  LYS B CD  1 
ATOM   1235 C CE  . LYS B 1 66 ? 4.954   4.320   14.401  1.00 39.73 ? 65  LYS B CE  1 
ATOM   1236 N NZ  . LYS B 1 66 ? 5.773   4.632   15.593  1.00 44.00 ? 65  LYS B NZ  1 
ATOM   1237 N N   . ASP B 1 67 ? 8.036   8.260   14.871  1.00 24.50 ? 66  ASP B N   1 
ATOM   1238 C CA  . ASP B 1 67 ? 8.010   8.776   16.229  1.00 25.54 ? 66  ASP B CA  1 
ATOM   1239 C C   . ASP B 1 67 ? 8.571   10.198  16.177  1.00 22.43 ? 66  ASP B C   1 
ATOM   1240 O O   . ASP B 1 67 ? 7.951   11.134  16.658  1.00 28.04 ? 66  ASP B O   1 
ATOM   1241 C CB  . ASP B 1 67 ? 8.713   7.816   17.174  1.00 25.35 ? 66  ASP B CB  1 
ATOM   1242 C CG  . ASP B 1 67 ? 8.216   6.386   17.067  1.00 30.02 ? 66  ASP B CG  1 
ATOM   1243 O OD1 . ASP B 1 67 ? 7.124   6.147   17.566  1.00 30.79 ? 66  ASP B OD1 1 
ATOM   1244 O OD2 . ASP B 1 67 ? 8.906   5.542   16.445  1.00 35.85 ? 66  ASP B OD2 1 
ATOM   1245 N N   . LYS B 1 68 ? 9.659   10.369  15.424  1.00 24.68 ? 67  LYS B N   1 
ATOM   1246 C CA  . LYS B 1 68 ? 10.355  11.642  15.303  1.00 25.44 ? 67  LYS B CA  1 
ATOM   1247 C C   . LYS B 1 68 ? 9.608   12.677  14.463  1.00 22.51 ? 67  LYS B C   1 
ATOM   1248 O O   . LYS B 1 68 ? 9.668   13.885  14.751  1.00 31.50 ? 67  LYS B O   1 
ATOM   1249 C CB  . LYS B 1 68 ? 11.729  11.320  14.713  1.00 27.68 ? 67  LYS B CB  1 
ATOM   1250 C CG  . LYS B 1 68 ? 12.794  12.382  14.912  1.00 24.44 ? 67  LYS B CG  1 
ATOM   1251 C CD  . LYS B 1 68 ? 14.081  11.906  14.252  1.00 27.31 ? 67  LYS B CD  1 
ATOM   1252 C CE  . LYS B 1 68 ? 15.334  12.760  14.339  1.00 28.90 ? 67  LYS B CE  1 
ATOM   1253 N NZ  . LYS B 1 68 ? 15.716  13.212  15.682  1.00 32.22 ? 67  LYS B NZ  1 
ATOM   1254 N N   . TYR B 1 69 ? 9.085   12.242  13.305  1.00 18.37 ? 68  TYR B N   1 
ATOM   1255 C CA  . TYR B 1 69 ? 8.568   13.084  12.246  1.00 16.39 ? 68  TYR B CA  1 
ATOM   1256 C C   . TYR B 1 69 ? 7.035   13.022  12.070  1.00 18.69 ? 68  TYR B C   1 
ATOM   1257 O O   . TYR B 1 69 ? 6.481   13.690  11.190  1.00 19.66 ? 68  TYR B O   1 
ATOM   1258 C CB  . TYR B 1 69 ? 9.131   12.739  10.867  1.00 15.95 ? 68  TYR B CB  1 
ATOM   1259 C CG  . TYR B 1 69 ? 10.648  12.846  10.768  1.00 16.23 ? 68  TYR B CG  1 
ATOM   1260 C CD1 . TYR B 1 69 ? 11.340  13.955  11.285  1.00 20.03 ? 68  TYR B CD1 1 
ATOM   1261 C CD2 . TYR B 1 69 ? 11.405  11.789  10.307  1.00 18.36 ? 68  TYR B CD2 1 
ATOM   1262 C CE1 . TYR B 1 69 ? 12.723  14.055  11.150  1.00 18.15 ? 68  TYR B CE1 1 
ATOM   1263 C CE2 . TYR B 1 69 ? 12.787  11.850  10.226  1.00 20.01 ? 68  TYR B CE2 1 
ATOM   1264 C CZ  . TYR B 1 69 ? 13.471  12.985  10.648  1.00 18.05 ? 68  TYR B CZ  1 
ATOM   1265 O OH  . TYR B 1 69 ? 14.860  13.097  10.647  1.00 21.97 ? 68  TYR B OH  1 
ATOM   1266 N N   . GLY B 1 70 ? 6.326   12.146  12.796  1.00 24.17 ? 69  GLY B N   1 
ATOM   1267 C CA  . GLY B 1 70 ? 4.908   11.903  12.576  1.00 25.54 ? 69  GLY B CA  1 
ATOM   1268 C C   . GLY B 1 70 ? 3.984   12.885  13.305  1.00 27.12 ? 69  GLY B C   1 
ATOM   1269 O O   . GLY B 1 70 ? 2.778   12.615  13.358  1.00 26.53 ? 69  GLY B O   1 
ATOM   1270 N N   . LYS B 1 71 ? 4.521   13.971  13.872  1.00 28.70 ? 70  LYS B N   1 
ATOM   1271 C CA  . LYS B 1 71 ? 3.710   14.915  14.634  1.00 30.86 ? 70  LYS B CA  1 
ATOM   1272 C C   . LYS B 1 71 ? 2.840   15.727  13.671  1.00 30.62 ? 70  LYS B C   1 
ATOM   1273 O O   . LYS B 1 71 ? 3.275   16.049  12.569  1.00 25.73 ? 70  LYS B O   1 
ATOM   1274 C CB  . LYS B 1 71 ? 4.591   15.770  15.560  1.00 26.71 ? 70  LYS B CB  1 
ATOM   1275 N N   . PRO B 1 72 ? 1.565   16.038  14.028  1.00 30.54 ? 71  PRO B N   1 
ATOM   1276 C CA  . PRO B 1 72 ? 0.701   16.900  13.205  1.00 27.83 ? 71  PRO B CA  1 
ATOM   1277 C C   . PRO B 1 72 ? 1.219   18.334  13.145  1.00 30.74 ? 71  PRO B C   1 
ATOM   1278 O O   . PRO B 1 72 ? 1.690   18.873  14.154  1.00 32.44 ? 71  PRO B O   1 
ATOM   1279 C CB  . PRO B 1 72 ? -0.709  16.836  13.898  1.00 29.93 ? 71  PRO B CB  1 
ATOM   1280 C CG  . PRO B 1 72 ? -0.641  15.640  14.811  1.00 28.96 ? 71  PRO B CG  1 
ATOM   1281 C CD  . PRO B 1 72 ? 0.840   15.514  15.198  1.00 30.17 ? 71  PRO B CD  1 
ATOM   1282 N N   . ASN B 1 73 ? 1.053   18.981  11.990  1.00 28.34 ? 72  ASN B N   1 
ATOM   1283 C CA  . ASN B 1 73 ? 1.403   20.390  11.886  1.00 32.69 ? 72  ASN B CA  1 
ATOM   1284 C C   . ASN B 1 73 ? 0.351   21.121  11.053  1.00 32.27 ? 72  ASN B C   1 
ATOM   1285 O O   . ASN B 1 73 ? -0.723  20.575  10.809  1.00 30.14 ? 72  ASN B O   1 
ATOM   1286 C CB  . ASN B 1 73 ? 2.843   20.578  11.420  1.00 34.01 ? 72  ASN B CB  1 
ATOM   1287 C CG  . ASN B 1 73 ? 3.069   20.110  10.003  1.00 29.84 ? 72  ASN B CG  1 
ATOM   1288 O OD1 . ASN B 1 73 ? 2.377   20.557  9.083   1.00 28.41 ? 72  ASN B OD1 1 
ATOM   1289 N ND2 . ASN B 1 73 ? 4.056   19.249  9.804   1.00 25.02 ? 72  ASN B ND2 1 
ATOM   1290 N N   . LYS B 1 74 ? 0.689   22.356  10.658  1.00 29.13 ? 73  LYS B N   1 
ATOM   1291 C CA  . LYS B 1 74 ? -0.209  23.323  10.064  1.00 31.41 ? 73  LYS B CA  1 
ATOM   1292 C C   . LYS B 1 74 ? -0.089  23.315  8.543   1.00 24.74 ? 73  LYS B C   1 
ATOM   1293 O O   . LYS B 1 74 ? -0.999  23.771  7.835   1.00 28.42 ? 73  LYS B O   1 
ATOM   1294 C CB  . LYS B 1 74 ? 0.204   24.705  10.604  1.00 29.40 ? 73  LYS B CB  1 
ATOM   1295 N N   . ARG B 1 75 ? 1.058   22.824  8.026   1.00 23.88 ? 74  ARG B N   1 
ATOM   1296 C CA  . ARG B 1 75 ? 1.374   23.004  6.620   1.00 27.63 ? 74  ARG B CA  1 
ATOM   1297 C C   . ARG B 1 75 ? 0.277   22.340  5.794   1.00 26.43 ? 74  ARG B C   1 
ATOM   1298 O O   . ARG B 1 75 ? -0.173  21.237  6.134   1.00 21.33 ? 74  ARG B O   1 
ATOM   1299 C CB  . ARG B 1 75 ? 2.742   22.436  6.230   1.00 28.26 ? 74  ARG B CB  1 
ATOM   1300 C CG  . ARG B 1 75 ? 3.933   23.045  6.968   1.00 27.51 ? 74  ARG B CG  1 
ATOM   1301 C CD  . ARG B 1 75 ? 4.169   24.514  6.587   1.00 28.74 ? 74  ARG B CD  1 
ATOM   1302 N NE  . ARG B 1 75 ? 4.571   24.597  5.180   1.00 26.23 ? 74  ARG B NE  1 
ATOM   1303 C CZ  . ARG B 1 75 ? 5.852   24.582  4.791   1.00 19.90 ? 74  ARG B CZ  1 
ATOM   1304 N NH1 . ARG B 1 75 ? 6.834   24.484  5.690   1.00 25.39 ? 74  ARG B NH1 1 
ATOM   1305 N NH2 . ARG B 1 75 ? 6.116   24.657  3.508   1.00 23.74 ? 74  ARG B NH2 1 
ATOM   1306 N N   . LYS B 1 76 ? -0.132  23.010  4.715   1.00 25.27 ? 75  LYS B N   1 
ATOM   1307 C CA  . LYS B 1 76 ? -1.272  22.595  3.909   1.00 27.33 ? 75  LYS B CA  1 
ATOM   1308 C C   . LYS B 1 76 ? -1.044  21.170  3.406   1.00 21.78 ? 75  LYS B C   1 
ATOM   1309 O O   . LYS B 1 76 ? -0.008  20.884  2.786   1.00 24.37 ? 75  LYS B O   1 
ATOM   1310 C CB  . LYS B 1 76 ? -1.450  23.586  2.754   1.00 30.48 ? 75  LYS B CB  1 
ATOM   1311 C CG  . LYS B 1 76 ? -2.815  23.610  2.093   1.00 29.06 ? 75  LYS B CG  1 
ATOM   1312 C CD  . LYS B 1 76 ? -2.798  24.597  0.932   1.00 30.48 ? 75  LYS B CD  1 
ATOM   1313 C CE  . LYS B 1 76 ? -4.046  24.665  0.068   1.00 31.34 ? 75  LYS B CE  1 
ATOM   1314 N NZ  . LYS B 1 76 ? -5.139  25.510  0.565   1.00 32.88 ? 75  LYS B NZ  1 
ATOM   1315 N N   . GLY B 1 77 ? -1.973  20.258  3.729   1.00 19.43 ? 76  GLY B N   1 
ATOM   1316 C CA  . GLY B 1 77 ? -1.865  18.872  3.281   1.00 16.94 ? 76  GLY B CA  1 
ATOM   1317 C C   . GLY B 1 77 ? -1.099  17.900  4.185   1.00 17.38 ? 76  GLY B C   1 
ATOM   1318 O O   . GLY B 1 77 ? -1.179  16.691  3.984   1.00 14.96 ? 76  GLY B O   1 
ATOM   1319 N N   . PHE B 1 78 ? -0.449  18.365  5.253   1.00 18.63 ? 77  PHE B N   1 
ATOM   1320 C CA  . PHE B 1 78 ? 0.407   17.489  6.046   1.00 20.26 ? 77  PHE B CA  1 
ATOM   1321 C C   . PHE B 1 78 ? -0.425  16.483  6.842   1.00 18.03 ? 77  PHE B C   1 
ATOM   1322 O O   . PHE B 1 78 ? -0.126  15.285  6.903   1.00 15.06 ? 77  PHE B O   1 
ATOM   1323 C CB  . PHE B 1 78 ? 1.299   18.333  6.934   1.00 20.94 ? 77  PHE B CB  1 
ATOM   1324 C CG  . PHE B 1 78 ? 2.328   17.477  7.642   1.00 19.55 ? 77  PHE B CG  1 
ATOM   1325 C CD1 . PHE B 1 78 ? 2.057   16.929  8.889   1.00 17.12 ? 77  PHE B CD1 1 
ATOM   1326 C CD2 . PHE B 1 78 ? 3.604   17.279  7.093   1.00 20.68 ? 77  PHE B CD2 1 
ATOM   1327 C CE1 . PHE B 1 78 ? 3.026   16.247  9.602   1.00 17.98 ? 77  PHE B CE1 1 
ATOM   1328 C CE2 . PHE B 1 78 ? 4.529   16.465  7.732   1.00 21.87 ? 77  PHE B CE2 1 
ATOM   1329 C CZ  . PHE B 1 78 ? 4.269   16.001  8.991   1.00 19.00 ? 77  PHE B CZ  1 
ATOM   1330 N N   . ASN B 1 79 ? -1.464  16.977  7.515   1.00 16.45 ? 78  ASN B N   1 
ATOM   1331 C CA  . ASN B 1 79 ? -2.291  16.108  8.332   1.00 18.27 ? 78  ASN B CA  1 
ATOM   1332 C C   . ASN B 1 79 ? -3.007  15.079  7.455   1.00 15.12 ? 78  ASN B C   1 
ATOM   1333 O O   . ASN B 1 79 ? -3.183  13.932  7.859   1.00 19.15 ? 78  ASN B O   1 
ATOM   1334 C CB  . ASN B 1 79 ? -3.075  16.980  9.310   1.00 22.06 ? 78  ASN B CB  1 
ATOM   1335 C CG  . ASN B 1 79 ? -2.147  17.577  10.357  1.00 21.22 ? 78  ASN B CG  1 
ATOM   1336 O OD1 . ASN B 1 79 ? -0.950  17.288  10.450  1.00 24.74 ? 78  ASN B OD1 1 
ATOM   1337 N ND2 . ASN B 1 79 ? -2.638  18.507  11.158  1.00 22.41 ? 78  ASN B ND2 1 
ATOM   1338 N N   . GLU B 1 80 ? -3.583  15.510  6.345   1.00 15.99 ? 79  GLU B N   1 
ATOM   1339 C CA  . GLU B 1 80 ? -4.158  14.626  5.341   1.00 16.85 ? 79  GLU B CA  1 
ATOM   1340 C C   . GLU B 1 80 ? -3.132  13.551  4.924   1.00 13.87 ? 79  GLU B C   1 
ATOM   1341 O O   . GLU B 1 80 ? -3.460  12.362  4.837   1.00 15.99 ? 79  GLU B O   1 
ATOM   1342 C CB  . GLU B 1 80 ? -4.668  15.410  4.145   1.00 21.75 ? 79  GLU B CB  1 
ATOM   1343 C CG  . GLU B 1 80 ? -5.209  14.511  3.033   1.00 23.65 ? 79  GLU B CG  1 
ATOM   1344 C CD  . GLU B 1 80 ? -6.388  13.624  3.425   1.00 28.43 ? 79  GLU B CD  1 
ATOM   1345 O OE1 . GLU B 1 80 ? -6.597  12.615  2.726   1.00 26.55 ? 79  GLU B OE1 1 
ATOM   1346 O OE2 . GLU B 1 80 ? -7.085  13.923  4.408   1.00 25.19 ? 79  GLU B OE2 1 
ATOM   1347 N N   . GLY B 1 81 ? -1.904  14.013  4.655   1.00 16.45 ? 80  GLY B N   1 
ATOM   1348 C CA  . GLY B 1 81 ? -0.908  13.041  4.220   1.00 15.63 ? 80  GLY B CA  1 
ATOM   1349 C C   . GLY B 1 81 ? -0.543  12.060  5.354   1.00 16.36 ? 80  GLY B C   1 
ATOM   1350 O O   . GLY B 1 81 ? -0.394  10.854  5.037   1.00 15.98 ? 80  GLY B O   1 
ATOM   1351 N N   . LEU B 1 82 ? -0.509  12.486  6.662   1.00 19.68 ? 81  LEU B N   1 
ATOM   1352 C CA  . LEU B 1 82 ? -0.345  11.579  7.810   1.00 16.83 ? 81  LEU B CA  1 
ATOM   1353 C C   . LEU B 1 82 ? -1.488  10.537  7.811   1.00 16.02 ? 81  LEU B C   1 
ATOM   1354 O O   . LEU B 1 82 ? -1.299  9.332   8.126   1.00 17.04 ? 81  LEU B O   1 
ATOM   1355 C CB  . LEU B 1 82 ? -0.295  12.329  9.146   1.00 17.53 ? 81  LEU B CB  1 
ATOM   1356 C CG  . LEU B 1 82 ? 0.965   13.124  9.480   1.00 20.68 ? 81  LEU B CG  1 
ATOM   1357 C CD1 . LEU B 1 82 ? 0.853   13.690  10.905  1.00 20.41 ? 81  LEU B CD1 1 
ATOM   1358 C CD2 . LEU B 1 82 ? 2.259   12.352  9.385   1.00 18.59 ? 81  LEU B CD2 1 
ATOM   1359 N N   . TRP B 1 83 ? -2.726  10.996  7.537   1.00 14.03 ? 82  TRP B N   1 
ATOM   1360 C CA  . TRP B 1 83 ? -3.891  10.116  7.460   1.00 15.01 ? 82  TRP B CA  1 
ATOM   1361 C C   . TRP B 1 83 ? -3.726  9.105   6.306   1.00 12.92 ? 82  TRP B C   1 
ATOM   1362 O O   . TRP B 1 83 ? -3.891  7.894   6.501   1.00 15.15 ? 82  TRP B O   1 
ATOM   1363 C CB  . TRP B 1 83 ? -5.227  10.891  7.345   1.00 17.90 ? 82  TRP B CB  1 
ATOM   1364 C CG  . TRP B 1 83 ? -6.415  9.946   7.363   1.00 18.01 ? 82  TRP B CG  1 
ATOM   1365 C CD1 . TRP B 1 83 ? -7.259  9.734   8.426   1.00 15.84 ? 82  TRP B CD1 1 
ATOM   1366 C CD2 . TRP B 1 83 ? -6.921  9.116   6.303   1.00 15.92 ? 82  TRP B CD2 1 
ATOM   1367 N NE1 . TRP B 1 83 ? -8.187  8.774   8.142   1.00 16.70 ? 82  TRP B NE1 1 
ATOM   1368 C CE2 . TRP B 1 83 ? -8.054  8.400   6.821   1.00 14.29 ? 82  TRP B CE2 1 
ATOM   1369 C CE3 . TRP B 1 83 ? -6.554  8.923   4.963   1.00 16.20 ? 82  TRP B CE3 1 
ATOM   1370 C CZ2 . TRP B 1 83 ? -8.777  7.507   6.041   1.00 14.93 ? 82  TRP B CZ2 1 
ATOM   1371 C CZ3 . TRP B 1 83 ? -7.337  8.098   4.181   1.00 17.37 ? 82  TRP B CZ3 1 
ATOM   1372 C CH2 . TRP B 1 83 ? -8.367  7.323   4.738   1.00 16.21 ? 82  TRP B CH2 1 
ATOM   1373 N N   . GLU B 1 84 ? -3.319  9.575   5.116   1.00 14.56 ? 83  GLU B N   1 
ATOM   1374 C CA  . GLU B 1 84 ? -3.130  8.704   3.957   1.00 12.53 ? 83  GLU B CA  1 
ATOM   1375 C C   . GLU B 1 84 ? -2.092  7.607   4.189   1.00 13.08 ? 83  GLU B C   1 
ATOM   1376 O O   . GLU B 1 84 ? -2.398  6.420   3.883   1.00 15.40 ? 83  GLU B O   1 
ATOM   1377 C CB  . GLU B 1 84 ? -2.862  9.534   2.704   1.00 13.77 ? 83  GLU B CB  1 
ATOM   1378 C CG  . GLU B 1 84 ? -3.971  10.527  2.373   1.00 13.57 ? 83  GLU B CG  1 
ATOM   1379 C CD  . GLU B 1 84 ? -3.716  11.419  1.176   1.00 16.98 ? 83  GLU B CD  1 
ATOM   1380 O OE1 . GLU B 1 84 ? -2.589  11.304  0.607   1.00 17.87 ? 83  GLU B OE1 1 
ATOM   1381 O OE2 . GLU B 1 84 ? -4.621  12.200  0.745   1.00 16.13 ? 83  GLU B OE2 1 
ATOM   1382 N N   . ILE B 1 85 ? -0.950  7.973   4.809   1.00 11.90 ? 84  ILE B N   1 
ATOM   1383 C CA  . ILE B 1 85 ? 0.166   7.042   4.879   1.00 11.76 ? 84  ILE B CA  1 
ATOM   1384 C C   . ILE B 1 85 ? -0.214  5.952   5.879   1.00 13.13 ? 84  ILE B C   1 
ATOM   1385 O O   . ILE B 1 85 ? 0.177   4.788   5.700   1.00 16.90 ? 84  ILE B O   1 
ATOM   1386 C CB  . ILE B 1 85 ? 1.532   7.691   5.165   1.00 11.97 ? 84  ILE B CB  1 
ATOM   1387 C CG1 . ILE B 1 85 ? 2.668   6.725   4.680   1.00 11.96 ? 84  ILE B CG1 1 
ATOM   1388 C CG2 . ILE B 1 85 ? 1.628   8.096   6.630   1.00 10.77 ? 84  ILE B CG2 1 
ATOM   1389 C CD1 . ILE B 1 85 ? 4.072   7.228   4.732   1.00 11.42 ? 84  ILE B CD1 1 
ATOM   1390 N N   . GLN B 1 86 ? -1.145  6.273   6.811   1.00 14.37 ? 85  GLN B N   1 
ATOM   1391 C CA  . GLN B 1 86 ? -1.542  5.320   7.804   1.00 17.87 ? 85  GLN B CA  1 
ATOM   1392 C C   . GLN B 1 86 ? -2.687  4.456   7.304   1.00 18.13 ? 85  GLN B C   1 
ATOM   1393 O O   . GLN B 1 86 ? -2.795  3.296   7.671   1.00 21.78 ? 85  GLN B O   1 
ATOM   1394 C CB  . GLN B 1 86 ? -1.918  5.992   9.134   1.00 16.31 ? 85  GLN B CB  1 
ATOM   1395 C CG  . GLN B 1 86 ? -2.401  4.979   10.169  1.00 22.84 ? 85  GLN B CG  1 
ATOM   1396 C CD  . GLN B 1 86 ? -2.600  5.615   11.529  1.00 26.61 ? 85  GLN B CD  1 
ATOM   1397 O OE1 . GLN B 1 86 ? -3.708  5.598   12.075  1.00 34.04 ? 85  GLN B OE1 1 
ATOM   1398 N NE2 . GLN B 1 86 ? -1.524  6.147   12.090  1.00 32.02 ? 85  GLN B NE2 1 
ATOM   1399 N N   . ASN B 1 87 ? -3.572  5.017   6.486   1.00 16.08 ? 86  ASN B N   1 
ATOM   1400 C CA  . ASN B 1 87 ? -4.875  4.414   6.203   1.00 17.43 ? 86  ASN B CA  1 
ATOM   1401 C C   . ASN B 1 87 ? -5.003  3.838   4.795   1.00 17.69 ? 86  ASN B C   1 
ATOM   1402 O O   . ASN B 1 87 ? -5.800  2.913   4.599   1.00 22.60 ? 86  ASN B O   1 
ATOM   1403 C CB  . ASN B 1 87 ? -6.002  5.403   6.355   1.00 20.15 ? 86  ASN B CB  1 
ATOM   1404 C CG  . ASN B 1 87 ? -6.399  5.561   7.800   1.00 21.66 ? 86  ASN B CG  1 
ATOM   1405 O OD1 . ASN B 1 87 ? -7.085  4.713   8.391   1.00 22.29 ? 86  ASN B OD1 1 
ATOM   1406 N ND2 . ASN B 1 87 ? -5.954  6.648   8.387   1.00 20.85 ? 86  ASN B ND2 1 
ATOM   1407 N N   . ASN B 1 88 ? -4.232  4.374   3.825   1.00 14.05 ? 87  ASN B N   1 
ATOM   1408 C CA  . ASN B 1 88 ? -4.332  3.878   2.461   1.00 18.44 ? 87  ASN B CA  1 
ATOM   1409 C C   . ASN B 1 88 ? -3.115  4.353   1.675   1.00 16.84 ? 87  ASN B C   1 
ATOM   1410 O O   . ASN B 1 88 ? -3.221  5.089   0.662   1.00 18.23 ? 87  ASN B O   1 
ATOM   1411 C CB  . ASN B 1 88 ? -5.664  4.219   1.809   1.00 20.41 ? 87  ASN B CB  1 
ATOM   1412 C CG  . ASN B 1 88 ? -5.995  3.332   0.634   1.00 21.14 ? 87  ASN B CG  1 
ATOM   1413 O OD1 . ASN B 1 88 ? -5.154  2.602   0.097   1.00 21.29 ? 87  ASN B OD1 1 
ATOM   1414 N ND2 . ASN B 1 88 ? -7.270  3.276   0.260   1.00 22.06 ? 87  ASN B ND2 1 
ATOM   1415 N N   . PRO B 1 89 ? -1.925  3.928   2.165   1.00 14.52 ? 88  PRO B N   1 
ATOM   1416 C CA  . PRO B 1 89 ? -0.671  4.332   1.539   1.00 12.07 ? 88  PRO B CA  1 
ATOM   1417 C C   . PRO B 1 89 ? -0.482  3.908   0.092   1.00 15.04 ? 88  PRO B C   1 
ATOM   1418 O O   . PRO B 1 89 ? 0.377   4.598   -0.561  1.00 15.04 ? 88  PRO B O   1 
ATOM   1419 C CB  . PRO B 1 89 ? 0.382   3.653   2.462   1.00 13.76 ? 88  PRO B CB  1 
ATOM   1420 C CG  . PRO B 1 89 ? -0.302  2.432   2.906   1.00 14.60 ? 88  PRO B CG  1 
ATOM   1421 C CD  . PRO B 1 89 ? -1.695  2.996   3.281   1.00 14.23 ? 88  PRO B CD  1 
ATOM   1422 N N   . HIS B 1 90 ? -1.190  2.855   -0.340  1.00 14.32 ? 89  HIS B N   1 
ATOM   1423 C CA  . HIS B 1 90 ? -0.948  2.342   -1.659  1.00 12.72 ? 89  HIS B CA  1 
ATOM   1424 C C   . HIS B 1 90 ? -2.099  2.611   -2.643  1.00 11.55 ? 89  HIS B C   1 
ATOM   1425 O O   . HIS B 1 90 ? -2.082  2.087   -3.731  1.00 15.82 ? 89  HIS B O   1 
ATOM   1426 C CB  . HIS B 1 90 ? -0.617  0.842   -1.584  1.00 12.53 ? 89  HIS B CB  1 
ATOM   1427 C CG  . HIS B 1 90 ? 0.543   0.440   -0.754  1.00 14.05 ? 89  HIS B CG  1 
ATOM   1428 N ND1 . HIS B 1 90 ? 1.846   0.855   -1.021  1.00 14.98 ? 89  HIS B ND1 1 
ATOM   1429 C CD2 . HIS B 1 90 ? 0.549   -0.294  0.366   1.00 15.22 ? 89  HIS B CD2 1 
ATOM   1430 C CE1 . HIS B 1 90 ? 2.580   0.420   0.009   1.00 16.16 ? 89  HIS B CE1 1 
ATOM   1431 N NE2 . HIS B 1 90 ? 1.817   -0.236  0.849   1.00 15.57 ? 89  HIS B NE2 1 
ATOM   1432 N N   . ALA B 1 91 ? -3.073  3.436   -2.247  1.00 12.35 ? 90  ALA B N   1 
ATOM   1433 C CA  . ALA B 1 91 ? -4.115  3.963   -3.119  1.00 16.47 ? 90  ALA B CA  1 
ATOM   1434 C C   . ALA B 1 91 ? -3.510  4.742   -4.288  1.00 17.73 ? 90  ALA B C   1 
ATOM   1435 O O   . ALA B 1 91 ? -2.394  5.314   -4.177  1.00 15.52 ? 90  ALA B O   1 
ATOM   1436 C CB  . ALA B 1 91 ? -5.000  4.824   -2.271  1.00 16.47 ? 90  ALA B CB  1 
ATOM   1437 N N   . SER B 1 92 ? -4.321  4.847   -5.371  1.00 20.53 ? 91  SER B N   1 
ATOM   1438 C CA  . SER B 1 92 ? -3.918  5.470   -6.624  1.00 25.32 ? 91  SER B CA  1 
ATOM   1439 C C   . SER B 1 92 ? -3.768  7.004   -6.570  1.00 34.38 ? 91  SER B C   1 
ATOM   1440 O O   . SER B 1 92 ? -2.883  7.541   -7.238  1.00 45.34 ? 91  SER B O   1 
ATOM   1441 C CB  . SER B 1 92 ? -4.866  5.095   -7.719  1.00 27.97 ? 91  SER B CB  1 
ATOM   1442 O OG  . SER B 1 92 ? -5.805  6.144   -7.864  1.00 35.15 ? 91  SER B OG  1 
ATOM   1443 N N   . TYR B 1 93 ? -4.618  7.704   -5.805  1.00 36.97 ? 92  TYR B N   1 
ATOM   1444 C CA  . TYR B 1 93 ? -4.610  9.161   -5.579  1.00 33.51 ? 92  TYR B CA  1 
ATOM   1445 C C   . TYR B 1 93 ? -4.743  9.929   -6.918  1.00 32.06 ? 92  TYR B C   1 
ATOM   1446 O O   . TYR B 1 93 ? -5.336  11.051  -6.793  1.00 33.14 ? 92  TYR B O   1 
ATOM   1447 C CB  . TYR B 1 93 ? -3.485  9.702   -4.665  1.00 29.31 ? 92  TYR B CB  1 
ATOM   1448 C CG  . TYR B 1 93 ? -3.698  9.195   -3.234  1.00 29.59 ? 92  TYR B CG  1 
ATOM   1449 C CD1 . TYR B 1 93 ? -4.742  9.678   -2.444  1.00 32.40 ? 92  TYR B CD1 1 
ATOM   1450 C CD2 . TYR B 1 93 ? -2.932  8.159   -2.705  1.00 27.63 ? 92  TYR B CD2 1 
ATOM   1451 C CE1 . TYR B 1 93 ? -4.979  9.190   -1.166  1.00 33.30 ? 92  TYR B CE1 1 
ATOM   1452 C CE2 . TYR B 1 93 ? -3.177  7.650   -1.441  1.00 33.90 ? 92  TYR B CE2 1 
ATOM   1453 C CZ  . TYR B 1 93 ? -4.192  8.168   -0.659  1.00 34.80 ? 92  TYR B CZ  1 
ATOM   1454 O OH  . TYR B 1 93 ? -4.474  7.666   0.592   1.00 34.54 ? 92  TYR B OH  1 
HETATM 1455 C C1  . MPD C 2 .  ? -3.196  -16.270 5.207   1.00 24.01 ? 101 MPD A C1  1 
HETATM 1456 C C2  . MPD C 2 .  ? -2.115  -17.250 4.767   1.00 23.25 ? 101 MPD A C2  1 
HETATM 1457 O O2  . MPD C 2 .  ? -2.781  -18.514 4.788   1.00 25.09 ? 101 MPD A O2  1 
HETATM 1458 C CM  . MPD C 2 .  ? -0.915  -17.274 5.721   1.00 25.06 ? 101 MPD A CM  1 
HETATM 1459 C C3  . MPD C 2 .  ? -1.636  -16.872 3.356   1.00 24.58 ? 101 MPD A C3  1 
HETATM 1460 C C4  . MPD C 2 .  ? -2.170  -17.594 2.144   1.00 23.62 ? 101 MPD A C4  1 
HETATM 1461 O O4  . MPD C 2 .  ? -3.434  -18.221 2.317   1.00 27.59 ? 101 MPD A O4  1 
HETATM 1462 C C5  . MPD C 2 .  ? -1.890  -17.003 0.786   1.00 22.56 ? 101 MPD A C5  1 
HETATM 1463 C C1  . MPD D 2 .  ? 7.151   18.277  -3.467  1.00 24.35 ? 101 MPD B C1  1 
HETATM 1464 C C2  . MPD D 2 .  ? 6.575   19.671  -3.291  1.00 20.99 ? 101 MPD B C2  1 
HETATM 1465 O O2  . MPD D 2 .  ? 5.342   19.693  -4.012  1.00 23.15 ? 101 MPD B O2  1 
HETATM 1466 C CM  . MPD D 2 .  ? 7.410   20.775  -3.945  1.00 26.02 ? 101 MPD B CM  1 
HETATM 1467 C C3  . MPD D 2 .  ? 6.333   19.999  -1.812  1.00 21.87 ? 101 MPD B C3  1 
HETATM 1468 C C4  . MPD D 2 .  ? 5.235   19.238  -1.070  1.00 27.28 ? 101 MPD B C4  1 
HETATM 1469 O O4  . MPD D 2 .  ? 4.256   18.631  -1.901  1.00 26.54 ? 101 MPD B O4  1 
HETATM 1470 C C5  . MPD D 2 .  ? 5.636   18.357  0.081   1.00 27.54 ? 101 MPD B C5  1 
HETATM 1471 O O   . HOH E 3 .  ? -14.321 -5.841  8.154   1.00 37.62 ? 201 HOH A O   1 
HETATM 1472 O O   . HOH E 3 .  ? 1.863   -11.188 -7.113  1.00 18.50 ? 202 HOH A O   1 
HETATM 1473 O O   . HOH E 3 .  ? -12.306 -2.920  -4.443  1.00 28.03 ? 203 HOH A O   1 
HETATM 1474 O O   . HOH E 3 .  ? 8.285   -2.455  -5.994  1.00 30.39 ? 204 HOH A O   1 
HETATM 1475 O O   . HOH E 3 .  ? -5.151  -17.299 9.205   1.00 19.00 ? 205 HOH A O   1 
HETATM 1476 O O   . HOH E 3 .  ? -9.392  -2.541  -7.377  1.00 20.41 ? 206 HOH A O   1 
HETATM 1477 O O   . HOH E 3 .  ? 0.900   -12.277 0.615   1.00 19.77 ? 207 HOH A O   1 
HETATM 1478 O O   . HOH E 3 .  ? -11.720 -17.491 5.122   1.00 15.47 ? 208 HOH A O   1 
HETATM 1479 O O   . HOH E 3 .  ? -9.389  -9.392  19.083  1.00 25.21 ? 209 HOH A O   1 
HETATM 1480 O O   . HOH E 3 .  ? 3.807   -4.098  2.234   1.00 27.85 ? 210 HOH A O   1 
HETATM 1481 O O   . HOH E 3 .  ? -16.208 -2.399  -0.855  1.00 18.19 ? 211 HOH A O   1 
HETATM 1482 O O   . HOH E 3 .  ? -17.417 -9.365  -1.133  1.00 19.62 ? 212 HOH A O   1 
HETATM 1483 O O   . HOH E 3 .  ? -0.082  -5.773  8.317   1.00 18.72 ? 213 HOH A O   1 
HETATM 1484 O O   . HOH E 3 .  ? 4.939   -4.833  -0.333  1.00 19.76 ? 214 HOH A O   1 
HETATM 1485 O O   . HOH E 3 .  ? -13.869 -11.852 8.245   1.00 18.11 ? 215 HOH A O   1 
HETATM 1486 O O   . HOH E 3 .  ? -12.604 -7.936  -10.205 1.00 19.68 ? 216 HOH A O   1 
HETATM 1487 O O   . HOH E 3 .  ? -13.252 -8.427  -12.757 1.00 18.49 ? 217 HOH A O   1 
HETATM 1488 O O   . HOH E 3 .  ? -0.850  -21.215 -8.629  1.00 22.61 ? 218 HOH A O   1 
HETATM 1489 O O   . HOH E 3 .  ? -12.238 -12.306 12.241  1.00 14.38 ? 219 HOH A O   1 
HETATM 1490 O O   . HOH E 3 .  ? -3.867  -12.960 11.221  1.00 18.58 ? 220 HOH A O   1 
HETATM 1491 O O   . HOH E 3 .  ? -19.022 -2.395  2.415   1.00 30.64 ? 221 HOH A O   1 
HETATM 1492 O O   . HOH E 3 .  ? -4.644  -22.491 -7.989  1.00 19.21 ? 222 HOH A O   1 
HETATM 1493 O O   . HOH E 3 .  ? -16.153 -9.035  1.323   1.00 18.42 ? 223 HOH A O   1 
HETATM 1494 O O   . HOH E 3 .  ? -2.918  -2.156  -12.993 1.00 22.00 ? 224 HOH A O   1 
HETATM 1495 O O   . HOH E 3 .  ? -15.624 -4.604  -5.067  1.00 17.64 ? 225 HOH A O   1 
HETATM 1496 O O   . HOH E 3 .  ? -19.898 -11.064 -0.598  1.00 22.86 ? 226 HOH A O   1 
HETATM 1497 O O   . HOH E 3 .  ? -14.415 -12.752 10.548  1.00 22.47 ? 227 HOH A O   1 
HETATM 1498 O O   . HOH E 3 .  ? -11.398 -4.053  10.641  1.00 27.48 ? 228 HOH A O   1 
HETATM 1499 O O   . HOH E 3 .  ? 0.391   -2.131  -11.536 1.00 27.08 ? 229 HOH A O   1 
HETATM 1500 O O   . HOH E 3 .  ? -12.281 -15.982 14.672  1.00 17.84 ? 230 HOH A O   1 
HETATM 1501 O O   . HOH E 3 .  ? 8.910   -11.338 1.838   1.00 43.21 ? 231 HOH A O   1 
HETATM 1502 O O   . HOH E 3 .  ? -0.363  -0.876  8.527   1.00 17.20 ? 232 HOH A O   1 
HETATM 1503 O O   . HOH E 3 .  ? -10.581 -27.043 -8.263  1.00 33.85 ? 233 HOH A O   1 
HETATM 1504 O O   . HOH E 3 .  ? -13.186 9.236   -0.634  1.00 28.97 ? 234 HOH A O   1 
HETATM 1505 O O   . HOH E 3 .  ? -14.366 -17.617 14.725  1.00 26.61 ? 235 HOH A O   1 
HETATM 1506 O O   . HOH E 3 .  ? -11.871 -3.221  -8.383  1.00 26.46 ? 236 HOH A O   1 
HETATM 1507 O O   . HOH E 3 .  ? -14.421 -15.550 10.870  1.00 19.73 ? 237 HOH A O   1 
HETATM 1508 O O   . HOH E 3 .  ? -11.728 -5.281  -10.200 1.00 19.82 ? 238 HOH A O   1 
HETATM 1509 O O   . HOH E 3 .  ? 10.453  -9.635  -4.717  1.00 36.19 ? 239 HOH A O   1 
HETATM 1510 O O   . HOH F 3 .  ? 5.563   19.827  -6.776  1.00 19.12 ? 201 HOH B O   1 
HETATM 1511 O O   . HOH F 3 .  ? -1.563  20.003  7.749   1.00 20.72 ? 202 HOH B O   1 
HETATM 1512 O O   . HOH F 3 .  ? 9.739   17.632  3.263   1.00 17.78 ? 203 HOH B O   1 
HETATM 1513 O O   . HOH F 3 .  ? 8.916   10.834  -13.400 1.00 20.98 ? 204 HOH B O   1 
HETATM 1514 O O   . HOH F 3 .  ? 1.962   13.294  -7.923  1.00 20.25 ? 205 HOH B O   1 
HETATM 1515 O O   . HOH F 3 .  ? -1.759  20.774  13.153  1.00 31.68 ? 206 HOH B O   1 
HETATM 1516 O O   . HOH F 3 .  ? 1.142   2.551   6.590   1.00 25.43 ? 207 HOH B O   1 
HETATM 1517 O O   . HOH F 3 .  ? 18.034  -1.854  6.827   1.00 36.56 ? 208 HOH B O   1 
HETATM 1518 O O   . HOH F 3 .  ? 17.690  14.402  -2.406  1.00 27.48 ? 209 HOH B O   1 
HETATM 1519 O O   . HOH F 3 .  ? 11.227  7.546   15.130  1.00 37.25 ? 210 HOH B O   1 
HETATM 1520 O O   . HOH F 3 .  ? 7.386   18.421  -8.395  1.00 21.34 ? 211 HOH B O   1 
HETATM 1521 O O   . HOH F 3 .  ? -3.695  20.828  5.656   1.00 30.53 ? 212 HOH B O   1 
HETATM 1522 O O   . HOH F 3 .  ? 0.129   1.421   -5.095  1.00 22.46 ? 213 HOH B O   1 
HETATM 1523 O O   . HOH F 3 .  ? 2.288   1.888   -3.467  1.00 18.17 ? 214 HOH B O   1 
HETATM 1524 O O   . HOH F 3 .  ? -3.070  1.144   1.017   1.00 17.63 ? 215 HOH B O   1 
HETATM 1525 O O   . HOH F 3 .  ? 17.985  6.562   3.556   1.00 16.27 ? 216 HOH B O   1 
HETATM 1526 O O   . HOH F 3 .  ? -10.231 8.450   9.909   1.00 24.29 ? 217 HOH B O   1 
HETATM 1527 O O   . HOH F 3 .  ? 5.579   0.489   6.902   1.00 24.26 ? 218 HOH B O   1 
HETATM 1528 O O   . HOH F 3 .  ? 15.349  12.843  -16.978 1.00 26.25 ? 219 HOH B O   1 
HETATM 1529 O O   . HOH F 3 .  ? 18.212  2.703   -2.270  1.00 21.74 ? 220 HOH B O   1 
HETATM 1530 O O   . HOH F 3 .  ? 14.025  23.682  5.546   1.00 27.18 ? 221 HOH B O   1 
HETATM 1531 O O   . HOH F 3 .  ? 1.856   22.293  1.257   1.00 22.51 ? 222 HOH B O   1 
HETATM 1532 O O   . HOH F 3 .  ? 3.448   16.476  -8.828  1.00 18.89 ? 223 HOH B O   1 
HETATM 1533 O O   . HOH F 3 .  ? 11.593  4.343   -7.868  1.00 20.65 ? 224 HOH B O   1 
HETATM 1534 O O   . HOH F 3 .  ? 16.956  15.577  7.260   1.00 19.36 ? 225 HOH B O   1 
HETATM 1535 O O   . HOH F 3 .  ? 7.400   16.260  10.287  1.00 18.66 ? 226 HOH B O   1 
HETATM 1536 O O   . HOH F 3 .  ? 6.353   8.638   -10.671 1.00 23.26 ? 227 HOH B O   1 
HETATM 1537 O O   . HOH F 3 .  ? 10.221  1.514   9.140   1.00 17.03 ? 228 HOH B O   1 
HETATM 1538 O O   . HOH F 3 .  ? 6.780   8.960   -13.277 1.00 23.92 ? 229 HOH B O   1 
HETATM 1539 O O   . HOH F 3 .  ? -4.004  18.357  5.828   1.00 24.20 ? 230 HOH B O   1 
HETATM 1540 O O   . HOH F 3 .  ? 4.557   -0.888  1.658   1.00 18.96 ? 231 HOH B O   1 
HETATM 1541 O O   . HOH F 3 .  ? 3.974   3.441   -5.085  1.00 19.84 ? 232 HOH B O   1 
HETATM 1542 O O   . HOH F 3 .  ? 7.618   0.544   3.405   1.00 18.67 ? 233 HOH B O   1 
HETATM 1543 O O   . HOH F 3 .  ? 3.753   3.884   -8.024  1.00 25.33 ? 234 HOH B O   1 
HETATM 1544 O O   . HOH F 3 .  ? 21.053  11.243  -1.583  1.00 28.34 ? 235 HOH B O   1 
HETATM 1545 O O   . HOH F 3 .  ? 12.016  17.160  -8.635  1.00 22.97 ? 236 HOH B O   1 
HETATM 1546 O O   . HOH F 3 .  ? 7.916   1.927   6.673   1.00 18.55 ? 237 HOH B O   1 
HETATM 1547 O O   . HOH F 3 .  ? 14.848  8.446   11.809  1.00 24.52 ? 238 HOH B O   1 
HETATM 1548 O O   . HOH F 3 .  ? -7.050  3.357   -4.695  1.00 21.89 ? 239 HOH B O   1 
HETATM 1549 O O   . HOH F 3 .  ? 2.903   21.480  -1.359  1.00 23.85 ? 240 HOH B O   1 
HETATM 1550 O O   . HOH F 3 .  ? 4.566   0.735   -5.974  1.00 20.98 ? 241 HOH B O   1 
HETATM 1551 O O   . HOH F 3 .  ? -7.414  9.906   11.727  1.00 20.58 ? 242 HOH B O   1 
HETATM 1552 O O   . HOH F 3 .  ? 17.618  16.378  -3.822  1.00 40.42 ? 243 HOH B O   1 
HETATM 1553 O O   . HOH F 3 .  ? 0.209   10.832  -8.476  1.00 27.23 ? 244 HOH B O   1 
# 
